data_7LNF
# 
_entry.id   7LNF 
# 
_audit_conform.dict_name       mmcif_pdbx.dic 
_audit_conform.dict_version    5.380 
_audit_conform.dict_location   http://mmcif.pdb.org/dictionaries/ascii/mmcif_pdbx.dic 
# 
loop_
_database_2.database_id 
_database_2.database_code 
_database_2.pdbx_database_accession 
_database_2.pdbx_DOI 
PDB   7LNF         pdb_00007lnf 10.2210/pdb7lnf/pdb 
WWPDB D_1000254668 ?            ?                   
# 
_pdbx_database_status.status_code                     REL 
_pdbx_database_status.status_code_sf                  REL 
_pdbx_database_status.status_code_mr                  ? 
_pdbx_database_status.entry_id                        7LNF 
_pdbx_database_status.recvd_initial_deposition_date   2021-02-07 
_pdbx_database_status.SG_entry                        N 
_pdbx_database_status.deposit_site                    RCSB 
_pdbx_database_status.process_site                    RCSB 
_pdbx_database_status.status_code_cs                  ? 
_pdbx_database_status.status_code_nmr_data            ? 
_pdbx_database_status.methods_development_category    ? 
_pdbx_database_status.pdb_format_compatible           Y 
# 
loop_
_audit_author.name 
_audit_author.pdbx_ordinal 
_audit_author.identifier_ORCID 
'Fang, Z.'      1 0000-0001-8679-6633 
'Giurgiu, C.'   2 0000-0003-0145-0110 
'Szostak, J.W.' 3 0000-0003-4131-1203 
# 
_citation.abstract                  ? 
_citation.abstract_id_CAS           ? 
_citation.book_id_ISBN              ? 
_citation.book_publisher            ? 
_citation.book_publisher_city       ? 
_citation.book_title                ? 
_citation.coordinate_linkage        ? 
_citation.country                   GE 
_citation.database_id_Medline       ? 
_citation.details                   ? 
_citation.id                        primary 
_citation.journal_abbrev            Angew.Chem.Int.Ed.Engl. 
_citation.journal_id_ASTM           ACIEAY 
_citation.journal_id_CSD            0179 
_citation.journal_id_ISSN           1521-3773 
_citation.journal_full              ? 
_citation.journal_issue             ? 
_citation.journal_volume            60 
_citation.language                  ? 
_citation.page_first                22925 
_citation.page_last                 22932 
_citation.title                     'Structure-Activity Relationships in Nonenzymatic Template-Directed RNA Synthesis.' 
_citation.year                      2021 
_citation.database_id_CSD           ? 
_citation.pdbx_database_id_DOI      10.1002/anie.202109714 
_citation.pdbx_database_id_PubMed   34428345 
_citation.unpublished_flag          ? 
# 
loop_
_citation_author.citation_id 
_citation_author.name 
_citation_author.ordinal 
_citation_author.identifier_ORCID 
primary 'Giurgiu, C.'    1 0000-0003-0145-0110 
primary 'Fang, Z.'       2 ?                   
primary 'Aitken, H.R.M.' 3 ?                   
primary 'Kim, S.C.'      4 ?                   
primary 'Pazienza, L.'   5 ?                   
primary 'Mittal, S.'     6 ?                   
primary 'Szostak, J.W.'  7 0000-0003-4131-1203 
# 
_cell.angle_alpha                  90.000 
_cell.angle_alpha_esd              ? 
_cell.angle_beta                   90.000 
_cell.angle_beta_esd               ? 
_cell.angle_gamma                  120.000 
_cell.angle_gamma_esd              ? 
_cell.entry_id                     7LNF 
_cell.details                      ? 
_cell.formula_units_Z              ? 
_cell.length_a                     46.822 
_cell.length_a_esd                 ? 
_cell.length_b                     46.822 
_cell.length_b_esd                 ? 
_cell.length_c                     83.199 
_cell.length_c_esd                 ? 
_cell.volume                       ? 
_cell.volume_esd                   ? 
_cell.Z_PDB                        12 
_cell.reciprocal_angle_alpha       ? 
_cell.reciprocal_angle_beta        ? 
_cell.reciprocal_angle_gamma       ? 
_cell.reciprocal_angle_alpha_esd   ? 
_cell.reciprocal_angle_beta_esd    ? 
_cell.reciprocal_angle_gamma_esd   ? 
_cell.reciprocal_length_a          ? 
_cell.reciprocal_length_b          ? 
_cell.reciprocal_length_c          ? 
_cell.reciprocal_length_a_esd      ? 
_cell.reciprocal_length_b_esd      ? 
_cell.reciprocal_length_c_esd      ? 
_cell.pdbx_unique_axis             ? 
# 
_symmetry.entry_id                         7LNF 
_symmetry.cell_setting                     ? 
_symmetry.Int_Tables_number                150 
_symmetry.space_group_name_Hall            ? 
_symmetry.space_group_name_H-M             'P 3 2 1' 
_symmetry.pdbx_full_space_group_name_H-M   ? 
# 
loop_
_entity.id 
_entity.type 
_entity.src_method 
_entity.pdbx_description 
_entity.formula_weight 
_entity.pdbx_number_of_molecules 
_entity.pdbx_ec 
_entity.pdbx_mutation 
_entity.pdbx_fragment 
_entity.details 
1 polymer     syn 
;RNA (5'-R(*(LCC)P*(LCC)P*(LCC)P*(LCG)P*AP*CP*UP*UP*AP*AP*GP*UP*CP*(GDO))-3')
;
4422.683 2   ? ? ? ? 
2 non-polymer syn '[(1R,3R,4R,7S)-7-HYDROXY-3-(5-METHYLCYTOSIN-1-YL)-2,5-DIOXABICYCLO[2.2.1]HEPT-1-YL]METHYL DIHYDROGEN PHOSPHATE' 
349.234  4   ? ? ? ? 
3 non-polymer syn '[(1R,3R,4R,7S)-7-HYDROXY-3-(GUANIN-9-YL)-2,5-DIOXABICYCLO[2.2.1]HEPT-1-YL]METHYL DIHYDROGEN PHOSPHATE' 375.231  
2   ? ? ? ? 
4 non-polymer syn 
;3'-deoxy-guanosine 5'-monophosphate
;
347.221  2   ? ? ? ? 
5 non-polymer syn 
'4-AMINO-1-[(1S,3R,4R,7S)-7-HYDROXY-1-(HYDROXYMETHYL)-2,5-DIOXABICYCLO[2.2.1]HEPT-3-YL]-5-METHYLPYRIMIDIN-2(1H)-ONE' 269.254  2   
? ? ? ? 
6 non-polymer syn "DIGUANOSINE-5'-TRIPHOSPHATE" 788.406  2   ? ? ? ? 
7 non-polymer syn 'MAGNESIUM ION' 24.305   8   ? ? ? ? 
8 non-polymer syn 'COBALT (II) ION' 58.933   2   ? ? ? ? 
9 water       nat water 18.015   123 ? ? ? ? 
# 
_entity_poly.entity_id                      1 
_entity_poly.type                           polyribonucleotide 
_entity_poly.nstd_linkage                   no 
_entity_poly.nstd_monomer                   no 
_entity_poly.pdbx_seq_one_letter_code       CCCGACUUAAGUCG 
_entity_poly.pdbx_seq_one_letter_code_can   CCCGACUUAAGUCG 
_entity_poly.pdbx_strand_id                 A,B 
_entity_poly.pdbx_target_identifier         ? 
# 
loop_
_entity_poly_seq.entity_id 
_entity_poly_seq.num 
_entity_poly_seq.mon_id 
_entity_poly_seq.hetero 
1 1  C n 
1 2  C n 
1 3  C n 
1 4  G n 
1 5  A n 
1 6  C n 
1 7  U n 
1 8  U n 
1 9  A n 
1 10 A n 
1 11 G n 
1 12 U n 
1 13 C n 
1 14 G n 
# 
_pdbx_entity_src_syn.entity_id              1 
_pdbx_entity_src_syn.pdbx_src_id            1 
_pdbx_entity_src_syn.pdbx_alt_source_flag   sample 
_pdbx_entity_src_syn.pdbx_beg_seq_num       ? 
_pdbx_entity_src_syn.pdbx_end_seq_num       ? 
_pdbx_entity_src_syn.organism_scientific    'synthetic construct' 
_pdbx_entity_src_syn.organism_common_name   ? 
_pdbx_entity_src_syn.ncbi_taxonomy_id       32630 
_pdbx_entity_src_syn.details                ? 
# 
_struct_ref.id                         1 
_struct_ref.db_name                    PDB 
_struct_ref.db_code                    7LNF 
_struct_ref.pdbx_db_accession          7LNF 
_struct_ref.pdbx_db_isoform            ? 
_struct_ref.entity_id                  1 
_struct_ref.pdbx_seq_one_letter_code   ? 
_struct_ref.pdbx_align_begin           1 
# 
loop_
_struct_ref_seq.align_id 
_struct_ref_seq.ref_id 
_struct_ref_seq.pdbx_PDB_id_code 
_struct_ref_seq.pdbx_strand_id 
_struct_ref_seq.seq_align_beg 
_struct_ref_seq.pdbx_seq_align_beg_ins_code 
_struct_ref_seq.seq_align_end 
_struct_ref_seq.pdbx_seq_align_end_ins_code 
_struct_ref_seq.pdbx_db_accession 
_struct_ref_seq.db_align_beg 
_struct_ref_seq.pdbx_db_align_beg_ins_code 
_struct_ref_seq.db_align_end 
_struct_ref_seq.pdbx_db_align_end_ins_code 
_struct_ref_seq.pdbx_auth_seq_align_beg 
_struct_ref_seq.pdbx_auth_seq_align_end 
1 1 7LNF A 1 ? 14 ? 7LNF 1 ? 14 ? 1 14 
2 1 7LNF B 1 ? 14 ? 7LNF 1 ? 14 ? 1 14 
# 
loop_
_chem_comp.id 
_chem_comp.type 
_chem_comp.mon_nstd_flag 
_chem_comp.name 
_chem_comp.pdbx_synonyms 
_chem_comp.formula 
_chem_comp.formula_weight 
A   'RNA linking' y "ADENOSINE-5'-MONOPHOSPHATE" ? 'C10 H14 N5 O7 P'    347.221 
C   'RNA linking' y "CYTIDINE-5'-MONOPHOSPHATE" ? 'C9 H14 N3 O8 P'     323.197 
CO  non-polymer   . 'COBALT (II) ION' ? 'Co 2'               58.933  
G   'RNA linking' y "GUANOSINE-5'-MONOPHOSPHATE" ? 'C10 H14 N5 O8 P'    363.221 
GDO 'RNA linking' n 
;3'-deoxy-guanosine 5'-monophosphate
;
? 'C10 H14 N5 O7 P'    347.221 
GP3 non-polymer   . "DIGUANOSINE-5'-TRIPHOSPHATE" ? 'C20 H27 N10 O18 P3' 788.406 
HOH non-polymer   . WATER ? 'H2 O'               18.015  
LCC 'RNA linking' . 
'[(1R,3R,4R,7S)-7-HYDROXY-3-(5-METHYLCYTOSIN-1-YL)-2,5-DIOXABICYCLO[2.2.1]HEPT-1-YL]METHYL DIHYDROGEN PHOSPHATE'     ? 
'C11 H16 N3 O8 P'    349.234 
LCG 'RNA linking' n '[(1R,3R,4R,7S)-7-HYDROXY-3-(GUANIN-9-YL)-2,5-DIOXABICYCLO[2.2.1]HEPT-1-YL]METHYL DIHYDROGEN PHOSPHATE' ? 
'C11 H14 N5 O8 P'    375.231 
LKC 'RNA linking' . 
'4-AMINO-1-[(1S,3R,4R,7S)-7-HYDROXY-1-(HYDROXYMETHYL)-2,5-DIOXABICYCLO[2.2.1]HEPT-3-YL]-5-METHYLPYRIMIDIN-2(1H)-ONE' ? 
'C11 H15 N3 O5'      269.254 
MG  non-polymer   . 'MAGNESIUM ION' ? 'Mg 2'               24.305  
U   'RNA linking' y "URIDINE-5'-MONOPHOSPHATE" ? 'C9 H13 N2 O9 P'     324.181 
# 
_exptl.absorpt_coefficient_mu     ? 
_exptl.absorpt_correction_T_max   ? 
_exptl.absorpt_correction_T_min   ? 
_exptl.absorpt_correction_type    ? 
_exptl.absorpt_process_details    ? 
_exptl.entry_id                   7LNF 
_exptl.crystals_number            1 
_exptl.details                    ? 
_exptl.method                     'X-RAY DIFFRACTION' 
_exptl.method_details             ? 
# 
_exptl_crystal.colour                      ? 
_exptl_crystal.density_diffrn              ? 
_exptl_crystal.density_Matthews            2.98 
_exptl_crystal.density_method              ? 
_exptl_crystal.density_percent_sol         58.67 
_exptl_crystal.description                 ? 
_exptl_crystal.F_000                       ? 
_exptl_crystal.id                          1 
_exptl_crystal.preparation                 ? 
_exptl_crystal.size_max                    ? 
_exptl_crystal.size_mid                    ? 
_exptl_crystal.size_min                    ? 
_exptl_crystal.size_rad                    ? 
_exptl_crystal.colour_lustre               ? 
_exptl_crystal.colour_modifier             ? 
_exptl_crystal.colour_primary              ? 
_exptl_crystal.density_meas                ? 
_exptl_crystal.density_meas_esd            ? 
_exptl_crystal.density_meas_gt             ? 
_exptl_crystal.density_meas_lt             ? 
_exptl_crystal.density_meas_temp           ? 
_exptl_crystal.density_meas_temp_esd       ? 
_exptl_crystal.density_meas_temp_gt        ? 
_exptl_crystal.density_meas_temp_lt        ? 
_exptl_crystal.pdbx_crystal_image_url      ? 
_exptl_crystal.pdbx_crystal_image_format   ? 
_exptl_crystal.pdbx_mosaicity              ? 
_exptl_crystal.pdbx_mosaicity_esd          ? 
# 
_exptl_crystal_grow.apparatus       ? 
_exptl_crystal_grow.atmosphere      ? 
_exptl_crystal_grow.crystal_id      1 
_exptl_crystal_grow.details         ? 
_exptl_crystal_grow.method          'VAPOR DIFFUSION, SITTING DROP' 
_exptl_crystal_grow.method_ref      ? 
_exptl_crystal_grow.pH              6.0 
_exptl_crystal_grow.pressure        ? 
_exptl_crystal_grow.pressure_esd    ? 
_exptl_crystal_grow.seeding         ? 
_exptl_crystal_grow.seeding_ref     ? 
_exptl_crystal_grow.temp            293 
_exptl_crystal_grow.temp_details    ? 
_exptl_crystal_grow.temp_esd        ? 
_exptl_crystal_grow.time            ? 
_exptl_crystal_grow.pdbx_details    
;0.02 M Magnesium sulfate hydrate, 0.002 M Cobalt (II) chloride hexahydrate, 0.05 M Sodium cacodylate trihydrate pH 6.0, 25% v/v (+/-)-2-Methyl-2,4-pentanediol, 0.0005 M Spermine
;
_exptl_crystal_grow.pdbx_pH_range   ? 
# 
_diffrn.ambient_environment              ? 
_diffrn.ambient_temp                     99 
_diffrn.ambient_temp_details             ? 
_diffrn.ambient_temp_esd                 ? 
_diffrn.crystal_id                       1 
_diffrn.crystal_support                  ? 
_diffrn.crystal_treatment                ? 
_diffrn.details                          ? 
_diffrn.id                               1 
_diffrn.ambient_pressure                 ? 
_diffrn.ambient_pressure_esd             ? 
_diffrn.ambient_pressure_gt              ? 
_diffrn.ambient_pressure_lt              ? 
_diffrn.ambient_temp_gt                  ? 
_diffrn.ambient_temp_lt                  ? 
_diffrn.pdbx_serial_crystal_experiment   N 
# 
_diffrn_detector.details                      ? 
_diffrn_detector.detector                     CCD 
_diffrn_detector.diffrn_id                    1 
_diffrn_detector.type                         'ADSC QUANTUM 315r' 
_diffrn_detector.area_resol_mean              ? 
_diffrn_detector.dtime                        ? 
_diffrn_detector.pdbx_frames_total            ? 
_diffrn_detector.pdbx_collection_time_total   ? 
_diffrn_detector.pdbx_collection_date         2020-12-11 
_diffrn_detector.pdbx_frequency               ? 
# 
_diffrn_radiation.collimation                      ? 
_diffrn_radiation.diffrn_id                        1 
_diffrn_radiation.filter_edge                      ? 
_diffrn_radiation.inhomogeneity                    ? 
_diffrn_radiation.monochromator                    ? 
_diffrn_radiation.polarisn_norm                    ? 
_diffrn_radiation.polarisn_ratio                   ? 
_diffrn_radiation.probe                            ? 
_diffrn_radiation.type                             ? 
_diffrn_radiation.xray_symbol                      ? 
_diffrn_radiation.wavelength_id                    1 
_diffrn_radiation.pdbx_monochromatic_or_laue_m_l   M 
_diffrn_radiation.pdbx_wavelength_list             ? 
_diffrn_radiation.pdbx_wavelength                  ? 
_diffrn_radiation.pdbx_diffrn_protocol             'SINGLE WAVELENGTH' 
_diffrn_radiation.pdbx_analyzer                    ? 
_diffrn_radiation.pdbx_scattering_type             x-ray 
# 
_diffrn_radiation_wavelength.id           1 
_diffrn_radiation_wavelength.wavelength   1 
_diffrn_radiation_wavelength.wt           1.0 
# 
_diffrn_source.current                     ? 
_diffrn_source.details                     ? 
_diffrn_source.diffrn_id                   1 
_diffrn_source.power                       ? 
_diffrn_source.size                        ? 
_diffrn_source.source                      SYNCHROTRON 
_diffrn_source.target                      ? 
_diffrn_source.type                        'ALS BEAMLINE 8.2.2' 
_diffrn_source.voltage                     ? 
_diffrn_source.take-off_angle              ? 
_diffrn_source.pdbx_wavelength_list        1 
_diffrn_source.pdbx_wavelength             ? 
_diffrn_source.pdbx_synchrotron_beamline   8.2.2 
_diffrn_source.pdbx_synchrotron_site       ALS 
# 
_reflns.B_iso_Wilson_estimate            ? 
_reflns.entry_id                         7LNF 
_reflns.data_reduction_details           ? 
_reflns.data_reduction_method            ? 
_reflns.d_resolution_high                1.65 
_reflns.d_resolution_low                 50 
_reflns.details                          ? 
_reflns.limit_h_max                      ? 
_reflns.limit_h_min                      ? 
_reflns.limit_k_max                      ? 
_reflns.limit_k_min                      ? 
_reflns.limit_l_max                      ? 
_reflns.limit_l_min                      ? 
_reflns.number_all                       ? 
_reflns.number_obs                       13195 
_reflns.observed_criterion               ? 
_reflns.observed_criterion_F_max         ? 
_reflns.observed_criterion_F_min         ? 
_reflns.observed_criterion_I_max         ? 
_reflns.observed_criterion_I_min         ? 
_reflns.observed_criterion_sigma_F       ? 
_reflns.observed_criterion_sigma_I       ? 
_reflns.percent_possible_obs             99.8 
_reflns.R_free_details                   ? 
_reflns.Rmerge_F_all                     ? 
_reflns.Rmerge_F_obs                     ? 
_reflns.Friedel_coverage                 ? 
_reflns.number_gt                        ? 
_reflns.threshold_expression             ? 
_reflns.pdbx_redundancy                  10.0 
_reflns.pdbx_Rmerge_I_obs                0.084 
_reflns.pdbx_Rmerge_I_all                ? 
_reflns.pdbx_Rsym_value                  ? 
_reflns.pdbx_netI_over_av_sigmaI         ? 
_reflns.pdbx_netI_over_sigmaI            23.1 
_reflns.pdbx_res_netI_over_av_sigmaI_2   ? 
_reflns.pdbx_res_netI_over_sigmaI_2      ? 
_reflns.pdbx_chi_squared                 0.935 
_reflns.pdbx_scaling_rejects             ? 
_reflns.pdbx_d_res_high_opt              ? 
_reflns.pdbx_d_res_low_opt               ? 
_reflns.pdbx_d_res_opt_method            ? 
_reflns.phase_calculation_details        ? 
_reflns.pdbx_Rrim_I_all                  0.090 
_reflns.pdbx_Rpim_I_all                  0.030 
_reflns.pdbx_d_opt                       ? 
_reflns.pdbx_number_measured_all         ? 
_reflns.pdbx_diffrn_id                   1 
_reflns.pdbx_ordinal                     1 
_reflns.pdbx_CC_half                     1.0 
_reflns.pdbx_CC_star                     1.0 
_reflns.pdbx_R_split                     ? 
# 
_reflns_shell.d_res_high                  1.65 
_reflns_shell.d_res_low                   1.68 
_reflns_shell.meanI_over_sigI_all         ? 
_reflns_shell.meanI_over_sigI_obs         4.5 
_reflns_shell.number_measured_all         ? 
_reflns_shell.number_measured_obs         ? 
_reflns_shell.number_possible             ? 
_reflns_shell.number_unique_all           ? 
_reflns_shell.number_unique_obs           658 
_reflns_shell.percent_possible_all        99.4 
_reflns_shell.percent_possible_obs        ? 
_reflns_shell.Rmerge_F_all                ? 
_reflns_shell.Rmerge_F_obs                ? 
_reflns_shell.Rmerge_I_all                ? 
_reflns_shell.Rmerge_I_obs                0.393 
_reflns_shell.meanI_over_sigI_gt          ? 
_reflns_shell.meanI_over_uI_all           ? 
_reflns_shell.meanI_over_uI_gt            ? 
_reflns_shell.number_measured_gt          ? 
_reflns_shell.number_unique_gt            ? 
_reflns_shell.percent_possible_gt         ? 
_reflns_shell.Rmerge_F_gt                 ? 
_reflns_shell.Rmerge_I_gt                 ? 
_reflns_shell.pdbx_redundancy             8.0 
_reflns_shell.pdbx_Rsym_value             ? 
_reflns_shell.pdbx_chi_squared            0.732 
_reflns_shell.pdbx_netI_over_sigmaI_all   ? 
_reflns_shell.pdbx_netI_over_sigmaI_obs   ? 
_reflns_shell.pdbx_Rrim_I_all             0.418 
_reflns_shell.pdbx_Rpim_I_all             0.142 
_reflns_shell.pdbx_rejects                ? 
_reflns_shell.pdbx_ordinal                1 
_reflns_shell.pdbx_diffrn_id              1 
_reflns_shell.pdbx_CC_half                0.987 
_reflns_shell.pdbx_CC_star                0.997 
_reflns_shell.pdbx_R_split                ? 
# 
_refine.aniso_B[1][1]                            -0.002 
_refine.aniso_B[1][2]                            -0.001 
_refine.aniso_B[1][3]                            -0.000 
_refine.aniso_B[2][2]                            -0.002 
_refine.aniso_B[2][3]                            0.000 
_refine.aniso_B[3][3]                            0.006 
_refine.B_iso_max                                ? 
_refine.B_iso_mean                               15.582 
_refine.B_iso_min                                ? 
_refine.correlation_coeff_Fo_to_Fc               0.943 
_refine.correlation_coeff_Fo_to_Fc_free          0.925 
_refine.details                                  'Hydrogens have been added in their riding positions' 
_refine.diff_density_max                         ? 
_refine.diff_density_max_esd                     ? 
_refine.diff_density_min                         ? 
_refine.diff_density_min_esd                     ? 
_refine.diff_density_rms                         ? 
_refine.diff_density_rms_esd                     ? 
_refine.entry_id                                 7LNF 
_refine.pdbx_refine_id                           'X-RAY DIFFRACTION' 
_refine.ls_abs_structure_details                 ? 
_refine.ls_abs_structure_Flack                   ? 
_refine.ls_abs_structure_Flack_esd               ? 
_refine.ls_abs_structure_Rogers                  ? 
_refine.ls_abs_structure_Rogers_esd              ? 
_refine.ls_d_res_high                            1.652 
_refine.ls_d_res_low                             27.748 
_refine.ls_extinction_coef                       ? 
_refine.ls_extinction_coef_esd                   ? 
_refine.ls_extinction_expression                 ? 
_refine.ls_extinction_method                     ? 
_refine.ls_goodness_of_fit_all                   ? 
_refine.ls_goodness_of_fit_all_esd               ? 
_refine.ls_goodness_of_fit_obs                   ? 
_refine.ls_goodness_of_fit_obs_esd               ? 
_refine.ls_hydrogen_treatment                    ? 
_refine.ls_matrix_type                           ? 
_refine.ls_number_constraints                    ? 
_refine.ls_number_parameters                     ? 
_refine.ls_number_reflns_all                     ? 
_refine.ls_number_reflns_obs                     11790 
_refine.ls_number_reflns_R_free                  553 
_refine.ls_number_reflns_R_work                  11237 
_refine.ls_number_restraints                     ? 
_refine.ls_percent_reflns_obs                    89.008 
_refine.ls_percent_reflns_R_free                 4.690 
_refine.ls_R_factor_all                          0.210 
_refine.ls_R_factor_obs                          ? 
_refine.ls_R_factor_R_free                       0.2394 
_refine.ls_R_factor_R_free_error                 ? 
_refine.ls_R_factor_R_free_error_details         ? 
_refine.ls_R_factor_R_work                       0.2081 
_refine.ls_R_Fsqd_factor_obs                     ? 
_refine.ls_R_I_factor_obs                        ? 
_refine.ls_redundancy_reflns_all                 ? 
_refine.ls_redundancy_reflns_obs                 ? 
_refine.ls_restrained_S_all                      ? 
_refine.ls_restrained_S_obs                      ? 
_refine.ls_shift_over_esd_max                    ? 
_refine.ls_shift_over_esd_mean                   ? 
_refine.ls_structure_factor_coef                 ? 
_refine.ls_weighting_details                     ? 
_refine.ls_weighting_scheme                      ? 
_refine.ls_wR_factor_all                         ? 
_refine.ls_wR_factor_obs                         ? 
_refine.ls_wR_factor_R_free                      ? 
_refine.ls_wR_factor_R_work                      ? 
_refine.occupancy_max                            ? 
_refine.occupancy_min                            ? 
_refine.solvent_model_details                    'MASK BULK SOLVENT' 
_refine.solvent_model_param_bsol                 ? 
_refine.solvent_model_param_ksol                 ? 
_refine.pdbx_R_complete                          ? 
_refine.ls_R_factor_gt                           ? 
_refine.ls_goodness_of_fit_gt                    ? 
_refine.ls_goodness_of_fit_ref                   ? 
_refine.ls_shift_over_su_max                     ? 
_refine.ls_shift_over_su_max_lt                  ? 
_refine.ls_shift_over_su_mean                    ? 
_refine.ls_shift_over_su_mean_lt                 ? 
_refine.pdbx_ls_sigma_I                          ? 
_refine.pdbx_ls_sigma_F                          ? 
_refine.pdbx_ls_sigma_Fsqd                       ? 
_refine.pdbx_data_cutoff_high_absF               ? 
_refine.pdbx_data_cutoff_high_rms_absF           ? 
_refine.pdbx_data_cutoff_low_absF                ? 
_refine.pdbx_isotropic_thermal_model             ? 
_refine.pdbx_ls_cross_valid_method               THROUGHOUT 
_refine.pdbx_method_to_determine_struct          'MOLECULAR REPLACEMENT' 
_refine.pdbx_starting_model                      5UEE 
_refine.pdbx_stereochemistry_target_values       ? 
_refine.pdbx_R_Free_selection_details            ? 
_refine.pdbx_stereochem_target_val_spec_case     ? 
_refine.pdbx_overall_ESU_R                       0.118 
_refine.pdbx_overall_ESU_R_Free                  0.114 
_refine.pdbx_solvent_vdw_probe_radii             1.200 
_refine.pdbx_solvent_ion_probe_radii             0.800 
_refine.pdbx_solvent_shrinkage_radii             0.800 
_refine.pdbx_real_space_R                        ? 
_refine.pdbx_density_correlation                 ? 
_refine.pdbx_pd_number_of_powder_patterns        ? 
_refine.pdbx_pd_number_of_points                 ? 
_refine.pdbx_pd_meas_number_of_points            ? 
_refine.pdbx_pd_proc_ls_prof_R_factor            ? 
_refine.pdbx_pd_proc_ls_prof_wR_factor           ? 
_refine.pdbx_pd_Marquardt_correlation_coeff      ? 
_refine.pdbx_pd_Fsqrd_R_factor                   ? 
_refine.pdbx_pd_ls_matrix_band_width             ? 
_refine.pdbx_overall_phase_error                 ? 
_refine.pdbx_overall_SU_R_free_Cruickshank_DPI   ? 
_refine.pdbx_overall_SU_R_free_Blow_DPI          ? 
_refine.pdbx_overall_SU_R_Blow_DPI               ? 
_refine.pdbx_TLS_residual_ADP_flag               ? 
_refine.pdbx_diffrn_id                           1 
_refine.overall_SU_B                             1.925 
_refine.overall_SU_ML                            0.066 
_refine.overall_SU_R_Cruickshank_DPI             ? 
_refine.overall_SU_R_free                        ? 
_refine.overall_FOM_free_R_set                   ? 
_refine.overall_FOM_work_R_set                   ? 
_refine.pdbx_average_fsc_overall                 ? 
_refine.pdbx_average_fsc_work                    ? 
_refine.pdbx_average_fsc_free                    ? 
# 
_refine_hist.pdbx_refine_id                   'X-RAY DIFFRACTION' 
_refine_hist.cycle_id                         LAST 
_refine_hist.pdbx_number_atoms_protein        0 
_refine_hist.pdbx_number_atoms_nucleic_acid   378 
_refine_hist.pdbx_number_atoms_ligand         330 
_refine_hist.number_atoms_solvent             123 
_refine_hist.number_atoms_total               831 
_refine_hist.d_res_high                       1.652 
_refine_hist.d_res_low                        27.748 
# 
loop_
_refine_ls_restr.pdbx_refine_id 
_refine_ls_restr.criterion 
_refine_ls_restr.dev_ideal 
_refine_ls_restr.dev_ideal_target 
_refine_ls_restr.number 
_refine_ls_restr.rejects 
_refine_ls_restr.type 
_refine_ls_restr.weight 
_refine_ls_restr.pdbx_restraint_function 
'X-RAY DIFFRACTION' ? 0.025 0.018  794  ? r_bond_refined_d               ? ? 
'X-RAY DIFFRACTION' ? 0.031 0.025  352  ? r_bond_other_d                 ? ? 
'X-RAY DIFFRACTION' ? 2.876 2.135  1192 ? r_angle_refined_deg            ? ? 
'X-RAY DIFFRACTION' ? 4.099 3.208  826  ? r_angle_other_deg              ? ? 
'X-RAY DIFFRACTION' ? 0.461 0.200  140  ? r_chiral_restr                 ? ? 
'X-RAY DIFFRACTION' ? 1.883 0.200  24   ? r_chiral_restr_other           ? ? 
'X-RAY DIFFRACTION' ? 0.016 0.021  400  ? r_gen_planes_refined           ? ? 
'X-RAY DIFFRACTION' ? 0.001 0.023  148  ? r_gen_planes_other             ? ? 
'X-RAY DIFFRACTION' ? 0.086 0.200  67   ? r_nbd_refined                  ? ? 
'X-RAY DIFFRACTION' ? 0.205 0.200  500  ? r_symmetry_nbd_other           ? ? 
'X-RAY DIFFRACTION' ? 0.251 0.200  303  ? r_nbtor_refined                ? ? 
'X-RAY DIFFRACTION' ? 0.275 0.200  164  ? r_symmetry_nbtor_other         ? ? 
'X-RAY DIFFRACTION' ? 0.241 0.200  92   ? r_xyhbond_nbd_refined          ? ? 
'X-RAY DIFFRACTION' ? 0.082 0.200  11   ? r_symmetry_nbd_refined         ? ? 
'X-RAY DIFFRACTION' ? 0.192 0.200  34   ? r_nbd_other                    ? ? 
'X-RAY DIFFRACTION' ? 0.209 0.200  15   ? r_symmetry_xyhbond_nbd_refined ? ? 
'X-RAY DIFFRACTION' ? 1.891 1.560  794  ? r_scbond_it                    ? ? 
'X-RAY DIFFRACTION' ? 1.890 1.560  795  ? r_scbond_other                 ? ? 
'X-RAY DIFFRACTION' ? 2.275 2.352  1192 ? r_scangle_it                   ? ? 
'X-RAY DIFFRACTION' ? 2.274 2.351  1193 ? r_scangle_other                ? ? 
'X-RAY DIFFRACTION' ? 3.845 14.506 1101 ? r_lrange_it                    ? ? 
'X-RAY DIFFRACTION' ? 3.694 13.827 1066 ? r_lrange_other                 ? ? 
# 
loop_
_refine_ls_shell.pdbx_refine_id 
_refine_ls_shell.d_res_high 
_refine_ls_shell.d_res_low 
_refine_ls_shell.number_reflns_all 
_refine_ls_shell.number_reflns_obs 
_refine_ls_shell.number_reflns_R_free 
_refine_ls_shell.number_reflns_R_work 
_refine_ls_shell.percent_reflns_obs 
_refine_ls_shell.percent_reflns_R_free 
_refine_ls_shell.R_factor_all 
_refine_ls_shell.R_factor_obs 
_refine_ls_shell.R_factor_R_free 
_refine_ls_shell.R_factor_R_free_error 
_refine_ls_shell.R_factor_R_work 
_refine_ls_shell.redundancy_reflns_all 
_refine_ls_shell.redundancy_reflns_obs 
_refine_ls_shell.wR_factor_all 
_refine_ls_shell.wR_factor_obs 
_refine_ls_shell.wR_factor_R_free 
_refine_ls_shell.wR_factor_R_work 
_refine_ls_shell.pdbx_R_complete 
_refine_ls_shell.pdbx_total_number_of_bins_used 
_refine_ls_shell.pdbx_phase_error 
_refine_ls_shell.pdbx_fsc_work 
_refine_ls_shell.pdbx_fsc_free 
'X-RAY DIFFRACTION' 1.652 1.694  . . 19 407 44.2368  . . . 0.296 . 0.213 . . . . . . . . . . . 
'X-RAY DIFFRACTION' 1.694 1.741  . . 18 493 54.2463  . . . 0.135 . .     . . . . . . . . . . . 
'X-RAY DIFFRACTION' 1.741 1.791  . . 31 547 63.8674  . . . 0.227 . 0.195 . . . . . . . . . . . 
'X-RAY DIFFRACTION' 1.791 1.846  . . 50 718 88.0734  . . . 0.261 . 0.205 . . . . . . . . . . . 
'X-RAY DIFFRACTION' 1.846 1.907  . . 25 828 99.4173  . . . 0.131 . .     . . . . . . . . . . . 
'X-RAY DIFFRACTION' 1.907 1.974  . . 43 783 100.0000 . . . 0.255 . 0.222 . . . . . . . . . . . 
'X-RAY DIFFRACTION' 1.974 2.048  . . 21 792 100.0000 . . . 0.302 . 0.237 . . . . . . . . . . . 
'X-RAY DIFFRACTION' 2.048 2.132  . . 42 746 100.0000 . . . 0.315 . 0.234 . . . . . . . . . . . 
'X-RAY DIFFRACTION' 2.132 2.227  . . 44 699 100.0000 . . . 0.264 . 0.236 . . . . . . . . . . . 
'X-RAY DIFFRACTION' 2.227 2.335  . . 29 684 100.0000 . . . 0.299 . 0.224 . . . . . . . . . . . 
'X-RAY DIFFRACTION' 2.335 2.461  . . 29 645 100.0000 . . . 0.180 . .     . . . . . . . . . . . 
'X-RAY DIFFRACTION' 2.461 2.610  . . 40 610 100.0000 . . . 0.296 . 0.230 . . . . . . . . . . . 
'X-RAY DIFFRACTION' 2.610 2.791  . . 41 571 100.0000 . . . 0.336 . 0.229 . . . . . . . . . . . 
'X-RAY DIFFRACTION' 2.791 3.014  . . 22 533 99.2844  . . . 0.289 . 0.212 . . . . . . . . . . . 
'X-RAY DIFFRACTION' 3.014 3.301  . . 23 508 97.9705  . . . 0.172 . .     . . . . . . . . . . . 
'X-RAY DIFFRACTION' 3.301 3.690  . . 20 455 98.7526  . . . 0.258 . 0.189 . . . . . . . . . . . 
'X-RAY DIFFRACTION' 3.690 4.259  . . 17 417 98.4127  . . . 0.163 . .     . . . . . . . . . . . 
'X-RAY DIFFRACTION' 4.259 5.213  . . 25 350 99.4695  . . . 0.189 . 0.176 . . . . . . . . . . . 
'X-RAY DIFFRACTION' 5.213 7.358  . . 8  286 99.3243  . . . 0.201 . 0.182 . . . . . . . . . . . 
'X-RAY DIFFRACTION' 7.358 27.748 . . 6  165 89.5288  . . . 0.158 . .     . . . . . . . . . . . 
# 
_struct.entry_id                     7LNF 
_struct.title                        
;3'-deoxy modification at 3' end of RNA primer complex with guanosine dinucleotide ligand G(5')ppp(5')G
;
_struct.pdbx_model_details           ? 
_struct.pdbx_formula_weight          ? 
_struct.pdbx_formula_weight_method   ? 
_struct.pdbx_model_type_details      ? 
_struct.pdbx_CASP_flag               N 
# 
_struct_keywords.entry_id        7LNF 
_struct_keywords.text            'RNA, nonenzymatic RNA extension' 
_struct_keywords.pdbx_keywords   RNA 
# 
loop_
_struct_asym.id 
_struct_asym.pdbx_blank_PDB_chainid_flag 
_struct_asym.pdbx_modified 
_struct_asym.entity_id 
_struct_asym.details 
A N N 1 ? 
B N N 1 ? 
C N N 2 ? 
D N N 3 ? 
E N N 4 ? 
F N N 5 ? 
G N N 2 ? 
H N N 6 ? 
I N N 7 ? 
J N N 7 ? 
K N N 7 ? 
L N N 7 ? 
M N N 8 ? 
N N N 5 ? 
O N N 2 ? 
P N N 6 ? 
Q N N 2 ? 
R N N 3 ? 
S N N 4 ? 
T N N 7 ? 
U N N 7 ? 
V N N 7 ? 
W N N 7 ? 
X N N 8 ? 
Y N N 9 ? 
Z N N 9 ? 
# 
loop_
_struct_conn.id 
_struct_conn.conn_type_id 
_struct_conn.pdbx_leaving_atom_flag 
_struct_conn.pdbx_PDB_id 
_struct_conn.ptnr1_label_asym_id 
_struct_conn.ptnr1_label_comp_id 
_struct_conn.ptnr1_label_seq_id 
_struct_conn.ptnr1_label_atom_id 
_struct_conn.pdbx_ptnr1_label_alt_id 
_struct_conn.pdbx_ptnr1_PDB_ins_code 
_struct_conn.pdbx_ptnr1_standard_comp_id 
_struct_conn.ptnr1_symmetry 
_struct_conn.ptnr2_label_asym_id 
_struct_conn.ptnr2_label_comp_id 
_struct_conn.ptnr2_label_seq_id 
_struct_conn.ptnr2_label_atom_id 
_struct_conn.pdbx_ptnr2_label_alt_id 
_struct_conn.pdbx_ptnr2_PDB_ins_code 
_struct_conn.ptnr1_auth_asym_id 
_struct_conn.ptnr1_auth_comp_id 
_struct_conn.ptnr1_auth_seq_id 
_struct_conn.ptnr2_auth_asym_id 
_struct_conn.ptnr2_auth_comp_id 
_struct_conn.ptnr2_auth_seq_id 
_struct_conn.ptnr2_symmetry 
_struct_conn.pdbx_ptnr3_label_atom_id 
_struct_conn.pdbx_ptnr3_label_seq_id 
_struct_conn.pdbx_ptnr3_label_comp_id 
_struct_conn.pdbx_ptnr3_label_asym_id 
_struct_conn.pdbx_ptnr3_label_alt_id 
_struct_conn.pdbx_ptnr3_PDB_ins_code 
_struct_conn.details 
_struct_conn.pdbx_dist_value 
_struct_conn.pdbx_value_order 
_struct_conn.pdbx_role 
covale1  covale both ? A A   5  P     ? ? ? 1_555 D LCG .  "O3'" ? ? A A   5   A LCG 102 1_555 ? ? ? ? ? ? ?            1.609 ? ? 
covale2  covale both ? A C   13 "O3'" ? ? ? 1_555 E GDO .  P     ? ? A C   13  A GDO 103 1_555 ? ? ? ? ? ? ?            1.589 ? ? 
covale3  covale both ? C LCC .  "O3'" ? ? ? 1_555 D LCG .  P     ? ? A LCC 101 A LCG 102 1_555 ? ? ? ? ? ? ?            1.610 ? ? 
covale4  covale both ? C LCC .  P     ? ? ? 1_555 O LCC .  "O3'" ? ? A LCC 101 B LCC 102 1_555 ? ? ? ? ? ? ?            1.617 ? ? 
covale5  covale both ? F LKC .  "O3'" ? ? ? 1_555 G LCC .  P     ? ? A LKC 104 A LCC 105 1_555 ? ? ? ? ? ? ?            1.647 ? ? 
covale6  covale both ? G LCC .  "O3'" ? ? ? 1_555 Q LCC .  P     ? ? A LCC 105 B LCC 104 1_555 ? ? ? ? ? ? ?            1.625 ? ? 
covale7  covale both ? B A   5  P     ? ? ? 1_555 R LCG .  "O3'" ? ? B A   5   B LCG 105 1_555 ? ? ? ? ? ? ?            1.585 ? ? 
covale8  covale both ? B C   13 "O3'" ? ? ? 1_555 S GDO .  P     ? ? B C   13  B GDO 106 1_555 ? ? ? ? ? ? ?            1.581 ? ? 
covale9  covale both ? N LKC .  "O3'" ? ? ? 1_555 O LCC .  P     ? ? B LKC 101 B LCC 102 1_555 ? ? ? ? ? ? ?            1.646 ? ? 
covale10 covale both ? Q LCC .  "O3'" ? ? ? 1_555 R LCG .  P     ? ? B LCC 104 B LCG 105 1_555 ? ? ? ? ? ? ?            1.624 ? ? 
metalc1  metalc ?    ? H GP3 .  O3D   ? ? ? 1_555 I MG  .  MG    ? ? A GP3 106 A MG  107 1_555 ? ? ? ? ? ? ?            2.080 ? ? 
metalc2  metalc ?    ? H GP3 .  O2D   ? ? ? 1_555 I MG  .  MG    ? ? A GP3 106 A MG  107 1_555 ? ? ? ? ? ? ?            2.074 ? ? 
metalc3  metalc ?    ? H GP3 .  O3D   ? ? ? 1_555 I MG  .  MG    ? ? A GP3 106 A MG  107 3_455 ? ? ? ? ? ? ?            2.421 ? ? 
metalc4  metalc ?    ? H GP3 .  O2D   ? ? ? 1_555 I MG  .  MG    ? ? A GP3 106 A MG  107 2_565 ? ? ? ? ? ? ?            2.421 ? ? 
metalc5  metalc ?    ? H GP3 .  O2A   ? ? ? 1_555 K MG  .  MG    ? ? A GP3 106 A MG  109 1_555 ? ? ? ? ? ? ?            1.916 ? ? 
metalc6  metalc ?    ? H GP3 .  O3B   ? ? ? 1_555 K MG  .  MG    ? ? A GP3 106 A MG  109 1_555 ? ? ? ? ? ? ?            1.984 ? ? 
metalc7  metalc ?    ? H GP3 .  O2G   ? ? ? 1_555 K MG  .  MG    ? ? A GP3 106 A MG  109 1_555 ? ? ? ? ? ? ?            2.495 ? ? 
metalc8  metalc ?    ? H GP3 .  O1B   ? ? ? 1_555 M CO  .  CO    ? ? A GP3 106 A CO  111 1_555 ? ? ? ? ? ? ?            2.105 ? ? 
metalc9  metalc ?    ? H GP3 .  N7B   ? ? ? 1_555 M CO  .  CO    ? ? A GP3 106 A CO  111 1_555 ? ? ? ? ? ? ?            2.087 ? ? 
metalc10 metalc ?    ? J MG  .  MG    ? ? ? 1_555 Y HOH .  O     ? ? A MG  108 A HOH 209 1_555 ? ? ? ? ? ? ?            2.100 ? ? 
metalc11 metalc ?    ? J MG  .  MG    ? ? ? 1_555 Y HOH .  O     ? ? A MG  108 A HOH 236 3_455 ? ? ? ? ? ? ?            2.102 ? ? 
metalc12 metalc ?    ? J MG  .  MG    ? ? ? 1_555 Y HOH .  O     ? ? A MG  108 A HOH 237 1_555 ? ? ? ? ? ? ?            2.005 ? ? 
metalc13 metalc ?    ? J MG  .  MG    ? ? ? 1_555 Z HOH .  O     ? ? A MG  108 B HOH 223 1_555 ? ? ? ? ? ? ?            2.065 ? ? 
metalc14 metalc ?    ? J MG  .  MG    ? ? ? 1_555 Z HOH .  O     ? ? A MG  108 B HOH 245 1_555 ? ? ? ? ? ? ?            2.083 ? ? 
metalc15 metalc ?    ? J MG  .  MG    ? ? ? 1_555 Z HOH .  O     ? ? A MG  108 B HOH 256 1_555 ? ? ? ? ? ? ?            2.076 ? ? 
metalc16 metalc ?    ? K MG  .  MG    ? ? ? 1_555 Y HOH .  O     ? ? A MG  109 A HOH 202 1_555 ? ? ? ? ? ? ?            2.987 ? ? 
metalc17 metalc ?    ? L MG  .  MG    ? ? ? 1_555 Y HOH .  O     ? ? A MG  110 A HOH 205 1_555 ? ? ? ? ? ? ?            2.481 ? ? 
metalc18 metalc ?    ? L MG  .  MG    ? ? ? 1_555 Y HOH .  O     ? ? A MG  110 A HOH 216 1_555 ? ? ? ? ? ? ?            2.119 ? ? 
metalc19 metalc ?    ? L MG  .  MG    ? ? ? 1_555 Y HOH .  O     ? ? A MG  110 A HOH 253 1_555 ? ? ? ? ? ? ?            1.998 ? ? 
metalc20 metalc ?    ? L MG  .  MG    ? ? ? 1_555 Y HOH .  O     ? ? A MG  110 A HOH 260 1_555 ? ? ? ? ? ? ?            2.210 ? ? 
metalc21 metalc ?    ? M CO  .  CO    ? ? ? 1_555 Y HOH .  O     ? ? A CO  111 A HOH 206 1_555 ? ? ? ? ? ? ?            2.165 ? ? 
metalc22 metalc ?    ? M CO  .  CO    ? ? ? 1_555 Y HOH .  O     ? ? A CO  111 A HOH 234 1_555 ? ? ? ? ? ? ?            2.412 ? ? 
metalc23 metalc ?    ? M CO  .  CO    ? ? ? 1_555 Y HOH .  O     ? ? A CO  111 A HOH 246 1_555 ? ? ? ? ? ? ?            2.295 ? ? 
metalc24 metalc ?    ? M CO  .  CO    ? ? ? 1_555 Y HOH .  O     ? ? A CO  111 A HOH 254 1_555 ? ? ? ? ? ? ?            2.582 ? ? 
metalc25 metalc ?    ? Y HOH .  O     ? ? ? 1_555 V MG  .  MG    ? ? A HOH 230 B MG  109 1_555 ? ? ? ? ? ? ?            2.073 ? ? 
metalc26 metalc ?    ? Y HOH .  O     ? ? ? 1_555 V MG  .  MG    ? ? A HOH 245 B MG  109 1_555 ? ? ? ? ? ? ?            2.094 ? ? 
metalc27 metalc ?    ? Y HOH .  O     ? ? ? 1_555 V MG  .  MG    ? ? A HOH 255 B MG  109 1_555 ? ? ? ? ? ? ?            2.066 ? ? 
metalc28 metalc ?    ? P GP3 .  O3D   ? ? ? 1_555 T MG  .  MG    ? ? B GP3 103 B MG  107 1_555 ? ? ? ? ? ? ?            2.085 ? ? 
metalc29 metalc ?    ? P GP3 .  O2D   ? ? ? 1_555 T MG  .  MG    ? ? B GP3 103 B MG  107 1_555 ? ? ? ? ? ? ?            2.083 ? ? 
metalc30 metalc ?    ? P GP3 .  O3D   ? ? ? 1_555 T MG  .  MG    ? ? B GP3 103 B MG  107 2_565 ? ? ? ? ? ? ?            2.390 ? ? 
metalc31 metalc ?    ? P GP3 .  O2D   ? ? ? 1_555 T MG  .  MG    ? ? B GP3 103 B MG  107 3_455 ? ? ? ? ? ? ?            2.375 ? ? 
metalc32 metalc ?    ? P GP3 .  O2A   ? ? ? 1_555 U MG  .  MG    ? ? B GP3 103 B MG  108 1_555 ? ? ? ? ? ? ?            1.913 ? ? 
metalc33 metalc ?    ? P GP3 .  O3B   ? ? ? 1_555 U MG  .  MG    ? ? B GP3 103 B MG  108 1_555 ? ? ? ? ? ? ?            1.984 ? ? 
metalc34 metalc ?    ? P GP3 .  O2G   ? ? ? 1_555 U MG  .  MG    ? ? B GP3 103 B MG  108 1_555 ? ? ? ? ? ? ?            2.620 ? ? 
metalc35 metalc ?    ? P GP3 .  O1B   ? ? ? 1_555 X CO  .  CO    ? ? B GP3 103 B CO  111 1_555 ? ? ? ? ? ? ?            2.115 ? ? 
metalc36 metalc ?    ? P GP3 .  N7B   ? ? ? 1_555 X CO  .  CO    ? ? B GP3 103 B CO  111 1_555 ? ? ? ? ? ? ?            2.075 ? ? 
metalc37 metalc ?    ? V MG  .  MG    ? ? ? 1_555 Z HOH .  O     ? ? B MG  109 B HOH 213 1_555 ? ? ? ? ? ? ?            2.142 ? ? 
metalc38 metalc ?    ? V MG  .  MG    ? ? ? 1_555 Z HOH .  O     ? ? B MG  109 B HOH 228 2_565 ? ? ? ? ? ? ?            2.107 ? ? 
metalc39 metalc ?    ? V MG  .  MG    ? ? ? 1_555 Z HOH .  O     ? ? B MG  109 B HOH 236 1_555 ? ? ? ? ? ? ?            2.044 ? ? 
metalc40 metalc ?    ? W MG  .  MG    ? ? ? 1_555 Z HOH .  O     ? ? B MG  110 B HOH 207 1_555 ? ? ? ? ? ? ?            2.327 ? ? 
metalc41 metalc ?    ? W MG  .  MG    ? ? ? 1_555 Z HOH .  O     ? ? B MG  110 B HOH 210 1_555 ? ? ? ? ? ? ?            2.380 ? ? 
metalc42 metalc ?    ? W MG  .  MG    ? ? ? 1_555 Z HOH .  O     ? ? B MG  110 B HOH 222 1_555 ? ? ? ? ? ? ?            2.094 ? ? 
metalc43 metalc ?    ? W MG  .  MG    ? ? ? 1_555 Z HOH .  O     ? ? B MG  110 B HOH 263 1_555 ? ? ? ? ? ? ?            2.301 ? ? 
metalc44 metalc ?    ? X CO  .  CO    ? ? ? 1_555 Z HOH .  O     ? ? B CO  111 B HOH 204 1_555 ? ? ? ? ? ? ?            2.196 ? ? 
metalc45 metalc ?    ? X CO  .  CO    ? ? ? 1_555 Z HOH .  O     ? ? B CO  111 B HOH 227 1_555 ? ? ? ? ? ? ?            2.472 ? ? 
metalc46 metalc ?    ? X CO  .  CO    ? ? ? 1_555 Z HOH .  O     ? ? B CO  111 B HOH 249 1_555 ? ? ? ? ? ? ?            2.215 ? ? 
metalc47 metalc ?    ? X CO  .  CO    ? ? ? 1_555 Z HOH .  O     ? ? B CO  111 B HOH 254 1_555 ? ? ? ? ? ? ?            2.533 ? ? 
hydrog1  hydrog ?    ? A A   5  N1    ? ? ? 1_555 B U   12 N3    ? ? A A   5   B U   12  1_555 ? ? ? ? ? ? WATSON-CRICK ?     ? ? 
hydrog2  hydrog ?    ? A A   5  N6    ? ? ? 1_555 B U   12 O4    ? ? A A   5   B U   12  1_555 ? ? ? ? ? ? WATSON-CRICK ?     ? ? 
hydrog3  hydrog ?    ? A C   6  N3    ? ? ? 1_555 B G   11 N1    ? ? A C   6   B G   11  1_555 ? ? ? ? ? ? WATSON-CRICK ?     ? ? 
hydrog4  hydrog ?    ? A C   6  N4    ? ? ? 1_555 B G   11 O6    ? ? A C   6   B G   11  1_555 ? ? ? ? ? ? WATSON-CRICK ?     ? ? 
hydrog5  hydrog ?    ? A C   6  O2    ? ? ? 1_555 B G   11 N2    ? ? A C   6   B G   11  1_555 ? ? ? ? ? ? WATSON-CRICK ?     ? ? 
hydrog6  hydrog ?    ? A U   7  N3    ? ? ? 1_555 B A   10 N1    ? ? A U   7   B A   10  1_555 ? ? ? ? ? ? WATSON-CRICK ?     ? ? 
hydrog7  hydrog ?    ? A U   7  O4    ? ? ? 1_555 B A   10 N6    ? ? A U   7   B A   10  1_555 ? ? ? ? ? ? WATSON-CRICK ?     ? ? 
hydrog8  hydrog ?    ? A U   8  N3    ? ? ? 1_555 B A   9  N1    ? ? A U   8   B A   9   1_555 ? ? ? ? ? ? WATSON-CRICK ?     ? ? 
hydrog9  hydrog ?    ? A U   8  O4    ? ? ? 1_555 B A   9  N6    ? ? A U   8   B A   9   1_555 ? ? ? ? ? ? WATSON-CRICK ?     ? ? 
hydrog10 hydrog ?    ? A A   9  N1    ? ? ? 1_555 B U   8  N3    ? ? A A   9   B U   8   1_555 ? ? ? ? ? ? WATSON-CRICK ?     ? ? 
hydrog11 hydrog ?    ? A A   9  N6    ? ? ? 1_555 B U   8  O4    ? ? A A   9   B U   8   1_555 ? ? ? ? ? ? WATSON-CRICK ?     ? ? 
hydrog12 hydrog ?    ? A A   10 N1    ? ? ? 1_555 B U   7  N3    ? ? A A   10  B U   7   1_555 ? ? ? ? ? ? WATSON-CRICK ?     ? ? 
hydrog13 hydrog ?    ? A A   10 N6    ? ? ? 1_555 B U   7  O4    ? ? A A   10  B U   7   1_555 ? ? ? ? ? ? WATSON-CRICK ?     ? ? 
hydrog14 hydrog ?    ? A G   11 N1    ? ? ? 1_555 B C   6  N3    ? ? A G   11  B C   6   1_555 ? ? ? ? ? ? WATSON-CRICK ?     ? ? 
hydrog15 hydrog ?    ? A G   11 N2    ? ? ? 1_555 B C   6  O2    ? ? A G   11  B C   6   1_555 ? ? ? ? ? ? WATSON-CRICK ?     ? ? 
hydrog16 hydrog ?    ? A G   11 O6    ? ? ? 1_555 B C   6  N4    ? ? A G   11  B C   6   1_555 ? ? ? ? ? ? WATSON-CRICK ?     ? ? 
hydrog17 hydrog ?    ? A U   12 N3    ? ? ? 1_555 B A   5  N1    ? ? A U   12  B A   5   1_555 ? ? ? ? ? ? WATSON-CRICK ?     ? ? 
hydrog18 hydrog ?    ? A U   12 O4    ? ? ? 1_555 B A   5  N6    ? ? A U   12  B A   5   1_555 ? ? ? ? ? ? WATSON-CRICK ?     ? ? 
# 
loop_
_struct_conn_type.id 
_struct_conn_type.criteria 
_struct_conn_type.reference 
covale ? ? 
metalc ? ? 
hydrog ? ? 
# 
_atom_sites.entry_id                    7LNF 
_atom_sites.Cartn_transf_matrix[1][1]   ? 
_atom_sites.Cartn_transf_matrix[1][2]   ? 
_atom_sites.Cartn_transf_matrix[1][3]   ? 
_atom_sites.Cartn_transf_matrix[2][1]   ? 
_atom_sites.Cartn_transf_matrix[2][2]   ? 
_atom_sites.Cartn_transf_matrix[2][3]   ? 
_atom_sites.Cartn_transf_matrix[3][1]   ? 
_atom_sites.Cartn_transf_matrix[3][2]   ? 
_atom_sites.Cartn_transf_matrix[3][3]   ? 
_atom_sites.Cartn_transf_vector[1]      ? 
_atom_sites.Cartn_transf_vector[2]      ? 
_atom_sites.Cartn_transf_vector[3]      ? 
_atom_sites.fract_transf_matrix[1][1]   -0.02412484 
_atom_sites.fract_transf_matrix[1][2]   0.00022535 
_atom_sites.fract_transf_matrix[1][3]   0.00511042 
_atom_sites.fract_transf_matrix[2][1]   -0.01247149 
_atom_sites.fract_transf_matrix[2][2]   0.02127280 
_atom_sites.fract_transf_matrix[2][3]   -0.00030758 
_atom_sites.fract_transf_matrix[3][1]   -0.00248242 
_atom_sites.fract_transf_matrix[3][2]   -0.00162376 
_atom_sites.fract_transf_matrix[3][3]   -0.01164720 
_atom_sites.fract_transf_vector[1]      -0.200345 
_atom_sites.fract_transf_vector[2]      0.198290 
_atom_sites.fract_transf_vector[3]      0.250278 
_atom_sites.solution_primary            ? 
_atom_sites.solution_secondary          ? 
_atom_sites.solution_hydrogens          ? 
_atom_sites.special_details             ? 
# 
loop_
_atom_type.symbol 
_atom_type.pdbx_scat_Z 
_atom_type.pdbx_N_electrons 
_atom_type.scat_Cromer_Mann_a1 
_atom_type.scat_Cromer_Mann_b1 
_atom_type.scat_Cromer_Mann_a2 
_atom_type.scat_Cromer_Mann_b2 
_atom_type.scat_Cromer_Mann_a3 
_atom_type.scat_Cromer_Mann_b3 
_atom_type.scat_Cromer_Mann_a4 
_atom_type.scat_Cromer_Mann_b4 
_atom_type.scat_Cromer_Mann_c 
C  6  6  2.310  20.844 1.020 10.208 1.589 0.569  0.865 51.651 0.216   
CO 27 27 12.289 4.279  7.344 0.278  4.005 13.536 2.350 71.169 1.012   
H  1  1  0.493  10.511 0.323 26.126 0.140 3.142  0.041 57.800 0.003   
MG 12 12 5.427  2.828  2.176 79.261 1.228 0.381  2.310 7.194  0.859   
N  7  7  12.222 0.006  3.135 9.893  2.014 28.997 1.167 0.583  -11.538 
O  8  8  3.049  13.277 2.287 5.701  1.546 0.324  0.867 32.909 0.251   
P  15 15 6.435  1.907  4.179 27.157 1.780 0.526  1.491 68.164 1.115   
# 
loop_
_atom_site.group_PDB 
_atom_site.id 
_atom_site.type_symbol 
_atom_site.label_atom_id 
_atom_site.label_alt_id 
_atom_site.label_comp_id 
_atom_site.label_asym_id 
_atom_site.label_entity_id 
_atom_site.label_seq_id 
_atom_site.pdbx_PDB_ins_code 
_atom_site.Cartn_x 
_atom_site.Cartn_y 
_atom_site.Cartn_z 
_atom_site.occupancy 
_atom_site.B_iso_or_equiv 
_atom_site.pdbx_formal_charge 
_atom_site.auth_seq_id 
_atom_site.auth_comp_id 
_atom_site.auth_asym_id 
_atom_site.auth_atom_id 
_atom_site.pdbx_PDB_model_num 
_atom_site.calc_flag 
ATOM   1   P  P     . A   A 1 5  ? 3.183   4.143   -6.407  1.000 6.741  0 5   A   A P     1 ? 
ATOM   2   O  OP1   . A   A 1 5  ? 4.145   4.747   -5.476  1.000 6.661  0 5   A   A OP1   1 ? 
ATOM   3   O  OP2   . A   A 1 5  ? 2.796   2.707   -6.242  1.000 6.614  0 5   A   A OP2   1 ? 
ATOM   4   O  "O5'" . A   A 1 5  ? 1.788   4.912   -6.279  1.000 6.544  0 5   A   A "O5'" 1 ? 
ATOM   5   C  "C5'" . A   A 1 5  ? 1.724   6.323   -6.320  1.000 6.768  0 5   A   A "C5'" 1 ? 
ATOM   6   C  "C4'" . A   A 1 5  ? 0.280   6.757   -6.416  1.000 6.443  0 5   A   A "C4'" 1 ? 
ATOM   7   O  "O4'" . A   A 1 5  ? -0.298  6.278   -7.670  1.000 6.852  0 5   A   A "O4'" 1 ? 
ATOM   8   C  "C3'" . A   A 1 5  ? -0.665  6.178   -5.377  1.000 6.411  0 5   A   A "C3'" 1 ? 
ATOM   9   O  "O3'" . A   A 1 5  ? -0.574  6.866   -4.140  1.000 6.180  0 5   A   A "O3'" 1 ? 
ATOM   10  C  "C2'" . A   A 1 5  ? -2.004  6.392   -6.059  1.000 6.581  0 5   A   A "C2'" 1 ? 
ATOM   11  O  "O2'" . A   A 1 5  ? -2.329  7.760   -6.051  1.000 7.089  0 5   A   A "O2'" 1 ? 
ATOM   12  C  "C1'" . A   A 1 5  ? -1.665  5.925   -7.470  1.000 6.950  0 5   A   A "C1'" 1 ? 
ATOM   13  N  N9    . A   A 1 5  ? -1.773  4.479   -7.617  1.000 6.944  0 5   A   A N9    1 ? 
ATOM   14  C  C8    . A   A 1 5  ? -0.749  3.566   -7.565  1.000 7.212  0 5   A   A C8    1 ? 
ATOM   15  N  N7    . A   A 1 5  ? -1.126  2.335   -7.808  1.000 7.282  0 5   A   A N7    1 ? 
ATOM   16  C  C5    . A   A 1 5  ? -2.500  2.436   -7.983  1.000 7.633  0 5   A   A C5    1 ? 
ATOM   17  C  C6    . A   A 1 5  ? -3.495  1.472   -8.211  1.000 8.351  0 5   A   A C6    1 ? 
ATOM   18  N  N6    . A   A 1 5  ? -3.240  0.166   -8.324  1.000 8.456  0 5   A   A N6    1 ? 
ATOM   19  N  N1    . A   A 1 5  ? -4.768  1.899   -8.327  1.000 8.504  0 5   A   A N1    1 ? 
ATOM   20  C  C2    . A   A 1 5  ? -5.016  3.213   -8.219  1.000 8.713  0 5   A   A C2    1 ? 
ATOM   21  N  N3    . A   A 1 5  ? -4.170  4.212   -7.977  1.000 8.393  0 5   A   A N3    1 ? 
ATOM   22  C  C4    . A   A 1 5  ? -2.912  3.750   -7.866  1.000 7.616  0 5   A   A C4    1 ? 
ATOM   23  P  P     . C   A 1 6  ? -0.868  6.109   -2.757  1.000 6.471  0 6   C   A P     1 ? 
ATOM   24  O  OP1   . C   A 1 6  ? -0.477  7.042   -1.667  1.000 6.442  0 6   C   A OP1   1 ? 
ATOM   25  O  OP2   . C   A 1 6  ? -0.292  4.723   -2.793  1.000 7.074  0 6   C   A OP2   1 ? 
ATOM   26  O  "O5'" . C   A 1 6  ? -2.447  5.871   -2.762  1.000 7.537  0 6   C   A "O5'" 1 ? 
ATOM   27  C  "C5'" . C   A 1 6  ? -3.368  6.968   -2.773  1.000 7.893  0 6   C   A "C5'" 1 ? 
ATOM   28  C  "C4'" . C   A 1 6  ? -4.759  6.487   -3.139  1.000 8.721  0 6   C   A "C4'" 1 ? 
ATOM   29  O  "O4'" . C   A 1 6  ? -4.705  5.763   -4.397  1.000 9.339  0 6   C   A "O4'" 1 ? 
ATOM   30  C  "C3'" . C   A 1 6  ? -5.361  5.490   -2.171  1.000 9.958  0 6   C   A "C3'" 1 ? 
ATOM   31  O  "O3'" . C   A 1 6  ? -5.960  6.141   -1.063  1.000 11.190 0 6   C   A "O3'" 1 ? 
ATOM   32  C  "C2'" . C   A 1 6  ? -6.382  4.774   -3.041  1.000 10.362 0 6   C   A "C2'" 1 ? 
ATOM   33  O  "O2'" . C   A 1 6  ? -7.501  5.580   -3.264  1.000 11.150 0 6   C   A "O2'" 1 ? 
ATOM   34  C  "C1'" . C   A 1 6  ? -5.624  4.674   -4.361  1.000 10.329 0 6   C   A "C1'" 1 ? 
ATOM   35  N  N1    . C   A 1 6  ? -4.878  3.419   -4.496  1.000 10.301 0 6   C   A N1    1 ? 
ATOM   36  C  C2    . C   A 1 6  ? -5.586  2.274   -4.879  1.000 11.370 0 6   C   A C2    1 ? 
ATOM   37  O  O2    . C   A 1 6  ? -6.821  2.355   -5.019  1.000 12.362 0 6   C   A O2    1 ? 
ATOM   38  N  N3    . C   A 1 6  ? -4.916  1.115   -5.058  1.000 10.672 0 6   C   A N3    1 ? 
ATOM   39  C  C4    . C   A 1 6  ? -3.590  1.075   -4.883  1.000 10.302 0 6   C   A C4    1 ? 
ATOM   40  N  N4    . C   A 1 6  ? -2.963  -0.092  -5.065  1.000 10.599 0 6   C   A N4    1 ? 
ATOM   41  C  C5    . C   A 1 6  ? -2.852  2.217   -4.456  1.000 10.419 0 6   C   A C5    1 ? 
ATOM   42  C  C6    . C   A 1 6  ? -3.525  3.366   -4.318  1.000 9.877  0 6   C   A C6    1 ? 
ATOM   43  P  P     . U   A 1 7  ? -6.037  5.399   0.363   1.000 12.860 0 7   U   A P     1 ? 
ATOM   44  O  OP1   . U   A 1 7  ? -6.592  6.402   1.323   1.000 13.583 0 7   U   A OP1   1 ? 
ATOM   45  O  OP2   . U   A 1 7  ? -4.759  4.664   0.681   1.000 12.244 0 7   U   A OP2   1 ? 
ATOM   46  O  "O5'" . U   A 1 7  ? -7.105  4.237   0.139   1.000 13.427 0 7   U   A "O5'" 1 ? 
ATOM   47  C  "C5'" . U   A 1 7  ? -8.472  4.553   -0.156  1.000 15.574 0 7   U   A "C5'" 1 ? 
ATOM   48  C  "C4'" . U   A 1 7  ? -9.258  3.278   -0.251  1.000 17.343 0 7   U   A "C4'" 1 ? 
ATOM   49  O  "O4'" . U   A 1 7  ? -8.900  2.586   -1.471  1.000 17.408 0 7   U   A "O4'" 1 ? 
ATOM   50  C  "C3'" . U   A 1 7  ? -9.015  2.238   0.831   1.000 18.622 0 7   U   A "C3'" 1 ? 
ATOM   51  O  "O3'" . U   A 1 7  ? -9.763  2.574   1.978   1.000 20.344 0 7   U   A "O3'" 1 ? 
ATOM   52  C  "C2'" . U   A 1 7  ? -9.513  0.979   0.153   1.000 18.576 0 7   U   A "C2'" 1 ? 
ATOM   53  O  "O2'" . U   A 1 7  ? -10.922 0.958   0.025   1.000 18.971 0 7   U   A "O2'" 1 ? 
ATOM   54  C  "C1'" . U   A 1 7  ? -8.979  1.195   -1.258  1.000 17.159 0 7   U   A "C1'" 1 ? 
ATOM   55  N  N1    . U   A 1 7  ? -7.663  0.606   -1.479  1.000 16.052 0 7   U   A N1    1 ? 
ATOM   56  C  C2    . U   A 1 7  ? -7.626  -0.744  -1.738  1.000 16.689 0 7   U   A C2    1 ? 
ATOM   57  O  O2    . U   A 1 7  ? -8.631  -1.439  -1.767  1.000 18.738 0 7   U   A O2    1 ? 
ATOM   58  N  N3    . U   A 1 7  ? -6.377  -1.252  -1.965  1.000 15.684 0 7   U   A N3    1 ? 
ATOM   59  C  C4    . U   A 1 7  ? -5.178  -0.570  -1.935  1.000 15.655 0 7   U   A C4    1 ? 
ATOM   60  O  O4    . U   A 1 7  ? -4.127  -1.171  -2.168  1.000 14.561 0 7   U   A O4    1 ? 
ATOM   61  C  C5    . U   A 1 7  ? -5.298  0.817   -1.622  1.000 14.878 0 7   U   A C5    1 ? 
ATOM   62  C  C6    . U   A 1 7  ? -6.505  1.347   -1.417  1.000 16.101 0 7   U   A C6    1 ? 
ATOM   63  P  P     . U   A 1 8  ? -9.307  2.120   3.407   1.000 20.965 0 8   U   A P     1 ? 
ATOM   64  O  OP1   . U   A 1 8  ? -10.214 2.813   4.354   1.000 22.120 0 8   U   A OP1   1 ? 
ATOM   65  O  OP2   . U   A 1 8  ? -7.816  2.244   3.567   1.000 20.420 0 8   U   A OP2   1 ? 
ATOM   66  O  "O5'" . U   A 1 8  ? -9.500  0.550   3.382   1.000 22.487 0 8   U   A "O5'" 1 ? 
ATOM   67  C  "C5'" . U   A 1 8  ? -10.832 0.032   3.535   1.000 25.546 0 8   U   A "C5'" 1 ? 
ATOM   68  C  "C4'" . U   A 1 8  ? -10.801 -1.455  3.373   1.000 26.738 0 8   U   A "C4'" 1 ? 
ATOM   69  O  "O4'" . U   A 1 8  ? -10.287 -1.772  2.052   1.000 26.262 0 8   U   A "O4'" 1 ? 
ATOM   70  C  "C3'" . U   A 1 8  ? -9.875  -2.223  4.309   1.000 29.468 0 8   U   A "C3'" 1 ? 
ATOM   71  O  "O3'" . U   A 1 8  ? -10.360 -2.527  5.617   1.000 31.259 0 8   U   A "O3'" 1 ? 
ATOM   72  C  "C2'" . U   A 1 8  ? -9.707  -3.518  3.543   1.000 28.988 0 8   U   A "C2'" 1 ? 
ATOM   73  O  "O2'" . U   A 1 8  ? -10.833 -4.361  3.691   1.000 31.627 0 8   U   A "O2'" 1 ? 
ATOM   74  C  "C1'" . U   A 1 8  ? -9.579  -2.995  2.110   1.000 26.935 0 8   U   A "C1'" 1 ? 
ATOM   75  N  N1    . U   A 1 8  ? -8.178  -2.755  1.737   1.000 25.798 0 8   U   A N1    1 ? 
ATOM   76  C  C2    . U   A 1 8  ? -7.439  -3.849  1.342   1.000 23.983 0 8   U   A C2    1 ? 
ATOM   77  O  O2    . U   A 1 8  ? -7.900  -4.974  1.287   1.000 28.268 0 8   U   A O2    1 ? 
ATOM   78  N  N3    . U   A 1 8  ? -6.136  -3.579  1.017   1.000 23.543 0 8   U   A N3    1 ? 
ATOM   79  C  C4    . U   A 1 8  ? -5.501  -2.356  1.061   1.000 21.892 0 8   U   A C4    1 ? 
ATOM   80  O  O4    . U   A 1 8  ? -4.317  -2.278  0.738   1.000 17.932 0 8   U   A O4    1 ? 
ATOM   81  C  C5    . U   A 1 8  ? -6.322  -1.278  1.522   1.000 22.640 0 8   U   A C5    1 ? 
ATOM   82  C  C6    . U   A 1 8  ? -7.602  -1.509  1.834   1.000 24.820 0 8   U   A C6    1 ? 
ATOM   83  P  P     . A   A 1 9  ? -9.359  -2.642  6.863   1.000 31.203 0 9   A   A P     1 ? 
ATOM   84  O  OP1   . A   A 1 9  ? -10.172 -2.866  8.083   1.000 33.103 0 9   A   A OP1   1 ? 
ATOM   85  O  OP2   . A   A 1 9  ? -8.412  -1.492  6.816   1.000 31.695 0 9   A   A OP2   1 ? 
ATOM   86  O  "O5'" . A   A 1 9  ? -8.615  -4.030  6.647   1.000 31.859 0 9   A   A "O5'" 1 ? 
ATOM   87  C  "C5'" . A   A 1 9  ? -9.348  -5.262  6.800   1.000 28.553 0 9   A   A "C5'" 1 ? 
ATOM   88  C  "C4'" . A   A 1 9  ? -8.452  -6.459  6.670   1.000 29.822 0 9   A   A "C4'" 1 ? 
ATOM   89  O  "O4'" . A   A 1 9  ? -8.005  -6.590  5.295   1.000 26.517 0 9   A   A "O4'" 1 ? 
ATOM   90  C  "C3'" . A   A 1 9  ? -7.168  -6.487  7.492   1.000 28.437 0 9   A   A "C3'" 1 ? 
ATOM   91  O  "O3'" . A   A 1 9  ? -7.428  -6.851  8.847   1.000 29.629 0 9   A   A "O3'" 1 ? 
ATOM   92  C  "C2'" . A   A 1 9  ? -6.360  -7.512  6.714   1.000 29.764 0 9   A   A "C2'" 1 ? 
ATOM   93  O  "O2'" . A   A 1 9  ? -6.724  -8.876  6.924   1.000 32.009 0 9   A   A "O2'" 1 ? 
ATOM   94  C  "C1'" . A   A 1 9  ? -6.692  -7.094  5.280   1.000 29.356 0 9   A   A "C1'" 1 ? 
ATOM   95  N  N9    . A   A 1 9  ? -5.827  -6.029  4.779   1.000 26.089 0 9   A   A N9    1 ? 
ATOM   96  C  C8    . A   A 1 9  ? -6.007  -4.669  4.794   1.000 27.007 0 9   A   A C8    1 ? 
ATOM   97  N  N7    . A   A 1 9  ? -5.029  -4.002  4.234   1.000 25.058 0 9   A   A N7    1 ? 
ATOM   98  C  C5    . A   A 1 9  ? -4.151  -4.992  3.814   1.000 24.652 0 9   A   A C5    1 ? 
ATOM   99  C  C6    . A   A 1 9  ? -2.911  -4.939  3.168   1.000 25.894 0 9   A   A C6    1 ? 
ATOM   100 N  N6    . A   A 1 9  ? -2.328  -3.804  2.786   1.000 23.379 0 9   A   A N6    1 ? 
ATOM   101 N  N1    . A   A 1 9  ? -2.295  -6.111  2.891   1.000 26.743 0 9   A   A N1    1 ? 
ATOM   102 C  C2    . A   A 1 9  ? -2.892  -7.252  3.262   1.000 26.065 0 9   A   A C2    1 ? 
ATOM   103 N  N3    . A   A 1 9  ? -4.046  -7.427  3.896   1.000 23.463 0 9   A   A N3    1 ? 
ATOM   104 C  C4    . A   A 1 9  ? -4.630  -6.244  4.149   1.000 27.180 0 9   A   A C4    1 ? 
ATOM   105 P  P     . A   A 1 10 ? -6.465  -6.367  10.038  1.000 27.727 0 10  A   A P     1 ? 
ATOM   106 O  OP1   . A   A 1 10 ? -7.101  -6.797  11.332  1.000 30.147 0 10  A   A OP1   1 ? 
ATOM   107 O  OP2   . A   A 1 10 ? -6.160  -4.928  9.850   1.000 32.367 0 10  A   A OP2   1 ? 
ATOM   108 O  "O5'" . A   A 1 10 ? -5.140  -7.228  9.848   1.000 28.160 0 10  A   A "O5'" 1 ? 
ATOM   109 C  "C5'" . A   A 1 10 ? -5.169  -8.645  10.075  1.000 27.185 0 10  A   A "C5'" 1 ? 
ATOM   110 C  "C4'" . A   A 1 10 ? -3.908  -9.275  9.556   1.000 28.447 0 10  A   A "C4'" 1 ? 
ATOM   111 O  "O4'" . A   A 1 10 ? -3.820  -9.111  8.111   1.000 26.696 0 10  A   A "O4'" 1 ? 
ATOM   112 C  "C3'" . A   A 1 10 ? -2.600  -8.679  10.062  1.000 28.001 0 10  A   A "C3'" 1 ? 
ATOM   113 O  "O3'" . A   A 1 10 ? -2.326  -9.104  11.388  1.000 29.672 0 10  A   A "O3'" 1 ? 
ATOM   114 C  "C2'" . A   A 1 10 ? -1.630  -9.181  9.004   1.000 27.637 0 10  A   A "C2'" 1 ? 
ATOM   115 O  "O2'" . A   A 1 10 ? -1.119  -10.505 9.100   1.000 29.203 0 10  A   A "O2'" 1 ? 
ATOM   116 C  "C1'" . A   A 1 10 ? -2.462  -8.961  7.739   1.000 26.256 0 10  A   A "C1'" 1 ? 
ATOM   117 N  N9    . A   A 1 10 ? -2.259  -7.595  7.258   1.000 25.855 0 10  A   A N9    1 ? 
ATOM   118 C  C8    . A   A 1 10 ? -3.001  -6.468  7.511   1.000 23.358 0 10  A   A C8    1 ? 
ATOM   119 N  N7    . A   A 1 10 ? -2.506  -5.380  6.974   1.000 22.800 0 10  A   A N7    1 ? 
ATOM   120 C  C5    . A   A 1 10 ? -1.355  -5.816  6.337   1.000 23.625 0 10  A   A C5    1 ? 
ATOM   121 C  C6    . A   A 1 10 ? -0.386  -5.144  5.572   1.000 23.682 0 10  A   A C6    1 ? 
ATOM   122 N  N6    . A   A 1 10 ? -0.419  -3.833  5.329   1.000 24.316 0 10  A   A N6    1 ? 
ATOM   123 N  N1    . A   A 1 10 ? 0.648   -5.868  5.088   1.000 23.192 0 10  A   A N1    1 ? 
ATOM   124 C  C2    . A   A 1 10 ? 0.672   -7.187  5.323   1.000 24.770 0 10  A   A C2    1 ? 
ATOM   125 N  N3    . A   A 1 10 ? -0.186  -7.934  6.018   1.000 22.962 0 10  A   A N3    1 ? 
ATOM   126 C  C4    . A   A 1 10 ? -1.183  -7.176  6.512   1.000 23.422 0 10  A   A C4    1 ? 
ATOM   127 P  P     . G   A 1 11 ? -1.413  -8.210  12.383  1.000 29.255 0 11  G   A P     1 ? 
ATOM   128 O  OP1   . G   A 1 11 ? -1.387  -8.906  13.744  1.000 30.921 0 11  G   A OP1   1 ? 
ATOM   129 O  OP2   . G   A 1 11 ? -1.905  -6.796  12.405  1.000 26.666 0 11  G   A OP2   1 ? 
ATOM   130 O  "O5'" . G   A 1 11 ? 0.069   -8.291  11.795  1.000 26.709 0 11  G   A "O5'" 1 ? 
ATOM   131 C  "C5'" . G   A 1 11 ? 0.731   -9.556  11.728  1.000 27.808 0 11  G   A "C5'" 1 ? 
ATOM   132 C  "C4'" . G   A 1 11 ? 1.993   -9.364  10.940  1.000 28.032 0 11  G   A "C4'" 1 ? 
ATOM   133 O  "O4'" . G   A 1 11 ? 1.638   -8.908  9.608   1.000 26.648 0 11  G   A "O4'" 1 ? 
ATOM   134 C  "C3'" . G   A 1 11 ? 2.950   -8.274  11.434  1.000 27.132 0 11  G   A "C3'" 1 ? 
ATOM   135 O  "O3'" . G   A 1 11 ? 3.707   -8.700  12.561  1.000 25.881 0 11  G   A "O3'" 1 ? 
ATOM   136 C  "C2'" . G   A 1 11 ? 3.777   -8.117  10.160  1.000 24.824 0 11  G   A "C2'" 1 ? 
ATOM   137 O  "O2'" . G   A 1 11 ? 4.600   -9.238  9.924   1.000 27.596 0 11  G   A "O2'" 1 ? 
ATOM   138 C  "C1'" . G   A 1 11 ? 2.667   -8.079  9.112   1.000 24.003 0 11  G   A "C1'" 1 ? 
ATOM   139 N  N9    . G   A 1 11 ? 2.146   -6.740  8.876   1.000 20.627 0 11  G   A N9    1 ? 
ATOM   140 C  C8    . G   A 1 11 ? 0.983   -6.158  9.313   1.000 17.531 0 11  G   A C8    1 ? 
ATOM   141 N  N7    . G   A 1 11 ? 0.844   -4.911  8.924   1.000 19.545 0 11  G   A N7    1 ? 
ATOM   142 C  C5    . G   A 1 11 ? 1.989   -4.667  8.173   1.000 17.475 0 11  G   A C5    1 ? 
ATOM   143 C  C6    . G   A 1 11 ? 2.393   -3.499  7.472   1.000 17.092 0 11  G   A C6    1 ? 
ATOM   144 O  O6    . G   A 1 11 ? 1.794   -2.425  7.374   1.000 14.507 0 11  G   A O6    1 ? 
ATOM   145 N  N1    . G   A 1 11 ? 3.619   -3.689  6.858   1.000 16.935 0 11  G   A N1    1 ? 
ATOM   146 C  C2    . G   A 1 11 ? 4.370   -4.835  6.879   1.000 17.387 0 11  G   A C2    1 ? 
ATOM   147 N  N2    . G   A 1 11 ? 5.525   -4.809  6.204   1.000 18.642 0 11  G   A N2    1 ? 
ATOM   148 N  N3    . G   A 1 11 ? 3.974   -5.949  7.497   1.000 18.019 0 11  G   A N3    1 ? 
ATOM   149 C  C4    . G   A 1 11 ? 2.791   -5.779  8.126   1.000 17.576 0 11  G   A C4    1 ? 
ATOM   150 P  P     . U   A 1 12 ? 4.308   -7.638  13.608  1.000 25.987 0 12  U   A P     1 ? 
ATOM   151 O  OP1   . U   A 1 12 ? 4.821   -8.407  14.781  1.000 27.480 0 12  U   A OP1   1 ? 
ATOM   152 O  OP2   . U   A 1 12 ? 3.300   -6.592  13.842  1.000 21.853 0 12  U   A OP2   1 ? 
ATOM   153 O  "O5'" . U   A 1 12 ? 5.594   -7.076  12.861  1.000 25.375 0 12  U   A "O5'" 1 ? 
ATOM   154 C  "C5'" . U   A 1 12 ? 6.592   -7.930  12.306  1.000 22.863 0 12  U   A "C5'" 1 ? 
ATOM   155 C  "C4'" . U   A 1 12 ? 7.561   -7.096  11.502  1.000 22.643 0 12  U   A "C4'" 1 ? 
ATOM   156 O  "O4'" . U   A 1 12 ? 6.912   -6.638  10.281  1.000 22.114 0 12  U   A "O4'" 1 ? 
ATOM   157 C  "C3'" . U   A 1 12 ? 8.041   -5.807  12.154  1.000 21.534 0 12  U   A "C3'" 1 ? 
ATOM   158 O  "O3'" . U   A 1 12 ? 9.049   -5.977  13.160  1.000 20.224 0 12  U   A "O3'" 1 ? 
ATOM   159 C  "C2'" . U   A 1 12 ? 8.513   -5.024  10.935  1.000 20.214 0 12  U   A "C2'" 1 ? 
ATOM   160 O  "O2'" . U   A 1 12 ? 9.705   -5.524  10.351  1.000 20.723 0 12  U   A "O2'" 1 ? 
ATOM   161 C  "C1'" . U   A 1 12 ? 7.380   -5.321  9.961   1.000 19.146 0 12  U   A "C1'" 1 ? 
ATOM   162 N  N1    . U   A 1 12 ? 6.266   -4.353  10.025  1.000 17.602 0 12  U   A N1    1 ? 
ATOM   163 C  C2    . U   A 1 12 ? 6.457   -3.169  9.327   1.000 16.829 0 12  U   A C2    1 ? 
ATOM   164 O  O2    . U   A 1 12 ? 7.511   -2.895  8.787   1.000 15.180 0 12  U   A O2    1 ? 
ATOM   165 N  N3    . U   A 1 12 ? 5.414   -2.281  9.391   1.000 15.084 0 12  U   A N3    1 ? 
ATOM   166 C  C4    . U   A 1 12 ? 4.199   -2.465  10.020  1.000 16.909 0 12  U   A C4    1 ? 
ATOM   167 O  O4    . U   A 1 12 ? 3.350   -1.573  9.977   1.000 16.091 0 12  U   A O4    1 ? 
ATOM   168 C  C5    . U   A 1 12 ? 4.071   -3.717  10.710  1.000 17.030 0 12  U   A C5    1 ? 
ATOM   169 C  C6    . U   A 1 12 ? 5.084   -4.597  10.687  1.000 17.367 0 12  U   A C6    1 ? 
ATOM   170 P  P     . C   A 1 13 ? 9.217   -4.904  14.325  1.000 20.333 0 13  C   A P     1 ? 
ATOM   171 O  OP1   . C   A 1 13 ? 10.220  -5.417  15.306  1.000 24.655 0 13  C   A OP1   1 ? 
ATOM   172 O  OP2   . C   A 1 13 ? 7.873   -4.489  14.820  1.000 19.081 0 13  C   A OP2   1 ? 
ATOM   173 O  "O5'" . C   A 1 13 ? 9.872   -3.637  13.609  1.000 19.299 0 13  C   A "O5'" 1 ? 
ATOM   174 C  "C5'" . C   A 1 13 ? 11.129  -3.688  12.923  1.000 16.248 0 13  C   A "C5'" 1 ? 
ATOM   175 C  "C4'" . C   A 1 13 ? 11.292  -2.400  12.148  1.000 15.572 0 13  C   A "C4'" 1 ? 
ATOM   176 O  "O4'" . C   A 1 13 ? 10.224  -2.292  11.171  1.000 13.699 0 13  C   A "O4'" 1 ? 
ATOM   177 C  "C3'" . C   A 1 13 ? 11.164  -1.106  12.935  1.000 14.607 0 13  C   A "C3'" 1 ? 
ATOM   178 O  "O3'" . C   A 1 13 ? 12.352  -0.842  13.676  1.000 17.320 0 13  C   A "O3'" 1 ? 
ATOM   179 C  "C2'" . C   A 1 13 ? 10.893  -0.103  11.808  1.000 12.984 0 13  C   A "C2'" 1 ? 
ATOM   180 O  "O2'" . C   A 1 13 ? 12.022  0.108   10.994  1.000 11.625 0 13  C   A "O2'" 1 ? 
ATOM   181 C  "C1'" . C   A 1 13 ? 9.906   -0.900  10.966  1.000 12.452 0 13  C   A "C1'" 1 ? 
ATOM   182 N  N1    . C   A 1 13 ? 8.493   -0.655  11.335  1.000 11.470 0 13  C   A N1    1 ? 
ATOM   183 C  C2    . C   A 1 13 ? 7.879   0.501   10.840  1.000 11.167 0 13  C   A C2    1 ? 
ATOM   184 O  O2    . C   A 1 13 ? 8.525   1.235   10.088  1.000 9.205  0 13  C   A O2    1 ? 
ATOM   185 N  N3    . C   A 1 13 ? 6.585   0.750   11.150  1.000 10.623 0 13  C   A N3    1 ? 
ATOM   186 C  C4    . C   A 1 13 ? 5.935   -0.061  11.993  1.000 11.238 0 13  C   A C4    1 ? 
ATOM   187 N  N4    . C   A 1 13 ? 4.657   0.207   12.258  1.000 10.671 0 13  C   A N4    1 ? 
ATOM   188 C  C5    . C   A 1 13 ? 6.551   -1.219  12.546  1.000 10.632 0 13  C   A C5    1 ? 
ATOM   189 C  C6    . C   A 1 13 ? 7.825   -1.464  12.212  1.000 11.159 0 13  C   A C6    1 ? 
ATOM   190 P  P     . A   B 1 5  ? 2.854   6.905   3.615   1.000 6.565  0 5   A   B P     1 ? 
ATOM   191 O  OP1   . A   B 1 5  ? 2.612   7.605   2.347   1.000 6.749  0 5   A   B OP1   1 ? 
ATOM   192 O  OP2   . A   B 1 5  ? 1.856   5.899   4.096   1.000 6.291  0 5   A   B OP2   1 ? 
ATOM   193 O  "O5'" . A   B 1 5  ? 4.221   6.077   3.528   1.000 6.472  0 5   A   B "O5'" 1 ? 
ATOM   194 C  "C5'" . A   B 1 5  ? 5.414   6.704   3.059   1.000 6.553  0 5   A   B "C5'" 1 ? 
ATOM   195 C  "C4'" . A   B 1 5  ? 6.579   5.768   3.257   1.000 6.331  0 5   A   B "C4'" 1 ? 
ATOM   196 O  "O4'" . A   B 1 5  ? 6.781   5.556   4.696   1.000 6.388  0 5   A   B "O4'" 1 ? 
ATOM   197 C  "C3'" . A   B 1 5  ? 6.413   4.347   2.736   1.000 6.466  0 5   A   B "C3'" 1 ? 
ATOM   198 O  "O3'" . A   B 1 5  ? 6.641   4.264   1.349   1.000 6.525  0 5   A   B "O3'" 1 ? 
ATOM   199 C  "C2'" . A   B 1 5  ? 7.469   3.626   3.544   1.000 6.407  0 5   A   B "C2'" 1 ? 
ATOM   200 O  "O2'" . A   B 1 5  ? 8.747   3.982   3.080   1.000 6.898  0 5   A   B "O2'" 1 ? 
ATOM   201 C  "C1'" . A   B 1 5  ? 7.190   4.208   4.926   1.000 6.829  0 5   A   B "C1'" 1 ? 
ATOM   202 N  N9    . A   B 1 5  ? 6.112   3.523   5.636   1.000 6.840  0 5   A   B N9    1 ? 
ATOM   203 C  C8    . A   B 1 5  ? 4.796   3.915   5.720   1.000 6.979  0 5   A   B C8    1 ? 
ATOM   204 N  N7    . A   B 1 5  ? 4.063   3.139   6.487   1.000 6.986  0 5   A   B N7    1 ? 
ATOM   205 C  C5    . A   B 1 5  ? 4.936   2.130   6.870   1.000 7.501  0 5   A   B C5    1 ? 
ATOM   206 C  C6    . A   B 1 5  ? 4.761   0.980   7.663   1.000 7.924  0 5   A   B C6    1 ? 
ATOM   207 N  N6    . A   B 1 5  ? 3.590   0.628   8.206   1.000 8.072  0 5   A   B N6    1 ? 
ATOM   208 N  N1    . A   B 1 5  ? 5.833   0.182   7.855   1.000 8.478  0 5   A   B N1    1 ? 
ATOM   209 C  C2    . A   B 1 5  ? 7.008   0.548   7.323   1.000 8.795  0 5   A   B C2    1 ? 
ATOM   210 N  N3    . A   B 1 5  ? 7.290   1.588   6.542   1.000 8.426  0 5   A   B N3    1 ? 
ATOM   211 C  C4    . A   B 1 5  ? 6.206   2.366   6.377   1.000 7.541  0 5   A   B C4    1 ? 
ATOM   212 P  P     . C   B 1 6  ? 5.919   3.176   0.449   1.000 6.550  0 6   C   B P     1 ? 
ATOM   213 O  OP1   . C   B 1 6  ? 6.203   3.554   -0.967  1.000 6.380  0 6   C   B OP1   1 ? 
ATOM   214 O  OP2   . C   B 1 6  ? 4.491   3.001   0.855   1.000 6.872  0 6   C   B OP2   1 ? 
ATOM   215 O  "O5'" . C   B 1 6  ? 6.615   1.795   0.842   1.000 7.180  0 6   C   B "O5'" 1 ? 
ATOM   216 C  "C5'" . C   B 1 6  ? 8.019   1.573   0.663   1.000 7.562  0 6   C   B "C5'" 1 ? 
ATOM   217 C  "C4'" . C   B 1 6  ? 8.441   0.349   1.446   1.000 8.225  0 6   C   B "C4'" 1 ? 
ATOM   218 O  "O4'" . C   B 1 6  ? 8.079   0.528   2.837   1.000 8.941  0 6   C   B "O4'" 1 ? 
ATOM   219 C  "C3'" . C   B 1 6  ? 7.763   -0.946  1.048   1.000 9.204  0 6   C   B "C3'" 1 ? 
ATOM   220 O  "O3'" . C   B 1 6  ? 8.376   -1.530  -0.095  1.000 10.008 0 6   C   B "O3'" 1 ? 
ATOM   221 C  "C2'" . C   B 1 6  ? 7.911   -1.784  2.317   1.000 9.513  0 6   C   B "C2'" 1 ? 
ATOM   222 O  "O2'" . C   B 1 6  ? 9.223   -2.216  2.504   1.000 10.457 0 6   C   B "O2'" 1 ? 
ATOM   223 C  "C1'" . C   B 1 6  ? 7.700   -0.728  3.399   1.000 9.529  0 6   C   B "C1'" 1 ? 
ATOM   224 N  N1    . C   B 1 6  ? 6.311   -0.641  3.846   1.000 9.816  0 6   C   B N1    1 ? 
ATOM   225 C  C2    . C   B 1 6  ? 5.861   -1.578  4.782   1.000 10.401 0 6   C   B C2    1 ? 
ATOM   226 O  O2    . C   B 1 6  ? 6.633   -2.487  5.134   1.000 11.491 0 6   C   B O2    1 ? 
ATOM   227 N  N3    . C   B 1 6  ? 4.593   -1.495  5.236   1.000 10.429 0 6   C   B N3    1 ? 
ATOM   228 C  C4    . C   B 1 6  ? 3.796   -0.505  4.817   1.000 10.182 0 6   C   B C4    1 ? 
ATOM   229 N  N4    . C   B 1 6  ? 2.543   -0.458  5.283   1.000 10.376 0 6   C   B N4    1 ? 
ATOM   230 C  C5    . C   B 1 6  ? 4.220   0.440   3.837   1.000 10.182 0 6   C   B C5    1 ? 
ATOM   231 C  C6    . C   B 1 6  ? 5.490   0.366   3.426   1.000 9.169  0 6   C   B C6    1 ? 
ATOM   232 P  P     . U   B 1 7  ? 7.550   -2.473  -1.041  1.000 12.144 0 7   U   B P     1 ? 
ATOM   233 O  OP1   . U   B 1 7  ? 8.473   -2.867  -2.141  1.000 13.692 0 7   U   B OP1   1 ? 
ATOM   234 O  OP2   . U   B 1 7  ? 6.198   -1.912  -1.332  1.000 11.311 0 7   U   B OP2   1 ? 
ATOM   235 O  "O5'" . U   B 1 7  ? 7.253   -3.766  -0.141  1.000 12.678 0 7   U   B "O5'" 1 ? 
ATOM   236 C  "C5'" . U   B 1 7  ? 8.305   -4.626  0.302   1.000 14.951 0 7   U   B "C5'" 1 ? 
ATOM   237 C  "C4'" . U   B 1 7  ? 7.717   -5.818  1.018   1.000 17.248 0 7   U   B "C4'" 1 ? 
ATOM   238 O  "O4'" . U   B 1 7  ? 7.181   -5.400  2.294   1.000 17.028 0 7   U   B "O4'" 1 ? 
ATOM   239 C  "C3'" . U   B 1 7  ? 6.546   -6.518  0.351   1.000 18.572 0 7   U   B "C3'" 1 ? 
ATOM   240 O  "O3'" . U   B 1 7  ? 7.012   -7.380  -0.673  1.000 20.182 0 7   U   B "O3'" 1 ? 
ATOM   241 C  "C2'" . U   B 1 7  ? 5.921   -7.246  1.529   1.000 18.366 0 7   U   B "C2'" 1 ? 
ATOM   242 O  "O2'" . U   B 1 7  ? 6.728   -8.339  1.941   1.000 19.627 0 7   U   B "O2'" 1 ? 
ATOM   243 C  "C1'" . U   B 1 7  ? 6.056   -6.190  2.618   1.000 17.023 0 7   U   B "C1'" 1 ? 
ATOM   244 N  N1    . U   B 1 7  ? 4.898   -5.307  2.772   1.000 15.893 0 7   U   B N1    1 ? 
ATOM   245 C  C2    . U   B 1 7  ? 3.832   -5.767  3.511   1.000 16.761 0 7   U   B C2    1 ? 
ATOM   246 O  O2    . U   B 1 7  ? 3.797   -6.885  4.002   1.000 19.635 0 7   U   B O2    1 ? 
ATOM   247 N  N3    . U   B 1 7  ? 2.797   -4.881  3.642   1.000 16.290 0 7   U   B N3    1 ? 
ATOM   248 C  C4    . U   B 1 7  ? 2.711   -3.612  3.113   1.000 15.855 0 7   U   B C4    1 ? 
ATOM   249 O  O4    . U   B 1 7  ? 1.700   -2.937  3.316   1.000 14.938 0 7   U   B O4    1 ? 
ATOM   250 C  C5    . U   B 1 7  ? 3.841   -3.218  2.333   1.000 14.981 0 7   U   B C5    1 ? 
ATOM   251 C  C6    . U   B 1 7  ? 4.873   -4.055  2.196   1.000 16.121 0 7   U   B C6    1 ? 
ATOM   252 P  P     . U   B 1 8  ? 6.077   -7.772  -1.894  1.000 20.464 0 8   U   B P     1 ? 
ATOM   253 O  OP1   . U   B 1 8  ? 6.921   -8.587  -2.815  1.000 21.095 0 8   U   B OP1   1 ? 
ATOM   254 O  OP2   . U   B 1 8  ? 5.364   -6.563  -2.421  1.000 20.265 0 8   U   B OP2   1 ? 
ATOM   255 O  "O5'" . U   B 1 8  ? 4.930   -8.622  -1.221  1.000 22.753 0 8   U   B "O5'" 1 ? 
ATOM   256 C  "C5'" . U   B 1 8  ? 5.210   -9.995  -0.877  1.000 25.803 0 8   U   B "C5'" 1 ? 
ATOM   257 C  "C4'" . U   B 1 8  ? 4.021   -10.568 -0.168  1.000 26.556 0 8   U   B "C4'" 1 ? 
ATOM   258 O  "O4'" . U   B 1 8  ? 3.758   -9.752  1.002   1.000 26.068 0 8   U   B "O4'" 1 ? 
ATOM   259 C  "C3'" . U   B 1 8  ? 2.693   -10.536 -0.918  1.000 28.335 0 8   U   B "C3'" 1 ? 
ATOM   260 O  "O3'" . U   B 1 8  ? 2.416   -11.579 -1.848  1.000 30.249 0 8   U   B "O3'" 1 ? 
ATOM   261 C  "C2'" . U   B 1 8  ? 1.708   -10.661 0.227   1.000 28.463 0 8   U   B "C2'" 1 ? 
ATOM   262 O  "O2'" . U   B 1 8  ? 1.567   -11.987 0.706   1.000 30.775 0 8   U   B "O2'" 1 ? 
ATOM   263 C  "C1'" . U   B 1 8  ? 2.369   -9.763  1.276   1.000 26.236 0 8   U   B "C1'" 1 ? 
ATOM   264 N  N1    . U   B 1 8  ? 1.847   -8.390  1.236   1.000 24.549 0 8   U   B N1    1 ? 
ATOM   265 C  C2    . U   B 1 8  ? 0.622   -8.187  1.826   1.000 23.065 0 8   U   B C2    1 ? 
ATOM   266 O  O2    . U   B 1 8  ? -0.009  -9.084  2.359   1.000 26.918 0 8   U   B O2    1 ? 
ATOM   267 N  N3    . U   B 1 8  ? 0.153   -6.899  1.761   1.000 22.618 0 8   U   B N3    1 ? 
ATOM   268 C  C4    . U   B 1 8  ? 0.763   -5.820  1.159   1.000 20.950 0 8   U   B C4    1 ? 
ATOM   269 O  O4    . U   B 1 8  ? 0.206   -4.719  1.180   1.000 18.661 0 8   U   B O4    1 ? 
ATOM   270 C  C5    . U   B 1 8  ? 2.013   -6.119  0.529   1.000 21.951 0 8   U   B C5    1 ? 
ATOM   271 C  C6    . U   B 1 8  ? 2.499   -7.366  0.583   1.000 24.581 0 8   U   B C6    1 ? 
ATOM   272 P  P     . A   B 1 9  ? 1.499   -11.314 -3.141  1.000 29.332 0 9   A   B P     1 ? 
ATOM   273 O  OP1   . A   B 1 9  ? 1.557   -12.535 -3.984  1.000 32.955 0 9   A   B OP1   1 ? 
ATOM   274 O  OP2   . A   B 1 9  ? 1.897   -10.010 -3.747  1.000 31.324 0 9   A   B OP2   1 ? 
ATOM   275 O  "O5'" . A   B 1 9  ? 0.016   -11.267 -2.564  1.000 30.963 0 9   A   B "O5'" 1 ? 
ATOM   276 C  "C5'" . A   B 1 9  ? -0.675  -12.486 -2.226  1.000 27.840 0 9   A   B "C5'" 1 ? 
ATOM   277 C  "C4'" . A   B 1 9  ? -2.091  -12.215 -1.789  1.000 29.410 0 9   A   B "C4'" 1 ? 
ATOM   278 O  "O4'" . A   B 1 9  ? -2.106  -11.389 -0.596  1.000 25.919 0 9   A   B "O4'" 1 ? 
ATOM   279 C  "C3'" . A   B 1 9  ? -3.008  -11.484 -2.761  1.000 27.185 0 9   A   B "C3'" 1 ? 
ATOM   280 O  "O3'" . A   B 1 9  ? -3.444  -12.378 -3.781  1.000 29.417 0 9   A   B "O3'" 1 ? 
ATOM   281 C  "C2'" . A   B 1 9  ? -4.099  -10.998 -1.814  1.000 28.784 0 9   A   B "C2'" 1 ? 
ATOM   282 O  "O2'" . A   B 1 9  ? -5.128  -11.926 -1.448  1.000 29.256 0 9   A   B "O2'" 1 ? 
ATOM   283 C  "C1'" . A   B 1 9  ? -3.248  -10.561 -0.618  1.000 27.852 0 9   A   B "C1'" 1 ? 
ATOM   284 N  N9    . A   B 1 9  ? -2.774  -9.186  -0.748  1.000 25.486 0 9   A   B N9    1 ? 
ATOM   285 C  C8    . A   B 1 9  ? -1.580  -8.728  -1.246  1.000 25.352 0 9   A   B C8    1 ? 
ATOM   286 N  N7    . A   B 1 9  ? -1.463  -7.424  -1.220  1.000 24.685 0 9   A   B N7    1 ? 
ATOM   287 C  C5    . A   B 1 9  ? -2.656  -6.996  -0.654  1.000 23.828 0 9   A   B C5    1 ? 
ATOM   288 C  C6    . A   B 1 9  ? -3.155  -5.722  -0.356  1.000 25.564 0 9   A   B C6    1 ? 
ATOM   289 N  N6    . A   B 1 9  ? -2.477  -4.595  -0.578  1.000 24.256 0 9   A   B N6    1 ? 
ATOM   290 N  N1    . A   B 1 9  ? -4.380  -5.644  0.207   1.000 25.840 0 9   A   B N1    1 ? 
ATOM   291 C  C2    . A   B 1 9  ? -5.051  -6.779  0.446   1.000 25.338 0 9   A   B C2    1 ? 
ATOM   292 N  N3    . A   B 1 9  ? -4.693  -8.033  0.193   1.000 23.304 0 9   A   B N3    1 ? 
ATOM   293 C  C4    . A   B 1 9  ? -3.474  -8.072  -0.365  1.000 25.619 0 9   A   B C4    1 ? 
ATOM   294 P  P     . A   B 1 10 ? -3.779  -11.846 -5.260  1.000 27.608 0 10  A   B P     1 ? 
ATOM   295 O  OP1   . A   B 1 10 ? -4.009  -13.046 -6.128  1.000 29.697 0 10  A   B OP1   1 ? 
ATOM   296 O  OP2   . A   B 1 10 ? -2.741  -10.881 -5.673  1.000 30.575 0 10  A   B OP2   1 ? 
ATOM   297 O  "O5'" . A   B 1 10 ? -5.169  -11.091 -5.100  1.000 28.261 0 10  A   B "O5'" 1 ? 
ATOM   298 C  "C5'" . A   B 1 10 ? -6.350  -11.832 -4.768  1.000 27.743 0 10  A   B "C5'" 1 ? 
ATOM   299 C  "C4'" . A   B 1 10 ? -7.426  -10.895 -4.297  1.000 29.387 0 10  A   B "C4'" 1 ? 
ATOM   300 O  "O4'" . A   B 1 10 ? -7.008  -10.208 -3.079  1.000 28.434 0 10  A   B "O4'" 1 ? 
ATOM   301 C  "C3'" . A   B 1 10 ? -7.781  -9.759  -5.240  1.000 28.962 0 10  A   B "C3'" 1 ? 
ATOM   302 O  "O3'" . A   B 1 10 ? -8.539  -10.254 -6.338  1.000 30.169 0 10  A   B "O3'" 1 ? 
ATOM   303 C  "C2'" . A   B 1 10 ? -8.485  -8.809  -4.281  1.000 28.842 0 10  A   B "C2'" 1 ? 
ATOM   304 O  "O2'" . A   B 1 10 ? -9.832  -9.088  -3.921  1.000 31.438 0 10  A   B "O2'" 1 ? 
ATOM   305 C  "C1'" . A   B 1 10 ? -7.557  -8.901  -3.070  1.000 27.244 0 10  A   B "C1'" 1 ? 
ATOM   306 N  N9    . A   B 1 10 ? -6.465  -7.932  -3.187  1.000 25.880 0 10  A   B N9    1 ? 
ATOM   307 C  C8    . A   B 1 10 ? -5.193  -8.116  -3.665  1.000 22.785 0 10  A   B C8    1 ? 
ATOM   308 N  N7    . A   B 1 10 ? -4.480  -7.017  -3.701  1.000 22.672 0 10  A   B N7    1 ? 
ATOM   309 C  C5    . A   B 1 10 ? -5.336  -6.047  -3.207  1.000 22.756 0 10  A   B C5    1 ? 
ATOM   310 C  C6    . A   B 1 10 ? -5.166  -4.671  -2.965  1.000 22.695 0 10  A   B C6    1 ? 
ATOM   311 N  N6    . A   B 1 10 ? -4.036  -4.012  -3.225  1.000 23.754 0 10  A   B N6    1 ? 
ATOM   312 N  N1    . A   B 1 10 ? -6.227  -3.980  -2.494  1.000 22.195 0 10  A   B N1    1 ? 
ATOM   313 C  C2    . A   B 1 10 ? -7.360  -4.648  -2.232  1.000 24.058 0 10  A   B C2    1 ? 
ATOM   314 N  N3    . A   B 1 10 ? -7.630  -5.945  -2.387  1.000 22.585 0 10  A   B N3    1 ? 
ATOM   315 C  C4    . A   B 1 10 ? -6.566  -6.593  -2.893  1.000 23.127 0 10  A   B C4    1 ? 
ATOM   316 P  P     . G   B 1 11 ? -8.574  -9.460  -7.748  1.000 29.997 0 11  G   B P     1 ? 
ATOM   317 O  OP1   . G   B 1 11 ? -9.448  -10.247 -8.714  1.000 31.066 0 11  G   B OP1   1 ? 
ATOM   318 O  OP2   . G   B 1 11 ? -7.185  -9.195  -8.216  1.000 25.789 0 11  G   B OP2   1 ? 
ATOM   319 O  "O5'" . G   B 1 11 ? -9.316  -8.080  -7.437  1.000 26.961 0 11  G   B "O5'" 1 ? 
ATOM   320 C  "C5'" . G   B 1 11 ? -10.701 -8.085  -7.089  1.000 28.054 0 11  G   B "C5'" 1 ? 
ATOM   321 C  "C4'" . G   B 1 11 ? -11.049 -6.676  -6.712  1.000 27.965 0 11  G   B "C4'" 1 ? 
ATOM   322 O  "O4'" . G   B 1 11 ? -10.174 -6.267  -5.629  1.000 26.676 0 11  G   B "O4'" 1 ? 
ATOM   323 C  "C3'" . G   B 1 11 ? -10.780 -5.611  -7.776  1.000 26.711 0 11  G   B "C3'" 1 ? 
ATOM   324 O  "O3'" . G   B 1 11 ? -11.771 -5.613  -8.797  1.000 25.593 0 11  G   B "O3'" 1 ? 
ATOM   325 C  "C2'" . G   B 1 11 ? -10.826 -4.389  -6.867  1.000 24.236 0 11  G   B "C2'" 1 ? 
ATOM   326 O  "O2'" . G   B 1 11 ? -12.136 -4.144  -6.405  1.000 26.157 0 11  G   B "O2'" 1 ? 
ATOM   327 C  "C1'" . G   B 1 11 ? -9.957  -4.876  -5.711  1.000 24.063 0 11  G   B "C1'" 1 ? 
ATOM   328 N  N9    . G   B 1 11 ? -8.534  -4.608  -5.894  1.000 20.739 0 11  G   B N9    1 ? 
ATOM   329 C  C8    . G   B 1 11 ? -7.518  -5.451  -6.266  1.000 17.754 0 11  G   B C8    1 ? 
ATOM   330 N  N7    . G   B 1 11 ? -6.349  -4.858  -6.353  1.000 18.590 0 11  G   B N7    1 ? 
ATOM   331 C  C5    . G   B 1 11 ? -6.622  -3.540  -6.007  1.000 17.045 0 11  G   B C5    1 ? 
ATOM   332 C  C6    . G   B 1 11 ? -5.751  -2.425  -5.899  1.000 16.528 0 11  G   B C6    1 ? 
ATOM   333 O  O6    . G   B 1 11 ? -4.529  -2.394  -6.090  1.000 15.106 0 11  G   B O6    1 ? 
ATOM   334 N  N1    . G   B 1 11 ? -6.451  -1.292  -5.506  1.000 16.413 0 11  G   B N1    1 ? 
ATOM   335 C  C2    . G   B 1 11 ? -7.802  -1.207  -5.271  1.000 16.798 0 11  G   B C2    1 ? 
ATOM   336 N  N2    . G   B 1 11 ? -8.287  -0.016  -4.906  1.000 17.897 0 11  G   B N2    1 ? 
ATOM   337 N  N3    . G   B 1 11 ? -8.613  -2.258  -5.330  1.000 17.587 0 11  G   B N3    1 ? 
ATOM   338 C  C4    . G   B 1 11 ? -7.952  -3.377  -5.707  1.000 17.283 0 11  G   B C4    1 ? 
ATOM   339 P  P     . U   B 1 12 ? -11.455 -5.038  -10.254 1.000 26.061 0 12  U   B P     1 ? 
ATOM   340 O  OP1   . U   B 1 12 ? -12.597 -5.422  -11.140 1.000 25.223 0 12  U   B OP1   1 ? 
ATOM   341 O  OP2   . U   B 1 12 ? -10.094 -5.457  -10.643 1.000 22.348 0 12  U   B OP2   1 ? 
ATOM   342 O  "O5'" . U   B 1 12 ? -11.550 -3.462  -10.054 1.000 24.707 0 12  U   B "O5'" 1 ? 
ATOM   343 C  "C5'" . U   B 1 12 ? -12.698 -2.822  -9.504  1.000 22.671 0 12  U   B "C5'" 1 ? 
ATOM   344 C  "C4'" . U   B 1 12 ? -12.376 -1.368  -9.269  1.000 22.694 0 12  U   B "C4'" 1 ? 
ATOM   345 O  "O4'" . U   B 1 12 ? -11.387 -1.267  -8.204  1.000 22.769 0 12  U   B "O4'" 1 ? 
ATOM   346 C  "C3'" . U   B 1 12 ? -11.716 -0.631  -10.425 1.000 21.743 0 12  U   B "C3'" 1 ? 
ATOM   347 O  "O3'" . U   B 1 12 ? -12.630 -0.271  -11.468 1.000 20.405 0 12  U   B "O3'" 1 ? 
ATOM   348 C  "C2'" . U   B 1 12 ? -11.089 0.547   -9.690  1.000 20.729 0 12  U   B "C2'" 1 ? 
ATOM   349 O  "O2'" . U   B 1 12 ? -12.024 1.508   -9.233  1.000 21.702 0 12  U   B "O2'" 1 ? 
ATOM   350 C  "C1'" . U   B 1 12 ? -10.520 -0.160  -8.465  1.000 20.053 0 12  U   B "C1'" 1 ? 
ATOM   351 N  N1    . U   B 1 12 ? -9.134  -0.638  -8.640  1.000 17.992 0 12  U   B N1    1 ? 
ATOM   352 C  C2    . U   B 1 12 ? -8.141  0.317   -8.485  1.000 17.036 0 12  U   B C2    1 ? 
ATOM   353 O  O2    . U   B 1 12 ? -8.393  1.488   -8.296  1.000 15.045 0 12  U   B O2    1 ? 
ATOM   354 N  N3    . U   B 1 12 ? -6.860  -0.140  -8.667  1.000 15.707 0 12  U   B N3    1 ? 
ATOM   355 C  C4    . U   B 1 12 ? -6.467  -1.436  -8.941  1.000 17.689 0 12  U   B C4    1 ? 
ATOM   356 O  O4    . U   B 1 12 ? -5.268  -1.699  -9.060  1.000 18.258 0 12  U   B O4    1 ? 
ATOM   357 C  C5    . U   B 1 12 ? -7.552  -2.365  -9.091  1.000 17.899 0 12  U   B C5    1 ? 
ATOM   358 C  C6    . U   B 1 12 ? -8.814  -1.943  -8.941  1.000 18.140 0 12  U   B C6    1 ? 
ATOM   359 P  P     . C   B 1 13 ? -12.136 -0.118  -12.970 1.000 20.614 0 13  C   B P     1 ? 
ATOM   360 O  OP1   . C   B 1 13 ? -13.330 0.091   -13.842 1.000 25.203 0 13  C   B OP1   1 ? 
ATOM   361 O  OP2   . C   B 1 13 ? -11.173 -1.215  -13.299 1.000 19.795 0 13  C   B OP2   1 ? 
ATOM   362 O  "O5'" . C   B 1 13 ? -11.308 1.244   -12.973 1.000 20.230 0 13  C   B "O5'" 1 ? 
ATOM   363 C  "C5'" . C   B 1 13 ? -11.875 2.476   -12.501 1.000 16.458 0 13  C   B "C5'" 1 ? 
ATOM   364 C  "C4'" . C   B 1 13 ? -10.760 3.478   -12.329 1.000 16.200 0 13  C   B "C4'" 1 ? 
ATOM   365 O  "O4'" . C   B 1 13 ? -9.866  3.045   -11.265 1.000 14.594 0 13  C   B "O4'" 1 ? 
ATOM   366 C  "C3'" . C   B 1 13 ? -9.825  3.667   -13.510 1.000 15.333 0 13  C   B "C3'" 1 ? 
ATOM   367 O  "O3'" . C   B 1 13 ? -10.423 4.469   -14.527 1.000 17.329 0 13  C   B "O3'" 1 ? 
ATOM   368 C  "C2'" . C   B 1 13 ? -8.628  4.336   -12.826 1.000 13.354 0 13  C   B "C2'" 1 ? 
ATOM   369 O  "O2'" . C   B 1 13 ? -8.927  5.654   -12.418 1.000 11.872 0 13  C   B "O2'" 1 ? 
ATOM   370 C  "C1'" . C   B 1 13 ? -8.537  3.503   -11.551 1.000 13.020 0 13  C   B "C1'" 1 ? 
ATOM   371 N  N1    . C   B 1 13 ? -7.635  2.338   -11.697 1.000 12.032 0 13  C   B N1    1 ? 
ATOM   372 C  C2    . C   B 1 13 ? -6.261  2.562   -11.560 1.000 11.622 0 13  C   B C2    1 ? 
ATOM   373 O  O2    . C   B 1 13 ? -5.875  3.702   -11.302 1.000 9.520  0 13  C   B O2    1 ? 
ATOM   374 N  N3    . C   B 1 13 ? -5.401  1.526   -11.698 1.000 11.315 0 13  C   B N3    1 ? 
ATOM   375 C  C4    . C   B 1 13 ? -5.868  0.309   -11.993 1.000 11.619 0 13  C   B C4    1 ? 
ATOM   376 N  N4    . C   B 1 13 ? -4.987  -0.685  -12.111 1.000 11.197 0 13  C   B N4    1 ? 
ATOM   377 C  C5    . C   B 1 13 ? -7.256  0.064   -12.197 1.000 11.059 0 13  C   B C5    1 ? 
ATOM   378 C  C6    . C   B 1 13 ? -8.099  1.096   -12.030 1.000 11.783 0 13  C   B C6    1 ? 
HETATM 379 O  "O5'" . LCC C 2 .  ? 6.699   -2.475  -12.653 1.000 8.567  0 101 LCC A "O5'" 1 ? 
HETATM 380 C  "C5'" . LCC C 2 .  ? 7.710   -1.511  -12.905 1.000 7.710  0 101 LCC A "C5'" 1 ? 
HETATM 381 C  "C4'" . LCC C 2 .  ? 6.931   -0.273  -13.378 1.000 7.096  0 101 LCC A "C4'" 1 ? 
HETATM 382 O  "O4'" . LCC C 2 .  ? 5.988   -0.517  -14.413 1.000 7.012  0 101 LCC A "O4'" 1 ? 
HETATM 383 C  "C1'" . LCC C 2 .  ? 4.925   0.507   -14.323 1.000 6.823  0 101 LCC A "C1'" 1 ? 
HETATM 384 N  N1    . LCC C 2 .  ? 3.626   -0.173  -14.098 1.000 6.479  0 101 LCC A N1    1 ? 
HETATM 385 C  C6    . LCC C 2 .  ? 3.549   -1.593  -13.768 1.000 6.914  0 101 LCC A C6    1 ? 
HETATM 386 C  C5    . LCC C 2 .  ? 2.292   -2.155  -13.650 1.000 6.880  0 101 LCC A C5    1 ? 
HETATM 387 C  C5M   . LCC C 2 .  ? 2.179   -3.550  -13.308 1.000 7.130  0 101 LCC A C5M   1 ? 
HETATM 388 C  C4    . LCC C 2 .  ? 1.206   -1.313  -13.944 1.000 7.366  0 101 LCC A C4    1 ? 
HETATM 389 N  N4    . LCC C 2 .  ? 0.002   -1.837  -13.902 1.000 7.617  0 101 LCC A N4    1 ? 
HETATM 390 N  N3    . LCC C 2 .  ? 1.323   0.007   -14.262 1.000 6.707  0 101 LCC A N3    1 ? 
HETATM 391 C  C2    . LCC C 2 .  ? 2.525   0.557   -14.319 1.000 6.785  0 101 LCC A C2    1 ? 
HETATM 392 O  O2    . LCC C 2 .  ? 2.621   1.794   -14.606 1.000 6.170  0 101 LCC A O2    1 ? 
HETATM 393 C  "C3'" . LCC C 2 .  ? 5.984   0.321   -12.338 1.000 7.078  0 101 LCC A "C3'" 1 ? 
HETATM 394 C  "C2'" . LCC C 2 .  ? 5.444   1.393   -13.239 1.000 6.980  0 101 LCC A "C2'" 1 ? 
HETATM 395 O  "O2'" . LCC C 2 .  ? 6.646   1.996   -13.696 1.000 7.392  0 101 LCC A "O2'" 1 ? 
HETATM 396 O  "O3'" . LCC C 2 .  ? 6.728   0.755   -11.205 1.000 7.569  0 101 LCC A "O3'" 1 ? 
HETATM 397 C  "C6'" . LCC C 2 .  ? 7.766   0.933   -13.798 1.000 7.186  0 101 LCC A "C6'" 1 ? 
HETATM 398 P  P     . LCC C 2 .  ? 7.039   -3.987  -12.269 1.000 9.820  0 101 LCC A P     1 ? 
HETATM 399 O  O1P   . LCC C 2 .  ? 5.783   -4.573  -11.914 1.000 10.071 0 101 LCC A O1P   1 ? 
HETATM 400 O  O2P   . LCC C 2 .  ? 8.139   -4.038  -11.278 1.000 10.792 0 101 LCC A O2P   1 ? 
HETATM 401 P  P     . LCG D 3 .  ? 6.174   0.802   -9.694  1.000 7.101  0 102 LCG A P     1 ? 
HETATM 402 O  OP1   . LCG D 3 .  ? 7.385   1.212   -8.895  1.000 7.581  0 102 LCG A OP1   1 ? 
HETATM 403 O  "O5'" . LCG D 3 .  ? 5.051   1.893   -9.729  1.000 7.731  0 102 LCG A "O5'" 1 ? 
HETATM 404 C  "C5'" . LCG D 3 .  ? 5.437   3.253   -9.971  1.000 6.944  0 102 LCG A "C5'" 1 ? 
HETATM 405 C  "C3'" . LCG D 3 .  ? 3.154   3.966   -9.030  1.000 6.801  0 102 LCG A "C3'" 1 ? 
HETATM 406 C  "C6'" . LCG D 3 .  ? 4.345   5.585   -10.278 1.000 7.347  0 102 LCG A "C6'" 1 ? 
HETATM 407 N  N9    . LCG D 3 .  ? 1.300   2.729   -11.042 1.000 6.900  0 102 LCG A N9    1 ? 
HETATM 408 C  C8    . LCG D 3 .  ? 1.769   1.473   -10.970 1.000 7.172  0 102 LCG A C8    1 ? 
HETATM 409 C  C4    . LCG D 3 .  ? -0.023  2.681   -11.163 1.000 6.892  0 102 LCG A C4    1 ? 
HETATM 410 N  N7    . LCG D 3 .  ? 0.740   0.632   -10.999 1.000 7.267  0 102 LCG A N7    1 ? 
HETATM 411 C  C5    . LCG D 3 .  ? -0.397  1.355   -11.168 1.000 7.210  0 102 LCG A C5    1 ? 
HETATM 412 C  C6    . LCG D 3 .  ? -1.721  1.044   -11.292 1.000 7.830  0 102 LCG A C6    1 ? 
HETATM 413 C  "C2'" . LCG D 3 .  ? 2.133   4.754   -9.714  1.000 6.812  0 102 LCG A "C2'" 1 ? 
HETATM 414 O  O6    . LCG D 3 .  ? -2.263  -0.106  -11.361 1.000 8.391  0 102 LCG A O6    1 ? 
HETATM 415 C  "C4'" . LCG D 3 .  ? 4.135   4.025   -10.167 1.000 6.926  0 102 LCG A "C4'" 1 ? 
HETATM 416 C  "C1'" . LCG D 3 .  ? 1.995   3.946   -11.015 1.000 6.934  0 102 LCG A "C1'" 1 ? 
HETATM 417 C  C2    . LCG D 3 .  ? -2.173  3.453   -11.350 1.000 7.201  0 102 LCG A C2    1 ? 
HETATM 418 N  N1    . LCG D 3 .  ? -2.576  2.110   -11.380 1.000 6.933  0 102 LCG A N1    1 ? 
HETATM 419 O  "O4'" . LCG D 3 .  ? 3.371   3.583   -11.300 1.000 6.773  0 102 LCG A "O4'" 1 ? 
HETATM 420 O  OP2   . LCG D 3 .  ? 5.517   -0.464  -9.395  1.000 7.953  0 102 LCG A OP2   1 ? 
HETATM 421 N  N2    . LCG D 3 .  ? -3.139  4.384   -11.425 1.000 6.956  0 102 LCG A N2    1 ? 
HETATM 422 N  N3    . LCG D 3 .  ? -0.878  3.725   -11.225 1.000 6.707  0 102 LCG A N3    1 ? 
HETATM 423 O  "O2'" . LCG D 3 .  ? 2.896   5.956   -10.121 1.000 7.324  0 102 LCG A "O2'" 1 ? 
HETATM 424 O  "O3'" . LCG D 3 .  ? 3.678   4.570   -7.877  1.000 6.561  0 102 LCG A "O3'" 1 ? 
HETATM 425 C  C4    . GDO E 4 .  ? 7.349   4.417   12.996  1.000 8.075  0 103 GDO A C4    1 ? 
HETATM 426 C  C5    . GDO E 4 .  ? 6.395   3.664   13.501  1.000 7.845  0 103 GDO A C5    1 ? 
HETATM 427 C  C6    . GDO E 4 .  ? 5.119   4.126   13.435  1.000 7.620  0 103 GDO A C6    1 ? 
HETATM 428 N  N1    . GDO E 4 .  ? 4.858   5.306   12.889  1.000 7.403  0 103 GDO A N1    1 ? 
HETATM 429 C  C8    . GDO E 4 .  ? 8.268   2.582   13.742  1.000 8.895  0 103 GDO A C8    1 ? 
HETATM 430 N  N2    . GDO E 4 .  ? 5.499   7.226   11.842  1.000 7.029  0 103 GDO A N2    1 ? 
HETATM 431 O  O6    . GDO E 4 .  ? 4.137   3.543   13.916  1.000 8.785  0 103 GDO A O6    1 ? 
HETATM 432 N  N3    . GDO E 4 .  ? 7.093   5.624   12.407  1.000 7.015  0 103 GDO A N3    1 ? 
HETATM 433 P  P     . GDO E 4 .  ? 12.314  0.109   14.949  1.000 19.126 0 103 GDO A P     1 ? 
HETATM 434 O  OP1   . GDO E 4 .  ? 13.684  0.245   15.478  1.000 21.002 0 103 GDO A OP1   1 ? 
HETATM 435 O  OP2   . GDO E 4 .  ? 11.201  -0.466  15.771  1.000 17.799 0 103 GDO A OP2   1 ? 
HETATM 436 O  "O5'" . GDO E 4 .  ? 11.732  1.585   14.593  1.000 16.418 0 103 GDO A "O5'" 1 ? 
HETATM 437 C  "C5'" . GDO E 4 .  ? 12.628  2.473   13.917  1.000 13.472 0 103 GDO A "C5'" 1 ? 
HETATM 438 C  "C4'" . GDO E 4 .  ? 11.871  3.643   13.373  1.000 12.475 0 103 GDO A "C4'" 1 ? 
HETATM 439 O  "O4'" . GDO E 4 .  ? 10.726  3.239   12.506  1.000 10.987 0 103 GDO A "O4'" 1 ? 
HETATM 440 C  "C3'" . GDO E 4 .  ? 11.317  4.595   14.439  1.000 11.713 0 103 GDO A "C3'" 1 ? 
HETATM 441 C  "C2'" . GDO E 4 .  ? 10.383  5.384   13.569  1.000 11.319 0 103 GDO A "C2'" 1 ? 
HETATM 442 O  "O2'" . GDO E 4 .  ? 11.067  6.411   12.814  1.000 11.745 0 103 GDO A "O2'" 1 ? 
HETATM 443 C  "C1'" . GDO E 4 .  ? 9.771   4.342   12.654  1.000 10.238 0 103 GDO A "C1'" 1 ? 
HETATM 444 N  N9    . GDO E 4 .  ? 8.517   3.775   13.131  1.000 9.281  0 103 GDO A N9    1 ? 
HETATM 445 N  N7    . GDO E 4 .  ? 6.936   2.511   14.032  1.000 8.442  0 103 GDO A N7    1 ? 
HETATM 446 C  C2    . GDO E 4 .  ? 5.841   6.078   12.356  1.000 7.182  0 103 GDO A C2    1 ? 
HETATM 447 N  N1    . LKC F 5 .  ? -5.502  6.095   19.802  1.000 11.081 0 104 LKC A N1    1 ? 
HETATM 448 C  C2    . LKC F 5 .  ? -4.210  6.466   19.704  1.000 10.010 0 104 LKC A C2    1 ? 
HETATM 449 N  N3    . LKC F 5 .  ? -3.271  5.558   19.751  1.000 10.117 0 104 LKC A N3    1 ? 
HETATM 450 C  C4    . LKC F 5 .  ? -3.567  4.283   19.955  1.000 10.784 0 104 LKC A C4    1 ? 
HETATM 451 C  C5    . LKC F 5 .  ? -4.883  3.810   20.019  1.000 10.838 0 104 LKC A C5    1 ? 
HETATM 452 C  C6    . LKC F 5 .  ? -5.849  4.755   19.958  1.000 10.698 0 104 LKC A C6    1 ? 
HETATM 453 O  O2    . LKC F 5 .  ? -3.922  7.654   19.544  1.000 9.096  0 104 LKC A O2    1 ? 
HETATM 454 N  N4    . LKC F 5 .  ? -2.635  3.382   20.022  1.000 10.949 0 104 LKC A N4    1 ? 
HETATM 455 C  "C1'" . LKC F 5 .  ? -6.531  7.145   19.730  1.000 12.044 0 104 LKC A "C1'" 1 ? 
HETATM 456 C  "C2'" . LKC F 5 .  ? -6.867  7.559   18.310  1.000 13.206 0 104 LKC A "C2'" 1 ? 
HETATM 457 C  "C3'" . LKC F 5 .  ? -7.914  6.552   17.931  1.000 13.784 0 104 LKC A "C3'" 1 ? 
HETATM 458 C  "C4'" . LKC F 5 .  ? -8.722  6.911   19.168  1.000 12.875 0 104 LKC A "C4'" 1 ? 
HETATM 459 O  "O4'" . LKC F 5 .  ? -7.774  6.545   20.168  1.000 13.051 0 104 LKC A "O4'" 1 ? 
HETATM 460 O  "O3'" . LKC F 5 .  ? -8.610  6.873   16.657  1.000 15.841 0 104 LKC A "O3'" 1 ? 
HETATM 461 C  "C5'" . LKC F 5 .  ? -10.035 6.145   19.373  1.000 14.478 0 104 LKC A "C5'" 1 ? 
HETATM 462 O  "O5'" . LKC F 5 .  ? -9.652  4.764   19.381  1.000 14.617 0 104 LKC A "O5'" 1 ? 
HETATM 463 C  C5A   . LKC F 5 .  ? -5.218  2.447   20.190  1.000 10.977 0 104 LKC A C5A   1 ? 
HETATM 464 O  "O2'" . LKC F 5 .  ? -7.592  8.797   18.415  1.000 13.697 0 104 LKC A "O2'" 1 ? 
HETATM 465 C  "C6'" . LKC F 5 .  ? -8.936  8.382   19.003  1.000 13.629 0 104 LKC A "C6'" 1 ? 
HETATM 466 O  "O5'" . LCC G 2 .  ? -6.796  7.553   15.104  1.000 11.774 0 105 LCC A "O5'" 1 ? 
HETATM 467 C  "C5'" . LCC G 2 .  ? -6.996  8.933   14.974  1.000 10.196 0 105 LCC A "C5'" 1 ? 
HETATM 468 C  "C4'" . LCC G 2 .  ? -5.560  9.479   14.906  1.000 10.240 0 105 LCC A "C4'" 1 ? 
HETATM 469 O  "O4'" . LCC G 2 .  ? -4.759  9.194   16.038  1.000 10.133 0 105 LCC A "O4'" 1 ? 
HETATM 470 C  "C1'" . LCC G 2 .  ? -3.362  9.272   15.686  1.000 9.881  0 105 LCC A "C1'" 1 ? 
HETATM 471 N  N1    . LCC G 2 .  ? -2.715  7.976   15.876  1.000 9.203  0 105 LCC A N1    1 ? 
HETATM 472 C  C6    . LCC G 2 .  ? -3.423  6.780   16.115  1.000 8.867  0 105 LCC A C6    1 ? 
HETATM 473 C  C5    . LCC G 2 .  ? -2.757  5.603   16.304  1.000 9.178  0 105 LCC A C5    1 ? 
HETATM 474 C  C5M   . LCC G 2 .  ? -3.487  4.396   16.507  1.000 9.789  0 105 LCC A C5M   1 ? 
HETATM 475 C  C4    . LCC G 2 .  ? -1.371  5.691   16.367  1.000 8.939  0 105 LCC A C4    1 ? 
HETATM 476 N  N4    . LCC G 2 .  ? -0.729  4.581   16.556  1.000 9.473  0 105 LCC A N4    1 ? 
HETATM 477 N  N3    . LCC G 2 .  ? -0.686  6.842   16.107  1.000 8.945  0 105 LCC A N3    1 ? 
HETATM 478 C  C2    . LCC G 2 .  ? -1.346  7.984   15.924  1.000 8.646  0 105 LCC A C2    1 ? 
HETATM 479 O  O2    . LCC G 2 .  ? -0.744  9.052   15.712  1.000 8.526  0 105 LCC A O2    1 ? 
HETATM 480 C  "C3'" . LCC G 2 .  ? -4.676  8.883   13.791  1.000 10.108 0 105 LCC A "C3'" 1 ? 
HETATM 481 C  "C2'" . LCC G 2 .  ? -3.500  9.723   14.223  1.000 9.771  0 105 LCC A "C2'" 1 ? 
HETATM 482 O  "O2'" . LCC G 2 .  ? -4.058  11.068  14.276  1.000 10.837 0 105 LCC A "O2'" 1 ? 
HETATM 483 O  "O3'" . LCC G 2 .  ? -5.168  9.224   12.459  1.000 11.045 0 105 LCC A "O3'" 1 ? 
HETATM 484 C  "C6'" . LCC G 2 .  ? -5.553  10.948  14.618  1.000 10.293 0 105 LCC A "C6'" 1 ? 
HETATM 485 P  P     . LCC G 2 .  ? -7.951  6.545   15.183  1.000 12.404 0 105 LCC A P     1 ? 
HETATM 486 O  O1P   . LCC G 2 .  ? -9.181  6.987   14.558  1.000 14.035 0 105 LCC A O1P   1 ? 
HETATM 487 O  O2P   . LCC G 2 .  ? -7.473  5.170   15.281  1.000 13.213 0 105 LCC A O2P   1 ? 
HETATM 488 N  N9A   . GP3 H 6 .  ? 6.196   6.904   15.839  1.000 10.094 0 106 GP3 A N9A   1 ? 
HETATM 489 C  C8A   . GP3 H 6 .  ? 6.440   5.691   16.325  1.000 10.167 0 106 GP3 A C8A   1 ? 
HETATM 490 N  N7A   . GP3 H 6 .  ? 5.297   5.083   16.623  1.000 9.612  0 106 GP3 A N7A   1 ? 
HETATM 491 C  C5A   . GP3 H 6 .  ? 4.284   5.909   16.279  1.000 9.050  0 106 GP3 A C5A   1 ? 
HETATM 492 C  C6A   . GP3 H 6 .  ? 2.923   5.858   16.390  1.000 9.308  0 106 GP3 A C6A   1 ? 
HETATM 493 O  O6A   . GP3 H 6 .  ? 2.226   4.905   16.807  1.000 8.908  0 106 GP3 A O6A   1 ? 
HETATM 494 N  N1A   . GP3 H 6 .  ? 2.192   6.951   15.974  1.000 8.659  0 106 GP3 A N1A   1 ? 
HETATM 495 C  C2A   . GP3 H 6 .  ? 2.778   8.103   15.501  1.000 8.701  0 106 GP3 A C2A   1 ? 
HETATM 496 N  N2A   . GP3 H 6 .  ? 1.927   9.069   15.133  1.000 8.642  0 106 GP3 A N2A   1 ? 
HETATM 497 N  N3A   . GP3 H 6 .  ? 4.134   8.137   15.408  1.000 8.704  0 106 GP3 A N3A   1 ? 
HETATM 498 C  C4A   . GP3 H 6 .  ? 4.848   7.062   15.821  1.000 9.149  0 106 GP3 A C4A   1 ? 
HETATM 499 O  O5D   . GP3 H 6 .  ? 9.270   6.235   17.631  1.000 19.557 0 106 GP3 A O5D   1 ? 
HETATM 500 C  C5D   . GP3 H 6 .  ? 10.181  7.163   17.023  1.000 15.459 0 106 GP3 A C5D   1 ? 
HETATM 501 C  C4D   . GP3 H 6 .  ? 9.297   8.096   16.257  1.000 13.869 0 106 GP3 A C4D   1 ? 
HETATM 502 O  O4D   . GP3 H 6 .  ? 8.433   7.333   15.387  1.000 11.941 0 106 GP3 A O4D   1 ? 
HETATM 503 C  C3D   . GP3 H 6 .  ? 8.293   8.826   17.157  1.000 12.883 0 106 GP3 A C3D   1 ? 
HETATM 504 O  O3D   . GP3 H 6 .  ? 8.904   10.009  17.766  1.000 13.322 0 106 GP3 A O3D   1 ? 
HETATM 505 C  C2D   . GP3 H 6 .  ? 7.258   9.242   16.204  1.000 12.454 0 106 GP3 A C2D   1 ? 
HETATM 506 O  O2D   . GP3 H 6 .  ? 7.785   10.321  15.420  1.000 12.615 0 106 GP3 A O2D   1 ? 
HETATM 507 C  C1D   . GP3 H 6 .  ? 7.128   7.965   15.343  1.000 11.266 0 106 GP3 A C1D   1 ? 
HETATM 508 P  PA    . GP3 H 6 .  ? 9.765   5.193   18.761  1.000 21.969 0 106 GP3 A PA    1 ? 
HETATM 509 O  O1A   . GP3 H 6 .  ? 10.641  4.230   18.092  1.000 27.817 0 106 GP3 A O1A   1 ? 
HETATM 510 O  O2A   . GP3 H 6 .  ? 10.271  5.948   19.936  1.000 31.436 0 106 GP3 A O2A   1 ? 
HETATM 511 O  O3A   . GP3 H 6 .  ? 8.253   4.574   19.041  1.000 30.746 0 106 GP3 A O3A   1 ? 
HETATM 512 P  PB    . GP3 H 6 .  ? 7.525   4.168   20.475  1.000 36.528 0 106 GP3 A PB    1 ? 
HETATM 513 O  O1B   . GP3 H 6 .  ? 5.896   3.929   20.365  1.000 31.951 0 106 GP3 A O1B   1 ? 
HETATM 514 O  O2B   . GP3 H 6 .  ? 8.432   3.178   21.051  1.000 35.646 0 106 GP3 A O2B   1 ? 
HETATM 515 O  O3B   . GP3 H 6 .  ? 8.034   5.505   21.351  1.000 36.600 0 106 GP3 A O3B   1 ? 
HETATM 516 P  PG    . GP3 H 6 .  ? 7.150   6.327   22.488  1.000 28.336 0 106 GP3 A PG    1 ? 
HETATM 517 O  O1G   . GP3 H 6 .  ? 6.173   5.442   23.098  1.000 30.832 0 106 GP3 A O1G   1 ? 
HETATM 518 O  O2G   . GP3 H 6 .  ? 8.098   7.073   23.318  1.000 36.177 0 106 GP3 A O2G   1 ? 
HETATM 519 O  O5E   . GP3 H 6 .  ? 6.418   7.426   21.524  1.000 24.320 0 106 GP3 A O5E   1 ? 
HETATM 520 C  C5E   . GP3 H 6 .  ? 7.009   8.588   20.937  1.000 19.344 0 106 GP3 A C5E   1 ? 
HETATM 521 C  C4E   . GP3 H 6 .  ? 5.930   9.381   20.198  1.000 17.998 0 106 GP3 A C4E   1 ? 
HETATM 522 O  O4E   . GP3 H 6 .  ? 5.346   8.617   19.117  1.000 16.038 0 106 GP3 A O4E   1 ? 
HETATM 523 C  C3E   . GP3 H 6 .  ? 4.728   9.649   21.092  1.000 18.113 0 106 GP3 A C3E   1 ? 
HETATM 524 O  O3E   . GP3 H 6 .  ? 4.983   10.909  21.815  1.000 18.789 0 106 GP3 A O3E   1 ? 
HETATM 525 C  C2E   . GP3 H 6 .  ? 3.639   9.836   20.087  1.000 16.248 0 106 GP3 A C2E   1 ? 
HETATM 526 O  O2E   . GP3 H 6 .  ? 3.808   11.090  19.401  1.000 17.807 0 106 GP3 A O2E   1 ? 
HETATM 527 C  C1E   . GP3 H 6 .  ? 3.925   8.745   19.079  1.000 14.397 0 106 GP3 A C1E   1 ? 
HETATM 528 N  N9B   . GP3 H 6 .  ? 3.289   7.433   19.395  1.000 12.051 0 106 GP3 A N9B   1 ? 
HETATM 529 C  C8B   . GP3 H 6 .  ? 3.830   6.239   19.736  1.000 11.896 0 106 GP3 A C8B   1 ? 
HETATM 530 N  N7B   . GP3 H 6 .  ? 2.897   5.337   19.931  1.000 13.074 0 106 GP3 A N7B   1 ? 
HETATM 531 C  C5B   . GP3 H 6 .  ? 1.732   5.985   19.724  1.000 11.575 0 106 GP3 A C5B   1 ? 
HETATM 532 C  C6B   . GP3 H 6 .  ? 0.465   5.565   19.789  1.000 11.002 0 106 GP3 A C6B   1 ? 
HETATM 533 O  O6B   . GP3 H 6 .  ? 0.131   4.427   20.114  1.000 11.797 0 106 GP3 A O6B   1 ? 
HETATM 534 N  N1B   . GP3 H 6 .  ? -0.533  6.452   19.563  1.000 10.578 0 106 GP3 A N1B   1 ? 
HETATM 535 C  C2B   . GP3 H 6 .  ? -0.292  7.758   19.228  1.000 9.719  0 106 GP3 A C2B   1 ? 
HETATM 536 N  N2B   . GP3 H 6 .  ? -1.336  8.550   18.996  1.000 10.430 0 106 GP3 A N2B   1 ? 
HETATM 537 N  N3B   . GP3 H 6 .  ? 0.976   8.168   19.164  1.000 9.913  0 106 GP3 A N3B   1 ? 
HETATM 538 C  C4B   . GP3 H 6 .  ? 1.961   7.261   19.417  1.000 11.260 0 106 GP3 A C4B   1 ? 
HETATM 539 MG MG    . MG  I 7 .  ? 8.952   11.656  16.496  0.330 13.377 0 107 MG  A MG    1 ? 
HETATM 540 MG MG    . MG  J 7 .  ? 6.237   0.956   -4.603  1.000 8.041  0 108 MG  A MG    1 ? 
HETATM 541 MG MG    . MG  K 7 .  ? 9.852   6.165   21.793  1.000 41.936 0 109 MG  A MG    1 ? 
HETATM 542 MG MG    . MG  L 7 .  ? -2.532  -1.545  8.673   1.000 47.225 0 110 MG  A MG    1 ? 
HETATM 543 CO CO    . CO  M 8 .  ? 3.830   3.526   20.381  1.000 28.321 0 111 CO  A CO    1 ? 
HETATM 544 N  N1    . LKC N 5 .  ? 3.800   -9.026  -18.978 1.000 11.088 0 101 LKC B N1    1 ? 
HETATM 545 C  C2    . LKC N 5 .  ? 3.402   -7.775  -19.292 1.000 10.285 0 101 LKC B C2    1 ? 
HETATM 546 N  N3    . LKC N 5 .  ? 2.142   -7.434  -19.197 1.000 10.416 0 101 LKC B N3    1 ? 
HETATM 547 C  C4    . LKC N 5 .  ? 1.243   -8.322  -18.831 1.000 11.066 0 101 LKC B C4    1 ? 
HETATM 548 C  C5    . LKC N 5 .  ? 1.586   -9.631  -18.459 1.000 11.117 0 101 LKC B C5    1 ? 
HETATM 549 C  C6    . LKC N 5 .  ? 2.884   -9.971  -18.542 1.000 10.524 0 101 LKC B C6    1 ? 
HETATM 550 O  O2    . LKC N 5 .  ? 4.238   -6.947  -19.662 1.000 9.841  0 101 LKC B O2    1 ? 
HETATM 551 N  N4    . LKC N 5 .  ? -0.011  -7.975  -18.767 1.000 11.334 0 101 LKC B N4    1 ? 
HETATM 552 C  "C1'" . LKC N 5 .  ? 5.224   -9.345  -19.106 1.000 11.755 0 101 LKC B "C1'" 1 ? 
HETATM 553 C  "C2'" . LKC N 5 .  ? 6.037   -8.873  -17.929 1.000 12.738 0 101 LKC B "C2'" 1 ? 
HETATM 554 C  "C3'" . LKC N 5 .  ? 5.861   -10.039 -16.978 1.000 13.231 0 101 LKC B "C3'" 1 ? 
HETATM 555 C  "C4'" . LKC N 5 .  ? 6.354   -11.024 -18.035 1.000 12.662 0 101 LKC B "C4'" 1 ? 
HETATM 556 O  "O4'" . LKC N 5 .  ? 5.347   -10.790 -19.040 1.000 13.217 0 101 LKC B "O4'" 1 ? 
HETATM 557 O  "O3'" . LKC N 5 .  ? 6.755   -10.023 -15.840 1.000 14.561 0 101 LKC B "O3'" 1 ? 
HETATM 558 C  "C5'" . LKC N 5 .  ? 6.432   -12.476 -17.535 1.000 14.116 0 101 LKC B "C5'" 1 ? 
HETATM 559 O  "O5'" . LKC N 5 .  ? 5.057   -12.834 -17.248 1.000 14.277 0 101 LKC B "O5'" 1 ? 
HETATM 560 C  C5A   . LKC N 5 .  ? 0.650   -10.602 -18.023 1.000 11.822 0 101 LKC B C5A   1 ? 
HETATM 561 O  "O2'" . LKC N 5 .  ? 7.410   -8.968  -18.319 1.000 13.357 0 101 LKC B "O2'" 1 ? 
HETATM 562 C  "C6'" . LKC N 5 .  ? 7.697   -10.474 -18.423 1.000 13.536 0 101 LKC B "C6'" 1 ? 
HETATM 563 O  "O5'" . LCC O 2 .  ? 6.592   -7.634  -14.944 1.000 11.705 0 102 LCC B "O5'" 1 ? 
HETATM 564 C  "C5'" . LCC O 2 .  ? 7.851   -7.132  -15.349 1.000 10.152 0 102 LCC B "C5'" 1 ? 
HETATM 565 C  "C4'" . LCC O 2 .  ? 7.508   -5.710  -15.789 1.000 10.122 0 102 LCC B "C4'" 1 ? 
HETATM 566 O  "O4'" . LCC O 2 .  ? 6.644   -5.593  -16.890 1.000 9.954  0 102 LCC B "O4'" 1 ? 
HETATM 567 C  "C1'" . LCC O 2 .  ? 6.010   -4.295  -16.876 1.000 9.601  0 102 LCC B "C1'" 1 ? 
HETATM 568 N  N1    . LCC O 2 .  ? 4.559   -4.452  -16.718 1.000 8.830  0 102 LCC B N1    1 ? 
HETATM 569 C  C6    . LCC O 2 .  ? 3.944   -5.672  -16.317 1.000 8.648  0 102 LCC B C6    1 ? 
HETATM 570 C  C5    . LCC O 2 .  ? 2.583   -5.750  -16.201 1.000 8.807  0 102 LCC B C5    1 ? 
HETATM 571 C  C5M   . LCC O 2 .  ? 1.968   -6.953  -15.752 1.000 9.142  0 102 LCC B C5M   1 ? 
HETATM 572 C  C4    . LCC O 2 .  ? 1.888   -4.609  -16.559 1.000 8.508  0 102 LCC B C4    1 ? 
HETATM 573 N  N4    . LCC O 2 .  ? 0.603   -4.681  -16.463 1.000 9.279  0 102 LCC B N4    1 ? 
HETATM 574 N  N3    . LCC O 2 .  ? 2.476   -3.441  -16.943 1.000 8.445  0 102 LCC B N3    1 ? 
HETATM 575 C  C2    . LCC O 2 .  ? 3.799   -3.371  -17.046 1.000 8.474  0 102 LCC B C2    1 ? 
HETATM 576 O  O2    . LCC O 2 .  ? 4.377   -2.317  -17.380 1.000 8.966  0 102 LCC B O2    1 ? 
HETATM 577 C  "C3'" . LCC O 2 .  ? 6.760   -4.856  -14.764 1.000 9.983  0 102 LCC B "C3'" 1 ? 
HETATM 578 C  "C2'" . LCC O 2 .  ? 6.730   -3.676  -15.706 1.000 9.635  0 102 LCC B "C2'" 1 ? 
HETATM 579 O  "O2'" . LCC O 2 .  ? 8.123   -3.557  -16.089 1.000 10.668 0 102 LCC B "O2'" 1 ? 
HETATM 580 O  "O3'" . LCC O 2 .  ? 7.588   -4.654  -13.636 1.000 10.846 0 102 LCC B "O3'" 1 ? 
HETATM 581 C  "C6'" . LCC O 2 .  ? 8.725   -4.975  -16.112 1.000 10.234 0 102 LCC B "C6'" 1 ? 
HETATM 582 P  P     . LCC O 2 .  ? 6.429   -9.114  -14.508 1.000 12.471 0 102 LCC B P     1 ? 
HETATM 583 O  O1P   . LCC O 2 .  ? 5.014   -9.266  -14.045 1.000 13.438 0 102 LCC B O1P   1 ? 
HETATM 584 O  O2P   . LCC O 2 .  ? 7.573   -9.561  -13.702 1.000 13.346 0 102 LCC B O2P   1 ? 
HETATM 585 N  N9A   . GP3 P 6 .  ? -1.226  2.251   -18.125 1.000 10.682 0 103 GP3 B N9A   1 ? 
HETATM 586 C  C8A   . GP3 P 6 .  ? -2.441  1.688   -18.149 1.000 10.542 0 103 GP3 B C8A   1 ? 
HETATM 587 N  N7A   . GP3 P 6 .  ? -2.360  0.388   -17.961 1.000 10.003 0 103 GP3 B N7A   1 ? 
HETATM 588 C  C5A   . GP3 P 6 .  ? -1.045  0.105   -17.759 1.000 9.375  0 103 GP3 B C5A   1 ? 
HETATM 589 C  C6A   . GP3 P 6 .  ? -0.378  -1.069  -17.563 1.000 9.823  0 103 GP3 B C6A   1 ? 
HETATM 590 O  O6A   . GP3 P 6 .  ? -0.886  -2.214  -17.412 1.000 8.925  0 103 GP3 B O6A   1 ? 
HETATM 591 N  N1A   . GP3 P 6 .  ? 1.008   -0.986  -17.451 1.000 9.192  0 103 GP3 B N1A   1 ? 
HETATM 592 C  C2A   . GP3 P 6 .  ? 1.699   0.201   -17.585 1.000 8.947  0 103 GP3 B C2A   1 ? 
HETATM 593 N  N2A   . GP3 P 6 .  ? 3.039   0.120   -17.454 1.000 8.975  0 103 GP3 B N2A   1 ? 
HETATM 594 N  N3A   . GP3 P 6 .  ? 1.007   1.347   -17.802 1.000 9.263  0 103 GP3 B N3A   1 ? 
HETATM 595 C  C4A   . GP3 P 6 .  ? -0.344  1.258   -17.900 1.000 9.364  0 103 GP3 B C4A   1 ? 
HETATM 596 O  O5D   . GP3 P 6 .  ? -3.804  3.753   -20.170 1.000 19.415 0 103 GP3 B O5D   1 ? 
HETATM 597 C  C5D   . GP3 P 6 .  ? -3.411  5.128   -20.104 1.000 15.947 0 103 GP3 B C5D   1 ? 
HETATM 598 C  C4D   . GP3 P 6 .  ? -2.009  5.122   -19.565 1.000 14.397 0 103 GP3 B C4D   1 ? 
HETATM 599 O  O4D   . GP3 P 6 .  ? -1.951  4.400   -18.329 1.000 12.296 0 103 GP3 B O4D   1 ? 
HETATM 600 C  C3D   . GP3 P 6 .  ? -1.069  4.320   -20.468 1.000 12.756 0 103 GP3 B C3D   1 ? 
HETATM 601 O  O3D   . GP3 P 6 .  ? -0.595  5.159   -21.601 1.000 13.052 0 103 GP3 B O3D   1 ? 
HETATM 602 C  C2D   . GP3 P 6 .  ? 0.041   4.046   -19.551 1.000 12.767 0 103 GP3 B C2D   1 ? 
HETATM 603 O  O2D   . GP3 P 6 .  ? 0.752   5.263   -19.400 1.000 12.102 0 103 GP3 B O2D   1 ? 
HETATM 604 C  C1D   . GP3 P 6 .  ? -0.719  3.674   -18.267 1.000 11.701 0 103 GP3 B C1D   1 ? 
HETATM 605 P  PA    . GP3 P 6 .  ? -5.188  3.293   -20.859 1.000 21.135 0 103 GP3 B PA    1 ? 
HETATM 606 O  O1A   . GP3 P 6 .  ? -6.260  3.884   -20.061 1.000 27.056 0 103 GP3 B O1A   1 ? 
HETATM 607 O  O2A   . GP3 P 6 .  ? -5.121  3.614   -22.300 1.000 30.543 0 103 GP3 B O2A   1 ? 
HETATM 608 O  O3A   . GP3 P 6 .  ? -5.024  1.674   -20.507 1.000 30.700 0 103 GP3 B O3A   1 ? 
HETATM 609 P  PB    . GP3 P 6 .  ? -5.113  0.362   -21.534 1.000 36.934 0 103 GP3 B PB    1 ? 
HETATM 610 O  O1B   . GP3 P 6 .  ? -4.410  -1.041  -20.983 1.000 31.736 0 103 GP3 B O1B   1 ? 
HETATM 611 O  O2B   . GP3 P 6 .  ? -6.508  0.464   -21.987 1.000 34.583 0 103 GP3 B O2B   1 ? 
HETATM 612 O  O3B   . GP3 P 6 .  ? -4.414  1.071   -22.910 1.000 36.109 0 103 GP3 B O3B   1 ? 
HETATM 613 P  PG    . GP3 P 6 .  ? -3.578  0.267   -24.127 1.000 29.158 0 103 GP3 B PG    1 ? 
HETATM 614 O  O1G   . GP3 P 6 .  ? -3.939  -1.141  -24.089 1.000 30.109 0 103 GP3 B O1G   1 ? 
HETATM 615 O  O2G   . GP3 P 6 .  ? -3.650  1.022   -25.383 1.000 35.880 0 103 GP3 B O2G   1 ? 
HETATM 616 O  O5E   . GP3 P 6 .  ? -2.089  0.542   -23.496 1.000 24.723 0 103 GP3 B O5E   1 ? 
HETATM 617 C  C5E   . GP3 P 6 .  ? -1.369  1.770   -23.561 1.000 18.563 0 103 GP3 B C5E   1 ? 
HETATM 618 C  C4E   . GP3 P 6 .  ? 0.013   1.557   -22.950 1.000 17.224 0 103 GP3 B C4E   1 ? 
HETATM 619 O  O4E   . GP3 P 6 .  ? -0.020  1.193   -21.546 1.000 15.260 0 103 GP3 B O4E   1 ? 
HETATM 620 C  C3E   . GP3 P 6 .  ? 0.689   0.338   -23.577 1.000 17.624 0 103 GP3 B C3E   1 ? 
HETATM 621 O  O3E   . GP3 P 6 .  ? 1.424   0.831   -24.736 1.000 18.889 0 103 GP3 B O3E   1 ? 
HETATM 622 C  C2E   . GP3 P 6 .  ? 1.647   -0.063  -22.536 1.000 16.003 0 103 GP3 B C2E   1 ? 
HETATM 623 O  O2E   . GP3 P 6 .  ? 2.626   0.943   -22.377 1.000 17.942 0 103 GP3 B O2E   1 ? 
HETATM 624 C  C1E   . GP3 P 6 .  ? 0.813   0.034   -21.292 1.000 14.087 0 103 GP3 B C1E   1 ? 
HETATM 625 N  N9B   . GP3 P 6 .  ? 0.069   -1.166  -20.946 1.000 11.846 0 103 GP3 B N9B   1 ? 
HETATM 626 C  C8B   . GP3 P 6 .  ? -1.277  -1.373  -20.909 1.000 11.603 0 103 GP3 B C8B   1 ? 
HETATM 627 N  N7B   . GP3 P 6 .  ? -1.528  -2.592  -20.521 1.000 12.130 0 103 GP3 B N7B   1 ? 
HETATM 628 C  C5B   . GP3 P 6 .  ? -0.326  -3.198  -20.353 1.000 11.153 0 103 GP3 B C5B   1 ? 
HETATM 629 C  C6B   . GP3 P 6 .  ? 0.030   -4.435  -19.993 1.000 10.596 0 103 GP3 B C6B   1 ? 
HETATM 630 O  O6B   . GP3 P 6 .  ? -0.764  -5.344  -19.767 1.000 11.670 0 103 GP3 B O6B   1 ? 
HETATM 631 N  N1B   . GP3 P 6 .  ? 1.345   -4.775  -19.912 1.000 9.862  0 103 GP3 B N1B   1 ? 
HETATM 632 C  C2B   . GP3 P 6 .  ? 2.332   -3.859  -20.195 1.000 9.504  0 103 GP3 B C2B   1 ? 
HETATM 633 N  N2B   . GP3 P 6 .  ? 3.597   -4.213  -20.095 1.000 9.834  0 103 GP3 B N2B   1 ? 
HETATM 634 N  N3B   . GP3 P 6 .  ? 1.981   -2.633  -20.528 1.000 9.912  0 103 GP3 B N3B   1 ? 
HETATM 635 C  C4B   . GP3 P 6 .  ? 0.652   -2.329  -20.624 1.000 10.979 0 103 GP3 B C4B   1 ? 
HETATM 636 O  "O5'" . LCC Q 2 .  ? -3.146  9.102   11.066  1.000 8.595  0 104 LCC B "O5'" 1 ? 
HETATM 637 C  "C5'" . LCC Q 2 .  ? -2.879  10.432  10.654  1.000 7.473  0 104 LCC B "C5'" 1 ? 
HETATM 638 C  "C4'" . LCC Q 2 .  ? -1.339  10.553  10.814  1.000 7.054  0 104 LCC B "C4'" 1 ? 
HETATM 639 O  "O4'" . LCC Q 2 .  ? -0.830  10.077  12.025  1.000 6.837  0 104 LCC B "O4'" 1 ? 
HETATM 640 C  "C1'" . LCC Q 2 .  ? 0.571   9.620   11.790  1.000 6.598  0 104 LCC B "C1'" 1 ? 
HETATM 641 N  N1    . LCC Q 2 .  ? 0.720   8.177   12.103  1.000 6.406  0 104 LCC B N1    1 ? 
HETATM 642 C  C6    . LCC Q 2 .  ? -0.466  7.360   12.346  1.000 6.912  0 104 LCC B C6    1 ? 
HETATM 643 C  C5    . LCC Q 2 .  ? -0.254  6.062   12.722  1.000 6.811  0 104 LCC B C5    1 ? 
HETATM 644 C  C5M   . LCC Q 2 .  ? -1.383  5.211   12.946  1.000 7.662  0 104 LCC B C5M   1 ? 
HETATM 645 C  C4    . LCC Q 2 .  ? 1.093   5.656   12.897  1.000 7.173  0 104 LCC B C4    1 ? 
HETATM 646 N  N4    . LCC Q 2 .  ? 1.288   4.419   13.288  1.000 8.056  0 104 LCC B N4    1 ? 
HETATM 647 N  N3    . LCC Q 2 .  ? 2.172   6.472   12.665  1.000 6.889  0 104 LCC B N3    1 ? 
HETATM 648 C  C2    . LCC Q 2 .  ? 1.970   7.708   12.269  1.000 6.754  0 104 LCC B C2    1 ? 
HETATM 649 O  O2    . LCC Q 2 .  ? 2.969   8.476   12.020  1.000 6.284  0 104 LCC B O2    1 ? 
HETATM 650 C  "C3'" . LCC Q 2 .  ? -0.560  9.637   9.839   1.000 6.855  0 104 LCC B "C3'" 1 ? 
HETATM 651 C  "C2'" . LCC Q 2 .  ? 0.783   10.020  10.360  1.000 6.905  0 104 LCC B "C2'" 1 ? 
HETATM 652 O  "O2'" . LCC Q 2 .  ? 0.717   11.465  10.272  1.000 7.265  0 104 LCC B "O2'" 1 ? 
HETATM 653 O  "O3'" . LCC Q 2 .  ? -0.834  10.026  8.489   1.000 7.040  0 104 LCC B "O3'" 1 ? 
HETATM 654 C  "C6'" . LCC Q 2 .  ? -0.736  11.919  10.573  1.000 7.015  0 104 LCC B "C6'" 1 ? 
HETATM 655 P  P     . LCC Q 2 .  ? -4.586  8.485   11.135  1.000 9.638  0 104 LCC B P     1 ? 
HETATM 656 O  O1P   . LCC Q 2 .  ? -5.548  9.052   10.226  1.000 11.221 0 104 LCC B O1P   1 ? 
HETATM 657 O  O2P   . LCC Q 2 .  ? -4.564  7.115   11.371  1.000 9.630  0 104 LCC B O2P   1 ? 
HETATM 658 P  P     . LCG R 3 .  ? -0.846  9.022   7.213   1.000 7.100  0 105 LCG B P     1 ? 
HETATM 659 O  OP1   . LCG R 3 .  ? -1.293  9.863   6.068   1.000 7.608  0 105 LCG B OP1   1 ? 
HETATM 660 O  "O5'" . LCG R 3 .  ? 0.700   8.658   7.121   1.000 7.569  0 105 LCG B "O5'" 1 ? 
HETATM 661 C  "C5'" . LCG R 3 .  ? 1.594   9.661   6.701   1.000 6.653  0 105 LCG B "C5'" 1 ? 
HETATM 662 C  "C3'" . LCG R 3 .  ? 3.262   7.793   6.089   1.000 6.550  0 105 LCG B "C3'" 1 ? 
HETATM 663 C  "C6'" . LCG R 3 .  ? 4.190   10.033  6.405   1.000 7.025  0 105 LCG B "C6'" 1 ? 
HETATM 664 N  N9    . LCG R 3 .  ? 3.684   6.445   8.759   1.000 6.586  0 105 LCG B N9    1 ? 
HETATM 665 C  C8    . LCG R 3 .  ? 2.387   6.222   9.062   1.000 6.979  0 105 LCG B C8    1 ? 
HETATM 666 C  C4    . LCG R 3 .  ? 4.401   5.418   9.148   1.000 6.720  0 105 LCG B C4    1 ? 
HETATM 667 N  N7    . LCG R 3 .  ? 2.282   5.040   9.635   1.000 7.132  0 105 LCG B N7    1 ? 
HETATM 668 C  C5    . LCG R 3 .  ? 3.553   4.531   9.730   1.000 6.992  0 105 LCG B C5    1 ? 
HETATM 669 C  C6    . LCG R 3 .  ? 4.049   3.379   10.227  1.000 7.706  0 105 LCG B C6    1 ? 
HETATM 670 C  "C2'" . LCG R 3 .  ? 4.606   7.615   6.622   1.000 6.595  0 105 LCG B "C2'" 1 ? 
HETATM 671 O  O6    . LCG R 3 .  ? 3.423   2.473   10.847  1.000 8.522  0 105 LCG B O6    1 ? 
HETATM 672 C  "C4'" . LCG R 3 .  ? 3.015   9.095   6.862   1.000 6.701  0 105 LCG B "C4'" 1 ? 
HETATM 673 C  "C1'" . LCG R 3 .  ? 4.282   7.580   8.119   1.000 6.610  0 105 LCG B "C1'" 1 ? 
HETATM 674 C  C2    . LCG R 3 .  ? 6.252   4.116   9.474   1.000 6.867  0 105 LCG B C2    1 ? 
HETATM 675 N  N1    . LCG R 3 .  ? 5.406   3.197   10.106  1.000 6.795  0 105 LCG B N1    1 ? 
HETATM 676 O  "O4'" . LCG R 3 .  ? 3.302   8.662   8.235   1.000 6.550  0 105 LCG B "O4'" 1 ? 
HETATM 677 O  OP2   . LCG R 3 .  ? -1.561  7.775   7.585   1.000 8.070  0 105 LCG B OP2   1 ? 
HETATM 678 N  N2    . LCG R 3 .  ? 7.560   3.793   9.417   1.000 6.628  0 105 LCG B N2    1 ? 
HETATM 679 N  N3    . LCG R 3 .  ? 5.741   5.236   8.991   1.000 6.342  0 105 LCG B N3    1 ? 
HETATM 680 O  "O2'" . LCG R 3 .  ? 5.253   8.967   6.360   1.000 6.880  0 105 LCG B "O2'" 1 ? 
HETATM 681 O  "O3'" . LCG R 3 .  ? 3.156   8.020   4.700   1.000 6.542  0 105 LCG B "O3'" 1 ? 
HETATM 682 C  C4    . GDO S 4 .  ? -3.262  3.114   -14.849 1.000 8.429  0 106 GDO B C4    1 ? 
HETATM 683 C  C5    . GDO S 4 .  ? -3.458  1.805   -14.850 1.000 8.383  0 106 GDO B C5    1 ? 
HETATM 684 C  C6    . GDO S 4 .  ? -2.390  1.003   -14.715 1.000 8.230  0 106 GDO B C6    1 ? 
HETATM 685 N  N1    . GDO S 4 .  ? -1.165  1.541   -14.582 1.000 7.781  0 106 GDO B N1    1 ? 
HETATM 686 C  C8    . GDO S 4 .  ? -5.404  2.770   -15.039 1.000 9.634  0 106 GDO B C8    1 ? 
HETATM 687 N  N2    . GDO S 4 .  ? 0.234   3.367   -14.501 1.000 7.293  0 106 GDO B N2    1 ? 
HETATM 688 O  O6    . GDO S 4 .  ? -2.405  -0.242  -14.740 1.000 9.483  0 106 GDO B O6    1 ? 
HETATM 689 N  N3    . GDO S 4 .  ? -2.033  3.678   -14.716 1.000 7.755  0 106 GDO B N3    1 ? 
HETATM 690 P  P     . GDO S 4 .  ? -9.907  4.430   -16.020 1.000 19.467 0 106 GDO B P     1 ? 
HETATM 691 O  OP1   . GDO S 4 .  ? -10.675 5.377   -16.852 1.000 20.109 0 106 GDO B OP1   1 ? 
HETATM 692 O  OP2   . GDO S 4 .  ? -9.849  2.957   -16.297 1.000 17.581 0 106 GDO B OP2   1 ? 
HETATM 693 O  "O5'" . GDO S 4 .  ? -8.308  4.808   -16.128 1.000 16.245 0 106 GDO B "O5'" 1 ? 
HETATM 694 C  "C5'" . GDO S 4 .  ? -7.935  6.183   -16.046 1.000 14.239 0 106 GDO B "C5'" 1 ? 
HETATM 695 C  "C4'" . GDO S 4 .  ? -6.440  6.269   -15.860 1.000 13.201 0 106 GDO B "C4'" 1 ? 
HETATM 696 O  "O4'" . GDO S 4 .  ? -5.993  5.513   -14.664 1.000 11.735 0 106 GDO B "O4'" 1 ? 
HETATM 697 C  "C3'" . GDO S 4 .  ? -5.606  5.786   -17.058 1.000 12.468 0 106 GDO B "C3'" 1 ? 
HETATM 698 C  "C2'" . GDO S 4 .  ? -4.257  5.787   -16.353 1.000 11.755 0 106 GDO B "C2'" 1 ? 
HETATM 699 O  "O2'" . GDO S 4 .  ? -3.647  7.086   -16.235 1.000 12.371 0 106 GDO B "O2'" 1 ? 
HETATM 700 C  "C1'" . GDO S 4 .  ? -4.600  5.188   -14.986 1.000 10.767 0 106 GDO B "C1'" 1 ? 
HETATM 701 N  N9    . GDO S 4 .  ? -4.455  3.730   -14.965 1.000 9.772  0 106 GDO B N9    1 ? 
HETATM 702 N  N7    . GDO S 4 .  ? -4.814  1.557   -15.014 1.000 8.531  0 106 GDO B N7    1 ? 
HETATM 703 C  C2    . GDO S 4 .  ? -0.979  2.896   -14.612 1.000 7.632  0 106 GDO B C2    1 ? 
HETATM 704 MG MG    . MG  T 7 .  ? 0.959   6.454   -21.096 0.330 11.746 0 107 MG  B MG    1 ? 
HETATM 705 MG MG    . MG  U 7 .  ? -5.141  2.612   -23.929 1.000 38.345 0 108 MG  B MG    1 ? 
HETATM 706 MG MG    . MG  V 7 .  ? -1.783  7.259   2.569   1.000 8.058  0 109 MG  B MG    1 ? 
HETATM 707 MG MG    . MG  W 7 .  ? -2.024  -6.039  -6.809  1.000 47.305 0 110 MG  B MG    1 ? 
HETATM 708 CO CO    . CO  X 8 .  ? -3.578  -2.911  -20.453 1.000 28.141 0 111 CO  B CO    1 ? 
HETATM 709 O  O     . HOH Y 9 .  ? 5.420   3.103   17.888  1.000 26.573 0 201 HOH A O     1 ? 
HETATM 710 O  O     . HOH Y 9 .  ? 12.241  7.222   20.344  1.000 31.554 0 202 HOH A O     1 ? 
HETATM 711 O  O     . HOH Y 9 .  ? 6.129   -8.836  8.125   1.000 34.409 0 203 HOH A O     1 ? 
HETATM 712 O  O     . HOH Y 9 .  ? -4.417  9.996   19.752  1.000 31.971 0 204 HOH A O     1 ? 
HETATM 713 O  O     . HOH Y 9 .  ? -0.216  -1.137  7.885   1.000 31.706 0 205 HOH A O     1 ? 
HETATM 714 O  O     . HOH Y 9 .  ? 4.133   4.146   22.433  1.000 28.254 0 206 HOH A O     1 ? 
HETATM 715 O  O     . HOH Y 9 .  ? 5.231   7.031   -5.177  1.000 23.311 0 207 HOH A O     1 ? 
HETATM 716 O  O     . HOH Y 9 .  ? 10.925  -4.063  8.652   1.000 23.026 0 208 HOH A O     1 ? 
HETATM 717 O  O     . HOH Y 9 .  ? 4.379   0.779   -5.566  1.000 12.428 0 209 HOH A O     1 ? 
HETATM 718 O  O     . HOH Y 9 .  ? -0.799  2.777   -1.157  1.000 25.640 0 210 HOH A O     1 ? 
HETATM 719 O  O     . HOH Y 9 .  ? 5.317   -4.277  14.418  1.000 23.608 0 211 HOH A O     1 ? 
HETATM 720 O  O     . HOH Y 9 .  ? 9.160   -3.269  6.800   1.000 26.702 0 212 HOH A O     1 ? 
HETATM 721 O  O     . HOH Y 9 .  ? -4.454  -1.478  4.644   1.000 29.546 0 213 HOH A O     1 ? 
HETATM 722 O  O     . HOH Y 9 .  ? -1.632  -2.592  -10.820 1.000 24.611 0 214 HOH A O     1 ? 
HETATM 723 O  O     . HOH Y 9 .  ? 15.613  1.944   16.068  1.000 20.934 0 215 HOH A O     1 ? 
HETATM 724 O  O     . HOH Y 9 .  ? -2.808  -2.759  6.958   1.000 33.549 0 216 HOH A O     1 ? 
HETATM 725 O  O     . HOH Y 9 .  ? -2.593  -0.253  0.874   1.000 26.744 0 217 HOH A O     1 ? 
HETATM 726 O  O     . HOH Y 9 .  ? 3.701   -1.020  -7.493  1.000 22.301 0 218 HOH A O     1 ? 
HETATM 727 O  O     . HOH Y 9 .  ? -5.533  2.199   2.114   1.000 17.347 0 219 HOH A O     1 ? 
HETATM 728 O  O     . HOH Y 9 .  ? 3.817   4.229   -14.575 1.000 19.441 0 220 HOH A O     1 ? 
HETATM 729 O  O     . HOH Y 9 .  ? 1.295   -1.912  -10.204 1.000 13.750 0 221 HOH A O     1 ? 
HETATM 730 O  O     . HOH Y 9 .  ? 0.743   2.636   -4.210  1.000 12.829 0 222 HOH A O     1 ? 
HETATM 731 O  O     . HOH Y 9 .  ? -7.010  6.499   4.050   1.000 22.842 0 223 HOH A O     1 ? 
HETATM 732 O  O     . HOH Y 9 .  ? 10.932  9.163   13.007  1.000 18.552 0 224 HOH A O     1 ? 
HETATM 733 O  O     . HOH Y 9 .  ? 6.970   -2.727  -8.726  1.000 23.931 0 225 HOH A O     1 ? 
HETATM 734 O  O     . HOH Y 9 .  ? 4.952   9.984   24.435  1.000 31.881 0 226 HOH A O     1 ? 
HETATM 735 O  O     . HOH Y 9 .  ? -5.767  6.451   -7.567  1.000 12.170 0 227 HOH A O     1 ? 
HETATM 736 O  O     . HOH Y 9 .  ? -5.428  8.927   1.298   1.000 10.482 0 228 HOH A O     1 ? 
HETATM 737 O  O     . HOH Y 9 .  ? -2.791  3.168   -0.604  1.000 23.681 0 229 HOH A O     1 ? 
HETATM 738 O  O     . HOH Y 9 .  ? -3.320  5.878   2.740   1.000 10.997 0 230 HOH A O     1 ? 
HETATM 739 O  O     . HOH Y 9 .  ? 4.104   -6.646  -12.749 1.000 17.972 0 231 HOH A O     1 ? 
HETATM 740 O  O     . HOH Y 9 .  ? 0.819   -1.044  11.045  1.000 23.145 0 232 HOH A O     1 ? 
HETATM 741 O  O     . HOH Y 9 .  ? 1.074   0.644   -7.453  1.000 17.194 0 233 HOH A O     1 ? 
HETATM 742 O  O     . HOH Y 9 .  ? 1.946   3.187   21.848  1.000 26.228 0 234 HOH A O     1 ? 
HETATM 743 O  O     . HOH Y 9 .  ? 10.761  9.331   19.755  1.000 28.697 0 235 HOH A O     1 ? 
HETATM 744 O  O     . HOH Y 9 .  ? -1.700  10.106  -4.649  1.000 7.246  0 236 HOH A O     1 ? 
HETATM 745 O  O     . HOH Y 9 .  ? 7.252   0.323   -6.213  1.000 11.690 0 237 HOH A O     1 ? 
HETATM 746 O  O     . HOH Y 9 .  ? 2.070   8.092   -2.353  1.000 19.720 0 238 HOH A O     1 ? 
HETATM 747 O  O     . HOH Y 9 .  ? -6.727  0.038   5.006   1.000 26.467 0 239 HOH A O     1 ? 
HETATM 748 O  O     . HOH Y 9 .  ? 4.104   -2.778  -10.441 1.000 17.186 0 240 HOH A O     1 ? 
HETATM 749 O  O     . HOH Y 9 .  ? -1.435  1.774   16.731  1.000 24.010 0 241 HOH A O     1 ? 
HETATM 750 O  O     . HOH Y 9 .  ? 12.579  -1.787  8.861   1.000 23.772 0 242 HOH A O     1 ? 
HETATM 751 O  O     . HOH Y 9 .  ? -0.767  6.596   -11.706 1.000 21.071 0 243 HOH A O     1 ? 
HETATM 752 O  O     . HOH Y 9 .  ? -8.023  8.324   -2.396  1.000 25.095 0 244 HOH A O     1 ? 
HETATM 753 O  O     . HOH Y 9 .  ? -0.889  6.079   1.087   1.000 14.628 0 245 HOH A O     1 ? 
HETATM 754 O  O     . HOH Y 9 .  ? 2.671   2.622   18.617  1.000 27.523 0 246 HOH A O     1 ? 
HETATM 755 O  O     . HOH Y 9 .  ? 3.518   -1.753  14.157  1.000 20.966 0 247 HOH A O     1 ? 
HETATM 756 O  O     . HOH Y 9 .  ? 7.783   -6.755  6.350   1.000 34.874 0 248 HOH A O     1 ? 
HETATM 757 O  O     . HOH Y 9 .  ? -0.004  -0.161  -4.594  1.000 18.068 0 249 HOH A O     1 ? 
HETATM 758 O  O     . HOH Y 9 .  ? -0.834  -1.589  -7.819  1.000 18.582 0 250 HOH A O     1 ? 
HETATM 759 O  O     . HOH Y 9 .  ? -1.278  -0.227  -1.740  1.000 24.449 0 251 HOH A O     1 ? 
HETATM 760 O  O     . HOH Y 9 .  ? -1.047  -4.596  -13.176 1.000 23.908 0 252 HOH A O     1 ? 
HETATM 761 O  O     . HOH Y 9 .  ? -1.498  -3.001  9.568   1.000 32.441 0 253 HOH A O     1 ? 
HETATM 762 O  O     . HOH Y 9 .  ? 4.007   0.994   20.854  1.000 28.879 0 254 HOH A O     1 ? 
HETATM 763 O  O     . HOH Y 9 .  ? -2.882  8.302   1.164   1.000 10.160 0 255 HOH A O     1 ? 
HETATM 764 O  O     . HOH Y 9 .  ? -0.451  -0.564  0.233   1.000 34.966 0 256 HOH A O     1 ? 
HETATM 765 O  O     . HOH Y 9 .  ? 8.817   -2.025  -6.420  1.000 24.496 0 257 HOH A O     1 ? 
HETATM 766 O  O     . HOH Y 9 .  ? -1.100  1.762   0.530   1.000 21.155 0 258 HOH A O     1 ? 
HETATM 767 O  O     . HOH Y 9 .  ? 7.786   11.061  10.249  0.330 38.852 0 259 HOH A O     1 ? 
HETATM 768 O  O     . HOH Y 9 .  ? -1.712  -0.331  10.327  1.000 32.222 0 260 HOH A O     1 ? 
HETATM 769 O  O     . HOH Z 9 .  ? -4.335  -0.755  -18.423 1.000 26.066 0 201 HOH B O     1 ? 
HETATM 770 O  O     . HOH Z 9 .  ? -12.227 -2.145  -5.205  1.000 28.989 0 202 HOH B O     1 ? 
HETATM 771 O  O     . HOH Z 9 .  ? 3.699   1.401   -24.761 1.000 33.521 0 203 HOH B O     1 ? 
HETATM 772 O  O     . HOH Z 9 .  ? -3.719  -3.015  -22.642 1.000 28.843 0 204 HOH B O     1 ? 
HETATM 773 O  O     . HOH Z 9 .  ? 3.621   9.381   1.002   1.000 23.824 0 205 HOH B O     1 ? 
HETATM 774 O  O     . HOH Z 9 .  ? 0.039   -5.966  -2.519  1.000 26.623 0 206 HOH B O     1 ? 
HETATM 775 O  O     . HOH Z 9 .  ? -4.283  -5.835  -7.327  1.000 41.348 0 207 HOH B O     1 ? 
HETATM 776 O  O     . HOH Z 9 .  ? 6.445   -6.273  -20.628 1.000 31.747 0 208 HOH B O     1 ? 
HETATM 777 O  O     . HOH Z 9 .  ? -9.155  3.419   -6.846  1.000 24.231 0 209 HOH B O     1 ? 
HETATM 778 O  O     . HOH Z 9 .  ? -2.409  -3.698  -6.611  1.000 33.137 0 210 HOH B O     1 ? 
HETATM 779 O  O     . HOH Z 9 .  ? -11.228 3.810   -8.456  1.000 23.747 0 211 HOH B O     1 ? 
HETATM 780 O  O     . HOH Z 9 .  ? 1.022   1.628   11.193  1.000 24.135 0 212 HOH B O     1 ? 
HETATM 781 O  O     . HOH Z 9 .  ? -0.709  5.978   3.907   1.000 14.173 0 213 HOH B O     1 ? 
HETATM 782 O  O     . HOH Z 9 .  ? -10.446 7.442   -18.421 1.000 19.247 0 214 HOH B O     1 ? 
HETATM 783 O  O     . HOH Z 9 .  ? 8.512   3.422   -2.245  1.000 7.953  0 215 HOH B O     1 ? 
HETATM 784 O  O     . HOH Z 9 .  ? 4.264   10.538  10.961  1.000 20.437 0 216 HOH B O     1 ? 
HETATM 785 O  O     . HOH Z 9 .  ? -1.235  5.394   6.431   1.000 22.103 0 217 HOH B O     1 ? 
HETATM 786 O  O     . HOH Z 9 .  ? 0.765   -2.449  -0.116  1.000 25.883 0 218 HOH B O     1 ? 
HETATM 787 O  O     . HOH Z 9 .  ? -13.255 5.499   -16.129 1.000 29.894 0 219 HOH B O     1 ? 
HETATM 788 O  O     . HOH Z 9 .  ? 4.342   -4.224  -1.589  1.000 14.951 0 220 HOH B O     1 ? 
HETATM 789 O  O     . HOH Z 9 .  ? -0.227  4.047   9.731   1.000 12.152 0 221 HOH B O     1 ? 
HETATM 790 O  O     . HOH Z 9 .  ? -2.121  -6.094  -4.718  1.000 31.763 0 222 HOH B O     1 ? 
HETATM 791 O  O     . HOH Z 9 .  ? 5.956   -0.963  -3.893  1.000 10.927 0 223 HOH B O     1 ? 
HETATM 792 O  O     . HOH Z 9 .  ? 9.871   1.189   5.676   1.000 13.475 0 224 HOH B O     1 ? 
HETATM 793 O  O     . HOH Z 9 .  ? 8.152   -4.106  -4.586  1.000 20.324 0 225 HOH B O     1 ? 
HETATM 794 O  O     . HOH Z 9 .  ? -1.335  8.121   -17.365 1.000 17.981 0 226 HOH B O     1 ? 
HETATM 795 O  O     . HOH Z 9 .  ? -3.053  -5.163  -21.328 1.000 22.149 0 227 HOH B O     1 ? 
HETATM 796 O  O     . HOH Z 9 .  ? 9.950   5.040   0.805   1.000 6.059  0 228 HOH B O     1 ? 
HETATM 797 O  O     . HOH Z 9 .  ? -3.654  -3.857  -9.765  1.000 22.874 0 229 HOH B O     1 ? 
HETATM 798 O  O     . HOH Z 9 .  ? 2.395   3.493   2.786   1.000 12.122 0 230 HOH B O     1 ? 
HETATM 799 O  O     . HOH Z 9 .  ? 9.897   -0.760  -3.300  1.000 10.711 0 231 HOH B O     1 ? 
HETATM 800 O  O     . HOH Z 9 .  ? -5.013  5.081   13.242  1.000 19.224 0 232 HOH B O     1 ? 
HETATM 801 O  O     . HOH Z 9 .  ? -9.321  -3.173  -12.524 1.000 23.802 0 233 HOH B O     1 ? 
HETATM 802 O  O     . HOH Z 9 .  ? 1.373   3.916   6.281   1.000 18.590 0 234 HOH B O     1 ? 
HETATM 803 O  O     . HOH Z 9 .  ? 5.807   6.305   -1.361  1.000 18.901 0 235 HOH B O     1 ? 
HETATM 804 O  O     . HOH Z 9 .  ? -2.599  8.474   3.995   1.000 9.972  0 236 HOH B O     1 ? 
HETATM 805 O  O     . HOH Z 9 .  ? -2.239  -9.597  -18.187 1.000 29.016 0 237 HOH B O     1 ? 
HETATM 806 O  O     . HOH Z 9 .  ? -7.796  -11.863 -0.481  1.000 32.959 0 238 HOH B O     1 ? 
HETATM 807 O  O     . HOH Z 9 .  ? -2.335  6.015   9.680   1.000 17.262 0 239 HOH B O     1 ? 
HETATM 808 O  O     . HOH Z 9 .  ? 4.115   -0.441  -0.039  1.000 25.779 0 240 HOH B O     1 ? 
HETATM 809 O  O     . HOH Z 9 .  ? -1.316  -6.551  -15.401 1.000 22.304 0 241 HOH B O     1 ? 
HETATM 810 O  O     . HOH Z 9 .  ? -10.313 6.078   -9.888  1.000 22.567 0 242 HOH B O     1 ? 
HETATM 811 O  O     . HOH Z 9 .  ? 2.611   -7.246  -3.151  1.000 28.328 0 243 HOH B O     1 ? 
HETATM 812 O  O     . HOH Z 9 .  ? 0.767   -0.491  2.005   1.000 28.547 0 244 HOH B O     1 ? 
HETATM 813 O  O     . HOH Z 9 .  ? 5.135   1.696   -2.998  1.000 14.193 0 245 HOH B O     1 ? 
HETATM 814 O  O     . HOH Z 9 .  ? 11.497  -1.735  0.649   1.000 28.841 0 246 HOH B O     1 ? 
HETATM 815 O  O     . HOH Z 9 .  ? -0.412  2.081   13.995  1.000 24.917 0 247 HOH B O     1 ? 
HETATM 816 O  O     . HOH Z 9 .  ? 0.741   1.703   4.257   1.000 18.006 0 248 HOH B O     1 ? 
HETATM 817 O  O     . HOH Z 9 .  ? -3.392  -3.597  -18.355 1.000 31.115 0 249 HOH B O     1 ? 
HETATM 818 O  O     . HOH Z 9 .  ? 0.739   1.561   7.905   1.000 19.012 0 250 HOH B O     1 ? 
HETATM 819 O  O     . HOH Z 9 .  ? -6.401  -3.282  -12.822 1.000 20.954 0 251 HOH B O     1 ? 
HETATM 820 O  O     . HOH Z 9 .  ? -5.498  -14.918 -2.122  1.000 38.543 0 252 HOH B O     1 ? 
HETATM 821 O  O     . HOH Z 9 .  ? 11.385  -3.953  -1.642  1.000 24.847 0 253 HOH B O     1 ? 
HETATM 822 O  O     . HOH Z 9 .  ? -5.893  -3.928  -20.313 1.000 28.654 0 254 HOH B O     1 ? 
HETATM 823 O  O     . HOH Z 9 .  ? -3.230  -5.692  -17.131 1.000 30.965 0 255 HOH B O     1 ? 
HETATM 824 O  O     . HOH Z 9 .  ? 7.999   1.071   -3.512  1.000 11.139 0 256 HOH B O     1 ? 
HETATM 825 O  O     . HOH Z 9 .  ? 0.354   3.754   1.066   1.000 23.820 0 257 HOH B O     1 ? 
HETATM 826 O  O     . HOH Z 9 .  ? 5.904   9.829   1.418   0.330 23.734 0 258 HOH B O     1 ? 
HETATM 827 O  O     . HOH Z 9 .  ? 2.531   -6.443  -6.021  1.000 24.732 0 259 HOH B O     1 ? 
HETATM 828 O  O     . HOH Z 9 .  ? 1.789   -0.141  -0.784  1.000 25.441 0 260 HOH B O     1 ? 
HETATM 829 O  O     . HOH Z 9 .  ? -3.680  2.742   12.929  1.000 27.292 0 261 HOH B O     1 ? 
HETATM 830 O  O     . HOH Z 9 .  ? 2.436   7.561   -14.855 0.330 27.603 0 262 HOH B O     1 ? 
HETATM 831 O  O     . HOH Z 9 .  ? -1.438  -5.185  -8.863  1.000 27.271 0 263 HOH B O     1 ? 
# 
loop_
_pdbx_poly_seq_scheme.asym_id 
_pdbx_poly_seq_scheme.entity_id 
_pdbx_poly_seq_scheme.seq_id 
_pdbx_poly_seq_scheme.mon_id 
_pdbx_poly_seq_scheme.ndb_seq_num 
_pdbx_poly_seq_scheme.pdb_seq_num 
_pdbx_poly_seq_scheme.auth_seq_num 
_pdbx_poly_seq_scheme.pdb_mon_id 
_pdbx_poly_seq_scheme.auth_mon_id 
_pdbx_poly_seq_scheme.pdb_strand_id 
_pdbx_poly_seq_scheme.pdb_ins_code 
_pdbx_poly_seq_scheme.hetero 
A 1 1  C 1  1  ?  ? ? A . n 
A 1 2  C 2  2  ?  ? ? A . n 
A 1 3  C 3  3  ?  ? ? A . n 
A 1 4  G 4  4  ?  ? ? A . n 
A 1 5  A 5  5  5  A A A . n 
A 1 6  C 6  6  6  C C A . n 
A 1 7  U 7  7  7  U U A . n 
A 1 8  U 8  8  8  U U A . n 
A 1 9  A 9  9  9  A A A . n 
A 1 10 A 10 10 10 A A A . n 
A 1 11 G 11 11 11 G G A . n 
A 1 12 U 12 12 12 U U A . n 
A 1 13 C 13 13 13 C C A . n 
A 1 14 G 14 14 ?  ? ? A . n 
B 1 1  C 1  1  ?  ? ? B . n 
B 1 2  C 2  2  ?  ? ? B . n 
B 1 3  C 3  3  ?  ? ? B . n 
B 1 4  G 4  4  ?  ? ? B . n 
B 1 5  A 5  5  5  A A B . n 
B 1 6  C 6  6  6  C C B . n 
B 1 7  U 7  7  7  U U B . n 
B 1 8  U 8  8  8  U U B . n 
B 1 9  A 9  9  9  A A B . n 
B 1 10 A 10 10 10 A A B . n 
B 1 11 G 11 11 11 G G B . n 
B 1 12 U 12 12 12 U U B . n 
B 1 13 C 13 13 13 C C B . n 
B 1 14 G 14 14 ?  ? ? B . n 
# 
loop_
_pdbx_nonpoly_scheme.asym_id 
_pdbx_nonpoly_scheme.entity_id 
_pdbx_nonpoly_scheme.mon_id 
_pdbx_nonpoly_scheme.ndb_seq_num 
_pdbx_nonpoly_scheme.pdb_seq_num 
_pdbx_nonpoly_scheme.auth_seq_num 
_pdbx_nonpoly_scheme.pdb_mon_id 
_pdbx_nonpoly_scheme.auth_mon_id 
_pdbx_nonpoly_scheme.pdb_strand_id 
_pdbx_nonpoly_scheme.pdb_ins_code 
C 2 LCC 1  101 3   LCC LCC A . 
D 3 LCG 1  102 4   LCG LCG A . 
E 4 GDO 1  103 14  GDO 3DG A . 
F 5 LKC 1  104 1   LKC LCC A . 
G 2 LCC 1  105 2   LCC LCC A . 
H 6 GP3 1  106 101 GP3 GP3 A . 
I 7 MG  1  107 1   MG  MG  A . 
J 7 MG  1  108 7   MG  MG  A . 
K 7 MG  1  109 12  MG  MG  A . 
L 7 MG  1  110 14  MG  MG  A . 
M 8 CO  1  111 2   CO  CO  A . 
N 5 LKC 1  101 1   LKC LCC B . 
O 2 LCC 1  102 2   LCC LCC B . 
P 6 GP3 1  103 101 GP3 GP3 B . 
Q 2 LCC 1  104 3   LCC LCC B . 
R 3 LCG 1  105 4   LCG LCG B . 
S 4 GDO 1  106 14  GDO 3DG B . 
T 7 MG  1  107 2   MG  MG  B . 
U 7 MG  1  108 5   MG  MG  B . 
V 7 MG  1  109 8   MG  MG  B . 
W 7 MG  1  110 15  MG  MG  B . 
X 8 CO  1  111 1   CO  CO  B . 
Y 9 HOH 1  201 26  HOH HOH A . 
Y 9 HOH 2  202 117 HOH HOH A . 
Y 9 HOH 3  203 99  HOH HOH A . 
Y 9 HOH 4  204 81  HOH HOH A . 
Y 9 HOH 5  205 121 HOH HOH A . 
Y 9 HOH 6  206 80  HOH HOH A . 
Y 9 HOH 7  207 68  HOH HOH A . 
Y 9 HOH 8  208 72  HOH HOH A . 
Y 9 HOH 9  209 2   HOH HOH A . 
Y 9 HOH 10 210 108 HOH HOH A . 
Y 9 HOH 11 211 105 HOH HOH A . 
Y 9 HOH 12 212 97  HOH HOH A . 
Y 9 HOH 13 213 46  HOH HOH A . 
Y 9 HOH 14 214 59  HOH HOH A . 
Y 9 HOH 15 215 69  HOH HOH A . 
Y 9 HOH 16 216 111 HOH HOH A . 
Y 9 HOH 17 217 102 HOH HOH A . 
Y 9 HOH 18 218 93  HOH HOH A . 
Y 9 HOH 19 219 19  HOH HOH A . 
Y 9 HOH 20 220 34  HOH HOH A . 
Y 9 HOH 21 221 10  HOH HOH A . 
Y 9 HOH 22 222 31  HOH HOH A . 
Y 9 HOH 23 223 47  HOH HOH A . 
Y 9 HOH 24 224 70  HOH HOH A . 
Y 9 HOH 25 225 94  HOH HOH A . 
Y 9 HOH 26 226 119 HOH HOH A . 
Y 9 HOH 27 227 33  HOH HOH A . 
Y 9 HOH 28 228 18  HOH HOH A . 
Y 9 HOH 29 229 48  HOH HOH A . 
Y 9 HOH 30 230 16  HOH HOH A . 
Y 9 HOH 31 231 11  HOH HOH A . 
Y 9 HOH 32 232 112 HOH HOH A . 
Y 9 HOH 33 233 52  HOH HOH A . 
Y 9 HOH 34 234 36  HOH HOH A . 
Y 9 HOH 35 235 118 HOH HOH A . 
Y 9 HOH 36 236 3   HOH HOH A . 
Y 9 HOH 37 237 4   HOH HOH A . 
Y 9 HOH 38 238 20  HOH HOH A . 
Y 9 HOH 39 239 45  HOH HOH A . 
Y 9 HOH 40 240 53  HOH HOH A . 
Y 9 HOH 41 241 39  HOH HOH A . 
Y 9 HOH 42 242 79  HOH HOH A . 
Y 9 HOH 43 243 113 HOH HOH A . 
Y 9 HOH 44 244 96  HOH HOH A . 
Y 9 HOH 45 245 13  HOH HOH A . 
Y 9 HOH 46 246 37  HOH HOH A . 
Y 9 HOH 47 247 27  HOH HOH A . 
Y 9 HOH 48 248 100 HOH HOH A . 
Y 9 HOH 49 249 51  HOH HOH A . 
Y 9 HOH 50 250 28  HOH HOH A . 
Y 9 HOH 51 251 75  HOH HOH A . 
Y 9 HOH 52 252 58  HOH HOH A . 
Y 9 HOH 53 253 78  HOH HOH A . 
Y 9 HOH 54 254 66  HOH HOH A . 
Y 9 HOH 55 255 15  HOH HOH A . 
Y 9 HOH 56 256 125 HOH HOH A . 
Y 9 HOH 57 257 57  HOH HOH A . 
Y 9 HOH 58 258 76  HOH HOH A . 
Y 9 HOH 59 259 116 HOH HOH A . 
Y 9 HOH 60 260 104 HOH HOH A . 
Z 9 HOH 1  201 30  HOH HOH B . 
Z 9 HOH 2  202 82  HOH HOH B . 
Z 9 HOH 3  203 124 HOH HOH B . 
Z 9 HOH 4  204 87  HOH HOH B . 
Z 9 HOH 5  205 77  HOH HOH B . 
Z 9 HOH 6  206 55  HOH HOH B . 
Z 9 HOH 7  207 92  HOH HOH B . 
Z 9 HOH 8  208 122 HOH HOH B . 
Z 9 HOH 9  209 83  HOH HOH B . 
Z 9 HOH 10 210 123 HOH HOH B . 
Z 9 HOH 11 211 84  HOH HOH B . 
Z 9 HOH 12 212 40  HOH HOH B . 
Z 9 HOH 13 213 12  HOH HOH B . 
Z 9 HOH 14 214 73  HOH HOH B . 
Z 9 HOH 15 215 7   HOH HOH B . 
Z 9 HOH 16 216 71  HOH HOH B . 
Z 9 HOH 17 217 42  HOH HOH B . 
Z 9 HOH 18 218 50  HOH HOH B . 
Z 9 HOH 19 219 86  HOH HOH B . 
Z 9 HOH 20 220 9   HOH HOH B . 
Z 9 HOH 21 221 22  HOH HOH B . 
Z 9 HOH 22 222 109 HOH HOH B . 
Z 9 HOH 23 223 5   HOH HOH B . 
Z 9 HOH 24 224 24  HOH HOH B . 
Z 9 HOH 25 225 56  HOH HOH B . 
Z 9 HOH 26 226 35  HOH HOH B . 
Z 9 HOH 27 227 65  HOH HOH B . 
Z 9 HOH 28 228 14  HOH HOH B . 
Z 9 HOH 29 229 62  HOH HOH B . 
Z 9 HOH 30 230 21  HOH HOH B . 
Z 9 HOH 31 231 8   HOH HOH B . 
Z 9 HOH 32 232 25  HOH HOH B . 
Z 9 HOH 33 233 90  HOH HOH B . 
Z 9 HOH 34 234 43  HOH HOH B . 
Z 9 HOH 35 235 32  HOH HOH B . 
Z 9 HOH 36 236 17  HOH HOH B . 
Z 9 HOH 37 237 91  HOH HOH B . 
Z 9 HOH 38 238 106 HOH HOH B . 
Z 9 HOH 39 239 41  HOH HOH B . 
Z 9 HOH 40 240 101 HOH HOH B . 
Z 9 HOH 41 241 89  HOH HOH B . 
Z 9 HOH 42 242 85  HOH HOH B . 
Z 9 HOH 43 243 54  HOH HOH B . 
Z 9 HOH 44 244 103 HOH HOH B . 
Z 9 HOH 45 245 1   HOH HOH B . 
Z 9 HOH 46 246 98  HOH HOH B . 
Z 9 HOH 47 247 38  HOH HOH B . 
Z 9 HOH 48 248 44  HOH HOH B . 
Z 9 HOH 49 249 63  HOH HOH B . 
Z 9 HOH 50 250 23  HOH HOH B . 
Z 9 HOH 51 251 29  HOH HOH B . 
Z 9 HOH 52 252 107 HOH HOH B . 
Z 9 HOH 53 253 95  HOH HOH B . 
Z 9 HOH 54 254 64  HOH HOH B . 
Z 9 HOH 55 255 88  HOH HOH B . 
Z 9 HOH 56 256 6   HOH HOH B . 
Z 9 HOH 57 257 49  HOH HOH B . 
Z 9 HOH 58 258 115 HOH HOH B . 
Z 9 HOH 59 259 110 HOH HOH B . 
Z 9 HOH 60 260 74  HOH HOH B . 
Z 9 HOH 61 261 120 HOH HOH B . 
Z 9 HOH 62 262 114 HOH HOH B . 
Z 9 HOH 63 263 61  HOH HOH B . 
# 
_pdbx_struct_assembly.id                   1 
_pdbx_struct_assembly.details              author_defined_assembly 
_pdbx_struct_assembly.method_details       ? 
_pdbx_struct_assembly.oligomeric_details   dimeric 
_pdbx_struct_assembly.oligomeric_count     2 
# 
_pdbx_struct_assembly_gen.assembly_id       1 
_pdbx_struct_assembly_gen.oper_expression   1 
_pdbx_struct_assembly_gen.asym_id_list      A,B,C,D,E,F,G,H,I,J,K,L,M,N,O,P,Q,R,S,T,U,V,W,X,Y,Z 
# 
loop_
_pdbx_struct_assembly_prop.biol_id 
_pdbx_struct_assembly_prop.type 
_pdbx_struct_assembly_prop.value 
_pdbx_struct_assembly_prop.details 
1 'ABSA (A^2)' 5310 ? 
1 MORE         -49  ? 
1 'SSA (A^2)'  5610 ? 
# 
_pdbx_struct_oper_list.id                   1 
_pdbx_struct_oper_list.type                 'identity operation' 
_pdbx_struct_oper_list.name                 1_555 
_pdbx_struct_oper_list.symmetry_operation   x,y,z 
_pdbx_struct_oper_list.matrix[1][1]         1.0000000000 
_pdbx_struct_oper_list.matrix[1][2]         0.0000000000 
_pdbx_struct_oper_list.matrix[1][3]         0.0000000000 
_pdbx_struct_oper_list.vector[1]            0.0000000000 
_pdbx_struct_oper_list.matrix[2][1]         0.0000000000 
_pdbx_struct_oper_list.matrix[2][2]         1.0000000000 
_pdbx_struct_oper_list.matrix[2][3]         0.0000000000 
_pdbx_struct_oper_list.vector[2]            0.0000000000 
_pdbx_struct_oper_list.matrix[3][1]         0.0000000000 
_pdbx_struct_oper_list.matrix[3][2]         0.0000000000 
_pdbx_struct_oper_list.matrix[3][3]         1.0000000000 
_pdbx_struct_oper_list.vector[3]            0.0000000000 
# 
loop_
_pdbx_struct_special_symmetry.id 
_pdbx_struct_special_symmetry.PDB_model_num 
_pdbx_struct_special_symmetry.auth_asym_id 
_pdbx_struct_special_symmetry.auth_comp_id 
_pdbx_struct_special_symmetry.auth_seq_id 
_pdbx_struct_special_symmetry.PDB_ins_code 
_pdbx_struct_special_symmetry.label_asym_id 
_pdbx_struct_special_symmetry.label_comp_id 
_pdbx_struct_special_symmetry.label_seq_id 
1 1 B MG  107 ? T MG  . 
2 1 A HOH 259 ? Y HOH . 
3 1 B HOH 258 ? Z HOH . 
4 1 B HOH 262 ? Z HOH . 
# 
loop_
_pdbx_struct_conn_angle.id 
_pdbx_struct_conn_angle.ptnr1_label_atom_id 
_pdbx_struct_conn_angle.ptnr1_label_alt_id 
_pdbx_struct_conn_angle.ptnr1_label_asym_id 
_pdbx_struct_conn_angle.ptnr1_label_comp_id 
_pdbx_struct_conn_angle.ptnr1_label_seq_id 
_pdbx_struct_conn_angle.ptnr1_auth_atom_id 
_pdbx_struct_conn_angle.ptnr1_auth_asym_id 
_pdbx_struct_conn_angle.ptnr1_auth_comp_id 
_pdbx_struct_conn_angle.ptnr1_auth_seq_id 
_pdbx_struct_conn_angle.ptnr1_PDB_ins_code 
_pdbx_struct_conn_angle.ptnr1_symmetry 
_pdbx_struct_conn_angle.ptnr2_label_atom_id 
_pdbx_struct_conn_angle.ptnr2_label_alt_id 
_pdbx_struct_conn_angle.ptnr2_label_asym_id 
_pdbx_struct_conn_angle.ptnr2_label_comp_id 
_pdbx_struct_conn_angle.ptnr2_label_seq_id 
_pdbx_struct_conn_angle.ptnr2_auth_atom_id 
_pdbx_struct_conn_angle.ptnr2_auth_asym_id 
_pdbx_struct_conn_angle.ptnr2_auth_comp_id 
_pdbx_struct_conn_angle.ptnr2_auth_seq_id 
_pdbx_struct_conn_angle.ptnr2_PDB_ins_code 
_pdbx_struct_conn_angle.ptnr2_symmetry 
_pdbx_struct_conn_angle.ptnr3_label_atom_id 
_pdbx_struct_conn_angle.ptnr3_label_alt_id 
_pdbx_struct_conn_angle.ptnr3_label_asym_id 
_pdbx_struct_conn_angle.ptnr3_label_comp_id 
_pdbx_struct_conn_angle.ptnr3_label_seq_id 
_pdbx_struct_conn_angle.ptnr3_auth_atom_id 
_pdbx_struct_conn_angle.ptnr3_auth_asym_id 
_pdbx_struct_conn_angle.ptnr3_auth_comp_id 
_pdbx_struct_conn_angle.ptnr3_auth_seq_id 
_pdbx_struct_conn_angle.ptnr3_PDB_ins_code 
_pdbx_struct_conn_angle.ptnr3_symmetry 
_pdbx_struct_conn_angle.value 
_pdbx_struct_conn_angle.value_esd 
1  O3D ? H GP3 . ? A GP3 106 ? 1_555 MG ? I MG . ? A MG 107 ? 1_555 O2D ? H GP3 . ? A GP3 106 ? 1_555 78.1  ? 
2  O3D ? H GP3 . ? A GP3 106 ? 1_555 MG ? I MG . ? A MG 107 ? 1_555 O3D ? H GP3 . ? A GP3 106 ? 1_555 0.0   ? 
3  O2D ? H GP3 . ? A GP3 106 ? 1_555 MG ? I MG . ? A MG 107 ? 1_555 O3D ? H GP3 . ? A GP3 106 ? 1_555 78.1  ? 
4  O3D ? H GP3 . ? A GP3 106 ? 1_555 MG ? I MG . ? A MG 107 ? 1_555 O2D ? H GP3 . ? A GP3 106 ? 1_555 78.1  ? 
5  O2D ? H GP3 . ? A GP3 106 ? 1_555 MG ? I MG . ? A MG 107 ? 1_555 O2D ? H GP3 . ? A GP3 106 ? 1_555 0.0   ? 
6  O3D ? H GP3 . ? A GP3 106 ? 1_555 MG ? I MG . ? A MG 107 ? 1_555 O2D ? H GP3 . ? A GP3 106 ? 1_555 78.1  ? 
7  O2A ? H GP3 . ? A GP3 106 ? 1_555 MG ? K MG . ? A MG 109 ? 1_555 O3B ? H GP3 . ? A GP3 106 ? 1_555 87.0  ? 
8  O2A ? H GP3 . ? A GP3 106 ? 1_555 MG ? K MG . ? A MG 109 ? 1_555 O2G ? H GP3 . ? A GP3 106 ? 1_555 142.0 ? 
9  O3B ? H GP3 . ? A GP3 106 ? 1_555 MG ? K MG . ? A MG 109 ? 1_555 O2G ? H GP3 . ? A GP3 106 ? 1_555 67.2  ? 
10 O2A ? H GP3 . ? A GP3 106 ? 1_555 MG ? K MG . ? A MG 109 ? 1_555 O   ? Y HOH . ? A HOH 202 ? 1_555 52.8  ? 
11 O3B ? H GP3 . ? A GP3 106 ? 1_555 MG ? K MG . ? A MG 109 ? 1_555 O   ? Y HOH . ? A HOH 202 ? 1_555 137.9 ? 
12 O2G ? H GP3 . ? A GP3 106 ? 1_555 MG ? K MG . ? A MG 109 ? 1_555 O   ? Y HOH . ? A HOH 202 ? 1_555 136.9 ? 
13 O1B ? H GP3 . ? A GP3 106 ? 1_555 CO ? M CO . ? A CO 111 ? 1_555 N7B ? H GP3 . ? A GP3 106 ? 1_555 105.7 ? 
14 O1B ? H GP3 . ? A GP3 106 ? 1_555 CO ? M CO . ? A CO 111 ? 1_555 O   ? Y HOH . ? A HOH 206 ? 1_555 79.3  ? 
15 N7B ? H GP3 . ? A GP3 106 ? 1_555 CO ? M CO . ? A CO 111 ? 1_555 O   ? Y HOH . ? A HOH 206 ? 1_555 91.0  ? 
16 O1B ? H GP3 . ? A GP3 106 ? 1_555 CO ? M CO . ? A CO 111 ? 1_555 O   ? Y HOH . ? A HOH 234 ? 1_555 142.9 ? 
17 N7B ? H GP3 . ? A GP3 106 ? 1_555 CO ? M CO . ? A CO 111 ? 1_555 O   ? Y HOH . ? A HOH 234 ? 1_555 84.5  ? 
18 O   ? Y HOH . ? A HOH 206 ? 1_555 CO ? M CO . ? A CO 111 ? 1_555 O   ? Y HOH . ? A HOH 234 ? 1_555 64.7  ? 
19 O1B ? H GP3 . ? A GP3 106 ? 1_555 CO ? M CO . ? A CO 111 ? 1_555 O   ? Y HOH . ? A HOH 246 ? 1_555 124.4 ? 
20 N7B ? H GP3 . ? A GP3 106 ? 1_555 CO ? M CO . ? A CO 111 ? 1_555 O   ? Y HOH . ? A HOH 246 ? 1_555 87.2  ? 
21 O   ? Y HOH . ? A HOH 206 ? 1_555 CO ? M CO . ? A CO 111 ? 1_555 O   ? Y HOH . ? A HOH 246 ? 1_555 155.8 ? 
22 O   ? Y HOH . ? A HOH 234 ? 1_555 CO ? M CO . ? A CO 111 ? 1_555 O   ? Y HOH . ? A HOH 246 ? 1_555 91.0  ? 
23 O1B ? H GP3 . ? A GP3 106 ? 1_555 CO ? M CO . ? A CO 111 ? 1_555 O   ? Y HOH . ? A HOH 254 ? 1_555 97.0  ? 
24 N7B ? H GP3 . ? A GP3 106 ? 1_555 CO ? M CO . ? A CO 111 ? 1_555 O   ? Y HOH . ? A HOH 254 ? 1_555 157.2 ? 
25 O   ? Y HOH . ? A HOH 206 ? 1_555 CO ? M CO . ? A CO 111 ? 1_555 O   ? Y HOH . ? A HOH 254 ? 1_555 95.6  ? 
26 O   ? Y HOH . ? A HOH 234 ? 1_555 CO ? M CO . ? A CO 111 ? 1_555 O   ? Y HOH . ? A HOH 254 ? 1_555 78.7  ? 
27 O   ? Y HOH . ? A HOH 246 ? 1_555 CO ? M CO . ? A CO 111 ? 1_555 O   ? Y HOH . ? A HOH 254 ? 1_555 77.8  ? 
28 O   ? Y HOH . ? A HOH 209 ? 1_555 MG ? J MG . ? A MG 108 ? 1_555 O   ? Y HOH . ? A HOH 236 ? 3_455 90.3  ? 
29 O   ? Y HOH . ? A HOH 209 ? 1_555 MG ? J MG . ? A MG 108 ? 1_555 O   ? Y HOH . ? A HOH 237 ? 1_555 93.0  ? 
30 O   ? Y HOH . ? A HOH 236 ? 3_455 MG ? J MG . ? A MG 108 ? 1_555 O   ? Y HOH . ? A HOH 237 ? 1_555 86.4  ? 
31 O   ? Y HOH . ? A HOH 209 ? 1_555 MG ? J MG . ? A MG 108 ? 1_555 O   ? Z HOH . ? B HOH 223 ? 1_555 87.6  ? 
32 O   ? Y HOH . ? A HOH 236 ? 3_455 MG ? J MG . ? A MG 108 ? 1_555 O   ? Z HOH . ? B HOH 223 ? 1_555 177.8 ? 
33 O   ? Y HOH . ? A HOH 237 ? 1_555 MG ? J MG . ? A MG 108 ? 1_555 O   ? Z HOH . ? B HOH 223 ? 1_555 93.0  ? 
34 O   ? Y HOH . ? A HOH 209 ? 1_555 MG ? J MG . ? A MG 108 ? 1_555 O   ? Z HOH . ? B HOH 245 ? 1_555 85.1  ? 
35 O   ? Y HOH . ? A HOH 236 ? 3_455 MG ? J MG . ? A MG 108 ? 1_555 O   ? Z HOH . ? B HOH 245 ? 1_555 91.0  ? 
36 O   ? Y HOH . ? A HOH 237 ? 1_555 MG ? J MG . ? A MG 108 ? 1_555 O   ? Z HOH . ? B HOH 245 ? 1_555 176.8 ? 
37 O   ? Z HOH . ? B HOH 223 ? 1_555 MG ? J MG . ? A MG 108 ? 1_555 O   ? Z HOH . ? B HOH 245 ? 1_555 89.6  ? 
38 O   ? Y HOH . ? A HOH 209 ? 1_555 MG ? J MG . ? A MG 108 ? 1_555 O   ? Z HOH . ? B HOH 256 ? 1_555 175.3 ? 
39 O   ? Y HOH . ? A HOH 236 ? 3_455 MG ? J MG . ? A MG 108 ? 1_555 O   ? Z HOH . ? B HOH 256 ? 1_555 92.9  ? 
40 O   ? Y HOH . ? A HOH 237 ? 1_555 MG ? J MG . ? A MG 108 ? 1_555 O   ? Z HOH . ? B HOH 256 ? 1_555 90.6  ? 
41 O   ? Z HOH . ? B HOH 223 ? 1_555 MG ? J MG . ? A MG 108 ? 1_555 O   ? Z HOH . ? B HOH 256 ? 1_555 89.2  ? 
42 O   ? Z HOH . ? B HOH 245 ? 1_555 MG ? J MG . ? A MG 108 ? 1_555 O   ? Z HOH . ? B HOH 256 ? 1_555 91.4  ? 
43 O   ? Y HOH . ? A HOH 205 ? 1_555 MG ? L MG . ? A MG 110 ? 1_555 O   ? Y HOH . ? A HOH 216 ? 1_555 87.6  ? 
44 O   ? Y HOH . ? A HOH 205 ? 1_555 MG ? L MG . ? A MG 110 ? 1_555 O   ? Y HOH . ? A HOH 253 ? 1_555 77.2  ? 
45 O   ? Y HOH . ? A HOH 216 ? 1_555 MG ? L MG . ? A MG 110 ? 1_555 O   ? Y HOH . ? A HOH 253 ? 1_555 90.7  ? 
46 O   ? Y HOH . ? A HOH 205 ? 1_555 MG ? L MG . ? A MG 110 ? 1_555 O   ? Y HOH . ? A HOH 260 ? 1_555 78.5  ? 
47 O   ? Y HOH . ? A HOH 216 ? 1_555 MG ? L MG . ? A MG 110 ? 1_555 O   ? Y HOH . ? A HOH 260 ? 1_555 165.7 ? 
48 O   ? Y HOH . ? A HOH 253 ? 1_555 MG ? L MG . ? A MG 110 ? 1_555 O   ? Y HOH . ? A HOH 260 ? 1_555 82.7  ? 
49 O   ? Y HOH . ? A HOH 230 ? 1_555 MG ? V MG . ? B MG 109 ? 1_555 O   ? Y HOH . ? A HOH 245 ? 1_555 90.0  ? 
50 O   ? Y HOH . ? A HOH 230 ? 1_555 MG ? V MG . ? B MG 109 ? 1_555 O   ? Y HOH . ? A HOH 255 ? 1_555 89.9  ? 
51 O   ? Y HOH . ? A HOH 245 ? 1_555 MG ? V MG . ? B MG 109 ? 1_555 O   ? Y HOH . ? A HOH 255 ? 1_555 91.7  ? 
52 O   ? Y HOH . ? A HOH 230 ? 1_555 MG ? V MG . ? B MG 109 ? 1_555 O   ? Z HOH . ? B HOH 213 ? 1_555 85.5  ? 
53 O   ? Y HOH . ? A HOH 245 ? 1_555 MG ? V MG . ? B MG 109 ? 1_555 O   ? Z HOH . ? B HOH 213 ? 1_555 83.8  ? 
54 O   ? Y HOH . ? A HOH 255 ? 1_555 MG ? V MG . ? B MG 109 ? 1_555 O   ? Z HOH . ? B HOH 213 ? 1_555 173.6 ? 
55 O   ? Y HOH . ? A HOH 230 ? 1_555 MG ? V MG . ? B MG 109 ? 1_555 O   ? Z HOH . ? B HOH 228 ? 2_565 177.8 ? 
56 O   ? Y HOH . ? A HOH 245 ? 1_555 MG ? V MG . ? B MG 109 ? 1_555 O   ? Z HOH . ? B HOH 228 ? 2_565 90.7  ? 
57 O   ? Y HOH . ? A HOH 255 ? 1_555 MG ? V MG . ? B MG 109 ? 1_555 O   ? Z HOH . ? B HOH 228 ? 2_565 92.2  ? 
58 O   ? Z HOH . ? B HOH 213 ? 1_555 MG ? V MG . ? B MG 109 ? 1_555 O   ? Z HOH . ? B HOH 228 ? 2_565 92.5  ? 
59 O   ? Y HOH . ? A HOH 230 ? 1_555 MG ? V MG . ? B MG 109 ? 1_555 O   ? Z HOH . ? B HOH 236 ? 1_555 92.5  ? 
60 O   ? Y HOH . ? A HOH 245 ? 1_555 MG ? V MG . ? B MG 109 ? 1_555 O   ? Z HOH . ? B HOH 236 ? 1_555 177.5 ? 
61 O   ? Y HOH . ? A HOH 255 ? 1_555 MG ? V MG . ? B MG 109 ? 1_555 O   ? Z HOH . ? B HOH 236 ? 1_555 87.8  ? 
62 O   ? Z HOH . ? B HOH 213 ? 1_555 MG ? V MG . ? B MG 109 ? 1_555 O   ? Z HOH . ? B HOH 236 ? 1_555 96.9  ? 
63 O   ? Z HOH . ? B HOH 228 ? 2_565 MG ? V MG . ? B MG 109 ? 1_555 O   ? Z HOH . ? B HOH 236 ? 1_555 86.9  ? 
64 O3D ? P GP3 . ? B GP3 103 ? 1_555 MG ? T MG . ? B MG 107 ? 1_555 O2D ? P GP3 . ? B GP3 103 ? 1_555 76.6  ? 
65 O3D ? P GP3 . ? B GP3 103 ? 1_555 MG ? T MG . ? B MG 107 ? 1_555 O3D ? P GP3 . ? B GP3 103 ? 1_555 0.0   ? 
66 O2D ? P GP3 . ? B GP3 103 ? 1_555 MG ? T MG . ? B MG 107 ? 1_555 O3D ? P GP3 . ? B GP3 103 ? 1_555 76.6  ? 
67 O3D ? P GP3 . ? B GP3 103 ? 1_555 MG ? T MG . ? B MG 107 ? 1_555 O2D ? P GP3 . ? B GP3 103 ? 1_555 76.6  ? 
68 O2D ? P GP3 . ? B GP3 103 ? 1_555 MG ? T MG . ? B MG 107 ? 1_555 O2D ? P GP3 . ? B GP3 103 ? 1_555 0.0   ? 
69 O3D ? P GP3 . ? B GP3 103 ? 1_555 MG ? T MG . ? B MG 107 ? 1_555 O2D ? P GP3 . ? B GP3 103 ? 1_555 76.6  ? 
70 O2A ? P GP3 . ? B GP3 103 ? 1_555 MG ? U MG . ? B MG 108 ? 1_555 O3B ? P GP3 . ? B GP3 103 ? 1_555 88.0  ? 
71 O2A ? P GP3 . ? B GP3 103 ? 1_555 MG ? U MG . ? B MG 108 ? 1_555 O2G ? P GP3 . ? B GP3 103 ? 1_555 141.7 ? 
72 O3B ? P GP3 . ? B GP3 103 ? 1_555 MG ? U MG . ? B MG 108 ? 1_555 O2G ? P GP3 . ? B GP3 103 ? 1_555 66.8  ? 
73 O1B ? P GP3 . ? B GP3 103 ? 1_555 CO ? X CO . ? B CO 111 ? 1_555 N7B ? P GP3 . ? B GP3 103 ? 1_555 104.2 ? 
74 O1B ? P GP3 . ? B GP3 103 ? 1_555 CO ? X CO . ? B CO 111 ? 1_555 O   ? Z HOH . ? B HOH 204 ? 1_555 76.5  ? 
75 N7B ? P GP3 . ? B GP3 103 ? 1_555 CO ? X CO . ? B CO 111 ? 1_555 O   ? Z HOH . ? B HOH 204 ? 1_555 92.2  ? 
76 O1B ? P GP3 . ? B GP3 103 ? 1_555 CO ? X CO . ? B CO 111 ? 1_555 O   ? Z HOH . ? B HOH 227 ? 1_555 143.2 ? 
77 N7B ? P GP3 . ? B GP3 103 ? 1_555 CO ? X CO . ? B CO 111 ? 1_555 O   ? Z HOH . ? B HOH 227 ? 1_555 85.3  ? 
78 O   ? Z HOH . ? B HOH 204 ? 1_555 CO ? X CO . ? B CO 111 ? 1_555 O   ? Z HOH . ? B HOH 227 ? 1_555 67.5  ? 
79 O1B ? P GP3 . ? B GP3 103 ? 1_555 CO ? X CO . ? B CO 111 ? 1_555 O   ? Z HOH . ? B HOH 249 ? 1_555 123.0 ? 
80 N7B ? P GP3 . ? B GP3 103 ? 1_555 CO ? X CO . ? B CO 111 ? 1_555 O   ? Z HOH . ? B HOH 249 ? 1_555 89.8  ? 
81 O   ? Z HOH . ? B HOH 204 ? 1_555 CO ? X CO . ? B CO 111 ? 1_555 O   ? Z HOH . ? B HOH 249 ? 1_555 159.2 ? 
82 O   ? Z HOH . ? B HOH 227 ? 1_555 CO ? X CO . ? B CO 111 ? 1_555 O   ? Z HOH . ? B HOH 249 ? 1_555 92.0  ? 
83 O1B ? P GP3 . ? B GP3 103 ? 1_555 CO ? X CO . ? B CO 111 ? 1_555 O   ? Z HOH . ? B HOH 254 ? 1_555 90.5  ? 
84 N7B ? P GP3 . ? B GP3 103 ? 1_555 CO ? X CO . ? B CO 111 ? 1_555 O   ? Z HOH . ? B HOH 254 ? 1_555 165.1 ? 
85 O   ? Z HOH . ? B HOH 204 ? 1_555 CO ? X CO . ? B CO 111 ? 1_555 O   ? Z HOH . ? B HOH 254 ? 1_555 88.7  ? 
86 O   ? Z HOH . ? B HOH 227 ? 1_555 CO ? X CO . ? B CO 111 ? 1_555 O   ? Z HOH . ? B HOH 254 ? 1_555 81.2  ? 
87 O   ? Z HOH . ? B HOH 249 ? 1_555 CO ? X CO . ? B CO 111 ? 1_555 O   ? Z HOH . ? B HOH 254 ? 1_555 84.3  ? 
88 O   ? Z HOH . ? B HOH 207 ? 1_555 MG ? W MG . ? B MG 110 ? 1_555 O   ? Z HOH . ? B HOH 210 ? 1_555 77.0  ? 
89 O   ? Z HOH . ? B HOH 207 ? 1_555 MG ? W MG . ? B MG 110 ? 1_555 O   ? Z HOH . ? B HOH 222 ? 1_555 100.4 ? 
90 O   ? Z HOH . ? B HOH 210 ? 1_555 MG ? W MG . ? B MG 110 ? 1_555 O   ? Z HOH . ? B HOH 222 ? 1_555 86.3  ? 
91 O   ? Z HOH . ? B HOH 207 ? 1_555 MG ? W MG . ? B MG 110 ? 1_555 O   ? Z HOH . ? B HOH 263 ? 1_555 90.9  ? 
92 O   ? Z HOH . ? B HOH 210 ? 1_555 MG ? W MG . ? B MG 110 ? 1_555 O   ? Z HOH . ? B HOH 263 ? 1_555 75.5  ? 
93 O   ? Z HOH . ? B HOH 222 ? 1_555 MG ? W MG . ? B MG 110 ? 1_555 O   ? Z HOH . ? B HOH 263 ? 1_555 155.9 ? 
# 
loop_
_pdbx_audit_revision_history.ordinal 
_pdbx_audit_revision_history.data_content_type 
_pdbx_audit_revision_history.major_revision 
_pdbx_audit_revision_history.minor_revision 
_pdbx_audit_revision_history.revision_date 
1 'Structure model' 1 0 2021-09-08 
2 'Structure model' 1 1 2022-03-23 
3 'Structure model' 1 2 2023-10-18 
# 
_pdbx_audit_revision_details.ordinal             1 
_pdbx_audit_revision_details.revision_ordinal    1 
_pdbx_audit_revision_details.data_content_type   'Structure model' 
_pdbx_audit_revision_details.provider            repository 
_pdbx_audit_revision_details.type                'Initial release' 
_pdbx_audit_revision_details.description         ? 
_pdbx_audit_revision_details.details             ? 
# 
loop_
_pdbx_audit_revision_group.ordinal 
_pdbx_audit_revision_group.revision_ordinal 
_pdbx_audit_revision_group.data_content_type 
_pdbx_audit_revision_group.group 
1 2 'Structure model' 'Database references'    
2 3 'Structure model' 'Data collection'        
3 3 'Structure model' 'Refinement description' 
# 
loop_
_pdbx_audit_revision_category.ordinal 
_pdbx_audit_revision_category.revision_ordinal 
_pdbx_audit_revision_category.data_content_type 
_pdbx_audit_revision_category.category 
1 2 'Structure model' citation                      
2 2 'Structure model' citation_author               
3 3 'Structure model' chem_comp_atom                
4 3 'Structure model' chem_comp_bond                
5 3 'Structure model' pdbx_initial_refinement_model 
# 
loop_
_pdbx_audit_revision_item.ordinal 
_pdbx_audit_revision_item.revision_ordinal 
_pdbx_audit_revision_item.data_content_type 
_pdbx_audit_revision_item.item 
1  2 'Structure model' '_citation.country'                 
2  2 'Structure model' '_citation.journal_abbrev'          
3  2 'Structure model' '_citation.journal_id_ASTM'         
4  2 'Structure model' '_citation.journal_id_CSD'          
5  2 'Structure model' '_citation.journal_id_ISSN'         
6  2 'Structure model' '_citation.journal_volume'          
7  2 'Structure model' '_citation.page_first'              
8  2 'Structure model' '_citation.page_last'               
9  2 'Structure model' '_citation.pdbx_database_id_DOI'    
10 2 'Structure model' '_citation.pdbx_database_id_PubMed' 
11 2 'Structure model' '_citation.title'                   
12 2 'Structure model' '_citation.year'                    
# 
loop_
_software.citation_id 
_software.classification 
_software.compiler_name 
_software.compiler_version 
_software.contact_author 
_software.contact_author_email 
_software.date 
_software.description 
_software.dependencies 
_software.hardware 
_software.language 
_software.location 
_software.mods 
_software.name 
_software.os 
_software.os_version 
_software.type 
_software.version 
_software.pdbx_ordinal 
? refinement       ? ? ? ? ? ? ? ? ? ? ? REFMAC   ? ? ? 5.8.0267 1 
? 'data reduction' ? ? ? ? ? ? ? ? ? ? ? HKL-2000 ? ? ? .        2 
? 'data scaling'   ? ? ? ? ? ? ? ? ? ? ? HKL-2000 ? ? ? .        3 
? phasing          ? ? ? ? ? ? ? ? ? ? ? PHASER   ? ? ? .        4 
# 
_pdbx_entry_details.entry_id                 7LNF 
_pdbx_entry_details.has_ligand_of_interest   Y 
_pdbx_entry_details.compound_details         ? 
_pdbx_entry_details.source_details           ? 
_pdbx_entry_details.nonpolymer_details       ? 
_pdbx_entry_details.sequence_details         ? 
# 
loop_
_pdbx_validate_close_contact.id 
_pdbx_validate_close_contact.PDB_model_num 
_pdbx_validate_close_contact.auth_atom_id_1 
_pdbx_validate_close_contact.auth_asym_id_1 
_pdbx_validate_close_contact.auth_comp_id_1 
_pdbx_validate_close_contact.auth_seq_id_1 
_pdbx_validate_close_contact.PDB_ins_code_1 
_pdbx_validate_close_contact.label_alt_id_1 
_pdbx_validate_close_contact.auth_atom_id_2 
_pdbx_validate_close_contact.auth_asym_id_2 
_pdbx_validate_close_contact.auth_comp_id_2 
_pdbx_validate_close_contact.auth_seq_id_2 
_pdbx_validate_close_contact.PDB_ins_code_2 
_pdbx_validate_close_contact.label_alt_id_2 
_pdbx_validate_close_contact.dist 
1 1 O     A HOH 210 ? ? O   A HOH 258 ? ? 1.99 
2 1 O     A HOH 210 ? ? O   A HOH 229 ? ? 2.10 
3 1 O     A HOH 256 ? ? O   B HOH 244 ? ? 2.15 
4 1 O     A HOH 251 ? ? O   A HOH 256 ? ? 2.17 
5 1 "O3'" A LKC 104 ? ? O1P A LCC 105 ? ? 2.18 
# 
loop_
_pdbx_unobs_or_zero_occ_residues.id 
_pdbx_unobs_or_zero_occ_residues.PDB_model_num 
_pdbx_unobs_or_zero_occ_residues.polymer_flag 
_pdbx_unobs_or_zero_occ_residues.occupancy_flag 
_pdbx_unobs_or_zero_occ_residues.auth_asym_id 
_pdbx_unobs_or_zero_occ_residues.auth_comp_id 
_pdbx_unobs_or_zero_occ_residues.auth_seq_id 
_pdbx_unobs_or_zero_occ_residues.PDB_ins_code 
_pdbx_unobs_or_zero_occ_residues.label_asym_id 
_pdbx_unobs_or_zero_occ_residues.label_comp_id 
_pdbx_unobs_or_zero_occ_residues.label_seq_id 
1  1 Y 1 A C 1  ? A C 1  
2  1 Y 1 A C 2  ? A C 2  
3  1 Y 1 A C 3  ? A C 3  
4  1 Y 1 A G 4  ? A G 4  
5  1 Y 1 A G 14 ? A G 14 
6  1 Y 1 B C 1  ? B C 1  
7  1 Y 1 B C 2  ? B C 2  
8  1 Y 1 B C 3  ? B C 3  
9  1 Y 1 B G 4  ? B G 4  
10 1 Y 1 B G 14 ? B G 14 
# 
loop_
_chem_comp_atom.comp_id 
_chem_comp_atom.atom_id 
_chem_comp_atom.type_symbol 
_chem_comp_atom.pdbx_aromatic_flag 
_chem_comp_atom.pdbx_stereo_config 
_chem_comp_atom.pdbx_ordinal 
A   OP3    O  N N 1   
A   P      P  N N 2   
A   OP1    O  N N 3   
A   OP2    O  N N 4   
A   "O5'"  O  N N 5   
A   "C5'"  C  N N 6   
A   "C4'"  C  N R 7   
A   "O4'"  O  N N 8   
A   "C3'"  C  N S 9   
A   "O3'"  O  N N 10  
A   "C2'"  C  N R 11  
A   "O2'"  O  N N 12  
A   "C1'"  C  N R 13  
A   N9     N  Y N 14  
A   C8     C  Y N 15  
A   N7     N  Y N 16  
A   C5     C  Y N 17  
A   C6     C  Y N 18  
A   N6     N  N N 19  
A   N1     N  Y N 20  
A   C2     C  Y N 21  
A   N3     N  Y N 22  
A   C4     C  Y N 23  
A   HOP3   H  N N 24  
A   HOP2   H  N N 25  
A   "H5'"  H  N N 26  
A   "H5''" H  N N 27  
A   "H4'"  H  N N 28  
A   "H3'"  H  N N 29  
A   "HO3'" H  N N 30  
A   "H2'"  H  N N 31  
A   "HO2'" H  N N 32  
A   "H1'"  H  N N 33  
A   H8     H  N N 34  
A   H61    H  N N 35  
A   H62    H  N N 36  
A   H2     H  N N 37  
C   OP3    O  N N 38  
C   P      P  N N 39  
C   OP1    O  N N 40  
C   OP2    O  N N 41  
C   "O5'"  O  N N 42  
C   "C5'"  C  N N 43  
C   "C4'"  C  N R 44  
C   "O4'"  O  N N 45  
C   "C3'"  C  N S 46  
C   "O3'"  O  N N 47  
C   "C2'"  C  N R 48  
C   "O2'"  O  N N 49  
C   "C1'"  C  N R 50  
C   N1     N  N N 51  
C   C2     C  N N 52  
C   O2     O  N N 53  
C   N3     N  N N 54  
C   C4     C  N N 55  
C   N4     N  N N 56  
C   C5     C  N N 57  
C   C6     C  N N 58  
C   HOP3   H  N N 59  
C   HOP2   H  N N 60  
C   "H5'"  H  N N 61  
C   "H5''" H  N N 62  
C   "H4'"  H  N N 63  
C   "H3'"  H  N N 64  
C   "HO3'" H  N N 65  
C   "H2'"  H  N N 66  
C   "HO2'" H  N N 67  
C   "H1'"  H  N N 68  
C   H41    H  N N 69  
C   H42    H  N N 70  
C   H5     H  N N 71  
C   H6     H  N N 72  
CO  CO     CO N N 73  
G   OP3    O  N N 74  
G   P      P  N N 75  
G   OP1    O  N N 76  
G   OP2    O  N N 77  
G   "O5'"  O  N N 78  
G   "C5'"  C  N N 79  
G   "C4'"  C  N R 80  
G   "O4'"  O  N N 81  
G   "C3'"  C  N S 82  
G   "O3'"  O  N N 83  
G   "C2'"  C  N R 84  
G   "O2'"  O  N N 85  
G   "C1'"  C  N R 86  
G   N9     N  Y N 87  
G   C8     C  Y N 88  
G   N7     N  Y N 89  
G   C5     C  Y N 90  
G   C6     C  N N 91  
G   O6     O  N N 92  
G   N1     N  N N 93  
G   C2     C  N N 94  
G   N2     N  N N 95  
G   N3     N  N N 96  
G   C4     C  Y N 97  
G   HOP3   H  N N 98  
G   HOP2   H  N N 99  
G   "H5'"  H  N N 100 
G   "H5''" H  N N 101 
G   "H4'"  H  N N 102 
G   "H3'"  H  N N 103 
G   "HO3'" H  N N 104 
G   "H2'"  H  N N 105 
G   "HO2'" H  N N 106 
G   "H1'"  H  N N 107 
G   H8     H  N N 108 
G   H1     H  N N 109 
G   H21    H  N N 110 
G   H22    H  N N 111 
GDO C4     C  Y N 112 
GDO C5     C  Y N 113 
GDO C6     C  N N 114 
GDO N1     N  N N 115 
GDO C8     C  Y N 116 
GDO N2     N  N N 117 
GDO O6     O  N N 118 
GDO N3     N  N N 119 
GDO P      P  N N 120 
GDO OP1    O  N N 121 
GDO OP2    O  N N 122 
GDO "O5'"  O  N N 123 
GDO "C5'"  C  N N 124 
GDO "C4'"  C  N S 125 
GDO "O4'"  O  N N 126 
GDO "C3'"  C  N N 127 
GDO "C2'"  C  N R 128 
GDO "O2'"  O  N N 129 
GDO "C1'"  C  N R 130 
GDO N9     N  Y N 131 
GDO N7     N  Y N 132 
GDO C2     C  N N 133 
GDO OP3    O  N N 134 
GDO H1     H  N N 135 
GDO H2     H  N N 136 
GDO H3     H  N N 137 
GDO H4     H  N N 138 
GDO H5     H  N N 139 
GDO H6     H  N N 140 
GDO H7     H  N N 141 
GDO H8     H  N N 142 
GDO H9     H  N N 143 
GDO H10    H  N N 144 
GDO H11    H  N N 145 
GDO H12    H  N N 146 
GDO H13    H  N N 147 
GDO H14    H  N N 148 
GP3 N9A    N  Y N 149 
GP3 C8A    C  Y N 150 
GP3 N7A    N  Y N 151 
GP3 C5A    C  Y N 152 
GP3 C6A    C  N N 153 
GP3 O6A    O  N N 154 
GP3 N1A    N  N N 155 
GP3 C2A    C  N N 156 
GP3 N2A    N  N N 157 
GP3 N3A    N  N N 158 
GP3 C4A    C  Y N 159 
GP3 O5D    O  N N 160 
GP3 C5D    C  N N 161 
GP3 C4D    C  N R 162 
GP3 O4D    O  N N 163 
GP3 C3D    C  N S 164 
GP3 O3D    O  N N 165 
GP3 C2D    C  N R 166 
GP3 O2D    O  N N 167 
GP3 C1D    C  N R 168 
GP3 PA     P  N R 169 
GP3 O1A    O  N N 170 
GP3 O2A    O  N N 171 
GP3 O3A    O  N N 172 
GP3 PB     P  N N 173 
GP3 O1B    O  N N 174 
GP3 O2B    O  N N 175 
GP3 O3B    O  N N 176 
GP3 PG     P  N R 177 
GP3 O1G    O  N N 178 
GP3 O2G    O  N N 179 
GP3 O5E    O  N N 180 
GP3 C5E    C  N N 181 
GP3 C4E    C  N R 182 
GP3 O4E    O  N N 183 
GP3 C3E    C  N S 184 
GP3 O3E    O  N N 185 
GP3 C2E    C  N R 186 
GP3 O2E    O  N N 187 
GP3 C1E    C  N R 188 
GP3 N9B    N  Y N 189 
GP3 C8B    C  Y N 190 
GP3 N7B    N  Y N 191 
GP3 C5B    C  Y N 192 
GP3 C6B    C  N N 193 
GP3 O6B    O  N N 194 
GP3 N1B    N  N N 195 
GP3 C2B    C  N N 196 
GP3 N2B    N  N N 197 
GP3 N3B    N  N N 198 
GP3 C4B    C  Y N 199 
GP3 H8A    H  N N 200 
GP3 H1A    H  N N 201 
GP3 H21A   H  N N 202 
GP3 H22A   H  N N 203 
GP3 H51A   H  N N 204 
GP3 H52A   H  N N 205 
GP3 H4D    H  N N 206 
GP3 H3D    H  N N 207 
GP3 HO3A   H  N N 208 
GP3 H2D    H  N N 209 
GP3 HO2A   H  N N 210 
GP3 H1D    H  N N 211 
GP3 HOA2   H  N N 212 
GP3 HOB2   H  N N 213 
GP3 HOG2   H  N N 214 
GP3 H51B   H  N N 215 
GP3 H52B   H  N N 216 
GP3 H4E    H  N N 217 
GP3 H3E    H  N N 218 
GP3 HO3B   H  N N 219 
GP3 H2E    H  N N 220 
GP3 HO2B   H  N N 221 
GP3 H1E    H  N N 222 
GP3 H8B    H  N N 223 
GP3 H1B    H  N N 224 
GP3 H21B   H  N N 225 
GP3 H22B   H  N N 226 
HOH O      O  N N 227 
HOH H1     H  N N 228 
HOH H2     H  N N 229 
LCC "O5'"  O  N N 230 
LCC "C5'"  C  N N 231 
LCC "C4'"  C  N R 232 
LCC "O4'"  O  N N 233 
LCC "C1'"  C  N R 234 
LCC N1     N  N N 235 
LCC C6     C  N N 236 
LCC C5     C  N N 237 
LCC C5M    C  N N 238 
LCC C4     C  N N 239 
LCC N4     N  N N 240 
LCC N3     N  N N 241 
LCC C2     C  N N 242 
LCC O2     O  N N 243 
LCC "C3'"  C  N S 244 
LCC "C2'"  C  N R 245 
LCC "O2'"  O  N N 246 
LCC "O3'"  O  N N 247 
LCC "C6'"  C  N N 248 
LCC P      P  N N 249 
LCC O1P    O  N N 250 
LCC O2P    O  N N 251 
LCC OXT    O  N N 252 
LCC "H5'1" H  N N 253 
LCC "H5'2" H  N N 254 
LCC "H1'"  H  N N 255 
LCC H6     H  N N 256 
LCC H5M1   H  N N 257 
LCC H5M2   H  N N 258 
LCC H5M3   H  N N 259 
LCC H41    H  N N 260 
LCC H42    H  N N 261 
LCC "H3'"  H  N N 262 
LCC "H2'1" H  N N 263 
LCC H3T    H  N N 264 
LCC "H6'1" H  N N 265 
LCC "H6'2" H  N N 266 
LCC H1P    H  N N 267 
LCC HXT    H  N N 268 
LCG P      P  N N 269 
LCG OP1    O  N N 270 
LCG "O5'"  O  N N 271 
LCG "C5'"  C  N N 272 
LCG "C3'"  C  N S 273 
LCG "C6'"  C  N N 274 
LCG N9     N  Y N 275 
LCG C8     C  Y N 276 
LCG C4     C  Y N 277 
LCG N7     N  Y N 278 
LCG C5     C  Y N 279 
LCG C6     C  N N 280 
LCG "C2'"  C  N R 281 
LCG O6     O  N N 282 
LCG "C4'"  C  N R 283 
LCG "C1'"  C  N R 284 
LCG C2     C  N N 285 
LCG N1     N  N N 286 
LCG "O4'"  O  N N 287 
LCG OP2    O  N N 288 
LCG N2     N  N N 289 
LCG N3     N  N N 290 
LCG "O2'"  O  N N 291 
LCG "O3'"  O  N N 292 
LCG OP3    O  N N 293 
LCG "H5'"  H  N N 294 
LCG "H5''" H  N N 295 
LCG "H3'"  H  N N 296 
LCG "H6'1" H  N N 297 
LCG "H6'2" H  N N 298 
LCG H8     H  N N 299 
LCG "H2'"  H  N N 300 
LCG "H1'"  H  N N 301 
LCG H1     H  N N 302 
LCG HOP2   H  N N 303 
LCG H21    H  N N 304 
LCG H22    H  N N 305 
LCG "HO3'" H  N N 306 
LCG HOP3   H  N N 307 
LKC N1     N  N N 308 
LKC C2     C  N N 309 
LKC N3     N  N N 310 
LKC C4     C  N N 311 
LKC C5     C  N N 312 
LKC C6     C  N N 313 
LKC O2     O  N N 314 
LKC N4     N  N N 315 
LKC "C1'"  C  N R 316 
LKC "C2'"  C  N R 317 
LKC "C3'"  C  N S 318 
LKC "C4'"  C  N S 319 
LKC "O4'"  O  N N 320 
LKC "O3'"  O  N N 321 
LKC "C5'"  C  N N 322 
LKC "O5'"  O  N N 323 
LKC C5A    C  N N 324 
LKC "O2'"  O  N N 325 
LKC "C6'"  C  N N 326 
LKC H6     H  N N 327 
LKC H41    H  N N 328 
LKC H42    H  N N 329 
LKC "H1'"  H  N N 330 
LKC "H2'1" H  N N 331 
LKC "H3'"  H  N N 332 
LKC H3T    H  N N 333 
LKC "H5'1" H  N N 334 
LKC "H5'2" H  N N 335 
LKC H5T    H  N N 336 
LKC H5M1   H  N N 337 
LKC H5M2   H  N N 338 
LKC H5M3   H  N N 339 
LKC "H6'1" H  N N 340 
LKC "H6'2" H  N N 341 
MG  MG     MG N N 342 
U   OP3    O  N N 343 
U   P      P  N N 344 
U   OP1    O  N N 345 
U   OP2    O  N N 346 
U   "O5'"  O  N N 347 
U   "C5'"  C  N N 348 
U   "C4'"  C  N R 349 
U   "O4'"  O  N N 350 
U   "C3'"  C  N S 351 
U   "O3'"  O  N N 352 
U   "C2'"  C  N R 353 
U   "O2'"  O  N N 354 
U   "C1'"  C  N R 355 
U   N1     N  N N 356 
U   C2     C  N N 357 
U   O2     O  N N 358 
U   N3     N  N N 359 
U   C4     C  N N 360 
U   O4     O  N N 361 
U   C5     C  N N 362 
U   C6     C  N N 363 
U   HOP3   H  N N 364 
U   HOP2   H  N N 365 
U   "H5'"  H  N N 366 
U   "H5''" H  N N 367 
U   "H4'"  H  N N 368 
U   "H3'"  H  N N 369 
U   "HO3'" H  N N 370 
U   "H2'"  H  N N 371 
U   "HO2'" H  N N 372 
U   "H1'"  H  N N 373 
U   H3     H  N N 374 
U   H5     H  N N 375 
U   H6     H  N N 376 
# 
loop_
_chem_comp_bond.comp_id 
_chem_comp_bond.atom_id_1 
_chem_comp_bond.atom_id_2 
_chem_comp_bond.value_order 
_chem_comp_bond.pdbx_aromatic_flag 
_chem_comp_bond.pdbx_stereo_config 
_chem_comp_bond.pdbx_ordinal 
A   OP3   P      sing N N 1   
A   OP3   HOP3   sing N N 2   
A   P     OP1    doub N N 3   
A   P     OP2    sing N N 4   
A   P     "O5'"  sing N N 5   
A   OP2   HOP2   sing N N 6   
A   "O5'" "C5'"  sing N N 7   
A   "C5'" "C4'"  sing N N 8   
A   "C5'" "H5'"  sing N N 9   
A   "C5'" "H5''" sing N N 10  
A   "C4'" "O4'"  sing N N 11  
A   "C4'" "C3'"  sing N N 12  
A   "C4'" "H4'"  sing N N 13  
A   "O4'" "C1'"  sing N N 14  
A   "C3'" "O3'"  sing N N 15  
A   "C3'" "C2'"  sing N N 16  
A   "C3'" "H3'"  sing N N 17  
A   "O3'" "HO3'" sing N N 18  
A   "C2'" "O2'"  sing N N 19  
A   "C2'" "C1'"  sing N N 20  
A   "C2'" "H2'"  sing N N 21  
A   "O2'" "HO2'" sing N N 22  
A   "C1'" N9     sing N N 23  
A   "C1'" "H1'"  sing N N 24  
A   N9    C8     sing Y N 25  
A   N9    C4     sing Y N 26  
A   C8    N7     doub Y N 27  
A   C8    H8     sing N N 28  
A   N7    C5     sing Y N 29  
A   C5    C6     sing Y N 30  
A   C5    C4     doub Y N 31  
A   C6    N6     sing N N 32  
A   C6    N1     doub Y N 33  
A   N6    H61    sing N N 34  
A   N6    H62    sing N N 35  
A   N1    C2     sing Y N 36  
A   C2    N3     doub Y N 37  
A   C2    H2     sing N N 38  
A   N3    C4     sing Y N 39  
C   OP3   P      sing N N 40  
C   OP3   HOP3   sing N N 41  
C   P     OP1    doub N N 42  
C   P     OP2    sing N N 43  
C   P     "O5'"  sing N N 44  
C   OP2   HOP2   sing N N 45  
C   "O5'" "C5'"  sing N N 46  
C   "C5'" "C4'"  sing N N 47  
C   "C5'" "H5'"  sing N N 48  
C   "C5'" "H5''" sing N N 49  
C   "C4'" "O4'"  sing N N 50  
C   "C4'" "C3'"  sing N N 51  
C   "C4'" "H4'"  sing N N 52  
C   "O4'" "C1'"  sing N N 53  
C   "C3'" "O3'"  sing N N 54  
C   "C3'" "C2'"  sing N N 55  
C   "C3'" "H3'"  sing N N 56  
C   "O3'" "HO3'" sing N N 57  
C   "C2'" "O2'"  sing N N 58  
C   "C2'" "C1'"  sing N N 59  
C   "C2'" "H2'"  sing N N 60  
C   "O2'" "HO2'" sing N N 61  
C   "C1'" N1     sing N N 62  
C   "C1'" "H1'"  sing N N 63  
C   N1    C2     sing N N 64  
C   N1    C6     sing N N 65  
C   C2    O2     doub N N 66  
C   C2    N3     sing N N 67  
C   N3    C4     doub N N 68  
C   C4    N4     sing N N 69  
C   C4    C5     sing N N 70  
C   N4    H41    sing N N 71  
C   N4    H42    sing N N 72  
C   C5    C6     doub N N 73  
C   C5    H5     sing N N 74  
C   C6    H6     sing N N 75  
G   OP3   P      sing N N 76  
G   OP3   HOP3   sing N N 77  
G   P     OP1    doub N N 78  
G   P     OP2    sing N N 79  
G   P     "O5'"  sing N N 80  
G   OP2   HOP2   sing N N 81  
G   "O5'" "C5'"  sing N N 82  
G   "C5'" "C4'"  sing N N 83  
G   "C5'" "H5'"  sing N N 84  
G   "C5'" "H5''" sing N N 85  
G   "C4'" "O4'"  sing N N 86  
G   "C4'" "C3'"  sing N N 87  
G   "C4'" "H4'"  sing N N 88  
G   "O4'" "C1'"  sing N N 89  
G   "C3'" "O3'"  sing N N 90  
G   "C3'" "C2'"  sing N N 91  
G   "C3'" "H3'"  sing N N 92  
G   "O3'" "HO3'" sing N N 93  
G   "C2'" "O2'"  sing N N 94  
G   "C2'" "C1'"  sing N N 95  
G   "C2'" "H2'"  sing N N 96  
G   "O2'" "HO2'" sing N N 97  
G   "C1'" N9     sing N N 98  
G   "C1'" "H1'"  sing N N 99  
G   N9    C8     sing Y N 100 
G   N9    C4     sing Y N 101 
G   C8    N7     doub Y N 102 
G   C8    H8     sing N N 103 
G   N7    C5     sing Y N 104 
G   C5    C6     sing N N 105 
G   C5    C4     doub Y N 106 
G   C6    O6     doub N N 107 
G   C6    N1     sing N N 108 
G   N1    C2     sing N N 109 
G   N1    H1     sing N N 110 
G   C2    N2     sing N N 111 
G   C2    N3     doub N N 112 
G   N2    H21    sing N N 113 
G   N2    H22    sing N N 114 
G   N3    C4     sing N N 115 
GDO OP1   P      doub N N 116 
GDO "C5'" "C4'"  sing N N 117 
GDO "C5'" "O5'"  sing N N 118 
GDO "O2'" "C2'"  sing N N 119 
GDO "C3'" "C4'"  sing N N 120 
GDO "C3'" "C2'"  sing N N 121 
GDO "C4'" "O4'"  sing N N 122 
GDO "O5'" P      sing N N 123 
GDO "C2'" "C1'"  sing N N 124 
GDO P     OP2    sing N N 125 
GDO "O4'" "C1'"  sing N N 126 
GDO "C1'" N9     sing N N 127 
GDO N9    C8     sing Y N 128 
GDO N9    C4     sing Y N 129 
GDO C8    N7     doub Y N 130 
GDO N3    C4     sing N N 131 
GDO N3    C2     doub N N 132 
GDO C4    C5     doub Y N 133 
GDO N7    C5     sing Y N 134 
GDO C5    C6     sing N N 135 
GDO C2    N2     sing N N 136 
GDO C2    N1     sing N N 137 
GDO N1    C6     sing N N 138 
GDO C6    O6     doub N N 139 
GDO P     OP3    sing N N 140 
GDO N1    H1     sing N N 141 
GDO C8    H2     sing N N 142 
GDO N2    H3     sing N N 143 
GDO N2    H4     sing N N 144 
GDO OP2   H5     sing N N 145 
GDO "C5'" H6     sing N N 146 
GDO "C5'" H7     sing N N 147 
GDO "C4'" H8     sing N N 148 
GDO "C3'" H9     sing N N 149 
GDO "C3'" H10    sing N N 150 
GDO "C2'" H11    sing N N 151 
GDO "O2'" H12    sing N N 152 
GDO "C1'" H13    sing N N 153 
GDO OP3   H14    sing N N 154 
GP3 N9A   C8A    sing Y N 155 
GP3 N9A   C4A    sing Y N 156 
GP3 N9A   C1D    sing N N 157 
GP3 C8A   N7A    doub Y N 158 
GP3 C8A   H8A    sing N N 159 
GP3 N7A   C5A    sing Y N 160 
GP3 C5A   C6A    sing N N 161 
GP3 C5A   C4A    doub Y N 162 
GP3 C6A   O6A    doub N N 163 
GP3 C6A   N1A    sing N N 164 
GP3 N1A   C2A    sing N N 165 
GP3 N1A   H1A    sing N N 166 
GP3 C2A   N2A    sing N N 167 
GP3 C2A   N3A    doub N N 168 
GP3 N2A   H21A   sing N N 169 
GP3 N2A   H22A   sing N N 170 
GP3 N3A   C4A    sing N N 171 
GP3 O5D   C5D    sing N N 172 
GP3 O5D   PA     sing N N 173 
GP3 C5D   C4D    sing N N 174 
GP3 C5D   H51A   sing N N 175 
GP3 C5D   H52A   sing N N 176 
GP3 C4D   O4D    sing N N 177 
GP3 C4D   C3D    sing N N 178 
GP3 C4D   H4D    sing N N 179 
GP3 O4D   C1D    sing N N 180 
GP3 C3D   O3D    sing N N 181 
GP3 C3D   C2D    sing N N 182 
GP3 C3D   H3D    sing N N 183 
GP3 O3D   HO3A   sing N N 184 
GP3 C2D   O2D    sing N N 185 
GP3 C2D   C1D    sing N N 186 
GP3 C2D   H2D    sing N N 187 
GP3 O2D   HO2A   sing N N 188 
GP3 C1D   H1D    sing N N 189 
GP3 PA    O1A    doub N N 190 
GP3 PA    O2A    sing N N 191 
GP3 PA    O3A    sing N N 192 
GP3 O2A   HOA2   sing N N 193 
GP3 O3A   PB     sing N N 194 
GP3 PB    O1B    doub N N 195 
GP3 PB    O2B    sing N N 196 
GP3 PB    O3B    sing N N 197 
GP3 O2B   HOB2   sing N N 198 
GP3 O3B   PG     sing N N 199 
GP3 PG    O1G    doub N N 200 
GP3 PG    O2G    sing N N 201 
GP3 PG    O5E    sing N N 202 
GP3 O2G   HOG2   sing N N 203 
GP3 O5E   C5E    sing N N 204 
GP3 C5E   C4E    sing N N 205 
GP3 C5E   H51B   sing N N 206 
GP3 C5E   H52B   sing N N 207 
GP3 C4E   O4E    sing N N 208 
GP3 C4E   C3E    sing N N 209 
GP3 C4E   H4E    sing N N 210 
GP3 O4E   C1E    sing N N 211 
GP3 C3E   O3E    sing N N 212 
GP3 C3E   C2E    sing N N 213 
GP3 C3E   H3E    sing N N 214 
GP3 O3E   HO3B   sing N N 215 
GP3 C2E   O2E    sing N N 216 
GP3 C2E   C1E    sing N N 217 
GP3 C2E   H2E    sing N N 218 
GP3 O2E   HO2B   sing N N 219 
GP3 C1E   N9B    sing N N 220 
GP3 C1E   H1E    sing N N 221 
GP3 N9B   C8B    sing Y N 222 
GP3 N9B   C4B    sing Y N 223 
GP3 C8B   N7B    doub Y N 224 
GP3 C8B   H8B    sing N N 225 
GP3 N7B   C5B    sing Y N 226 
GP3 C5B   C6B    sing N N 227 
GP3 C5B   C4B    doub Y N 228 
GP3 C6B   O6B    doub N N 229 
GP3 C6B   N1B    sing N N 230 
GP3 N1B   C2B    sing N N 231 
GP3 N1B   H1B    sing N N 232 
GP3 C2B   N2B    sing N N 233 
GP3 C2B   N3B    doub N N 234 
GP3 N2B   H21B   sing N N 235 
GP3 N2B   H22B   sing N N 236 
GP3 N3B   C4B    sing N N 237 
HOH O     H1     sing N N 238 
HOH O     H2     sing N N 239 
LCC "O5'" "C5'"  sing N N 240 
LCC "O5'" P      sing N N 241 
LCC "C5'" "C4'"  sing N N 242 
LCC "C5'" "H5'1" sing N N 243 
LCC "C5'" "H5'2" sing N N 244 
LCC "C4'" "O4'"  sing N N 245 
LCC "C4'" "C3'"  sing N N 246 
LCC "C4'" "C6'"  sing N N 247 
LCC "O4'" "C1'"  sing N N 248 
LCC "C1'" N1     sing N N 249 
LCC "C1'" "C2'"  sing N N 250 
LCC "C1'" "H1'"  sing N N 251 
LCC N1    C6     sing N N 252 
LCC N1    C2     sing N N 253 
LCC C6    C5     doub N N 254 
LCC C6    H6     sing N N 255 
LCC C5    C5M    sing N N 256 
LCC C5    C4     sing N N 257 
LCC C5M   H5M1   sing N N 258 
LCC C5M   H5M2   sing N N 259 
LCC C5M   H5M3   sing N N 260 
LCC C4    N4     sing N N 261 
LCC C4    N3     doub N N 262 
LCC N4    H41    sing N N 263 
LCC N4    H42    sing N N 264 
LCC N3    C2     sing N N 265 
LCC C2    O2     doub N N 266 
LCC "C3'" "C2'"  sing N N 267 
LCC "C3'" "O3'"  sing N N 268 
LCC "C3'" "H3'"  sing N N 269 
LCC "C2'" "O2'"  sing N N 270 
LCC "C2'" "H2'1" sing N N 271 
LCC "O2'" "C6'"  sing N N 272 
LCC "O3'" H3T    sing N N 273 
LCC "C6'" "H6'1" sing N N 274 
LCC "C6'" "H6'2" sing N N 275 
LCC P     O1P    sing N N 276 
LCC P     O2P    doub N N 277 
LCC P     OXT    sing N N 278 
LCC O1P   H1P    sing N N 279 
LCC OXT   HXT    sing N N 280 
LCG P     OP1    doub N N 281 
LCG P     "O5'"  sing N N 282 
LCG P     OP2    sing N N 283 
LCG P     OP3    sing N N 284 
LCG "O5'" "C5'"  sing N N 285 
LCG "C5'" "C4'"  sing N N 286 
LCG "C5'" "H5'"  sing N N 287 
LCG "C5'" "H5''" sing N N 288 
LCG "C3'" "C2'"  sing N N 289 
LCG "C3'" "C4'"  sing N N 290 
LCG "C3'" "O3'"  sing N N 291 
LCG "C3'" "H3'"  sing N N 292 
LCG "C6'" "C4'"  sing N N 293 
LCG "C6'" "O2'"  sing N N 294 
LCG "C6'" "H6'1" sing N N 295 
LCG "C6'" "H6'2" sing N N 296 
LCG N9    C8     sing Y N 297 
LCG N9    C4     sing Y N 298 
LCG N9    "C1'"  sing N N 299 
LCG C8    N7     doub Y N 300 
LCG C8    H8     sing N N 301 
LCG C4    C5     doub Y N 302 
LCG C4    N3     sing N N 303 
LCG N7    C5     sing Y N 304 
LCG C5    C6     sing N N 305 
LCG C6    O6     doub N N 306 
LCG C6    N1     sing N N 307 
LCG "C2'" "C1'"  sing N N 308 
LCG "C2'" "O2'"  sing N N 309 
LCG "C2'" "H2'"  sing N N 310 
LCG "C4'" "O4'"  sing N N 311 
LCG "C1'" "O4'"  sing N N 312 
LCG "C1'" "H1'"  sing N N 313 
LCG C2    N1     sing N N 314 
LCG C2    N2     sing N N 315 
LCG C2    N3     doub N N 316 
LCG N1    H1     sing N N 317 
LCG OP2   HOP2   sing N N 318 
LCG N2    H21    sing N N 319 
LCG N2    H22    sing N N 320 
LCG "O3'" "HO3'" sing N N 321 
LCG OP3   HOP3   sing N N 322 
LKC N1    C2     sing N N 323 
LKC N1    C6     sing N N 324 
LKC N1    "C1'"  sing N N 325 
LKC C2    N3     sing N N 326 
LKC C2    O2     doub N N 327 
LKC N3    C4     doub N N 328 
LKC C4    C5     sing N N 329 
LKC C4    N4     sing N N 330 
LKC C5    C6     doub N N 331 
LKC C5    C5A    sing N N 332 
LKC C6    H6     sing N N 333 
LKC N4    H41    sing N N 334 
LKC N4    H42    sing N N 335 
LKC "C1'" "C2'"  sing N N 336 
LKC "C1'" "O4'"  sing N N 337 
LKC "C1'" "H1'"  sing N N 338 
LKC "C2'" "C3'"  sing N N 339 
LKC "C2'" "O2'"  sing N N 340 
LKC "C2'" "H2'1" sing N N 341 
LKC "C3'" "C4'"  sing N N 342 
LKC "C3'" "O3'"  sing N N 343 
LKC "C3'" "H3'"  sing N N 344 
LKC "C4'" "O4'"  sing N N 345 
LKC "C4'" "C5'"  sing N N 346 
LKC "C4'" "C6'"  sing N N 347 
LKC "O3'" H3T    sing N N 348 
LKC "C5'" "O5'"  sing N N 349 
LKC "C5'" "H5'1" sing N N 350 
LKC "C5'" "H5'2" sing N N 351 
LKC "O5'" H5T    sing N N 352 
LKC C5A   H5M1   sing N N 353 
LKC C5A   H5M2   sing N N 354 
LKC C5A   H5M3   sing N N 355 
LKC "O2'" "C6'"  sing N N 356 
LKC "C6'" "H6'1" sing N N 357 
LKC "C6'" "H6'2" sing N N 358 
U   OP3   P      sing N N 359 
U   OP3   HOP3   sing N N 360 
U   P     OP1    doub N N 361 
U   P     OP2    sing N N 362 
U   P     "O5'"  sing N N 363 
U   OP2   HOP2   sing N N 364 
U   "O5'" "C5'"  sing N N 365 
U   "C5'" "C4'"  sing N N 366 
U   "C5'" "H5'"  sing N N 367 
U   "C5'" "H5''" sing N N 368 
U   "C4'" "O4'"  sing N N 369 
U   "C4'" "C3'"  sing N N 370 
U   "C4'" "H4'"  sing N N 371 
U   "O4'" "C1'"  sing N N 372 
U   "C3'" "O3'"  sing N N 373 
U   "C3'" "C2'"  sing N N 374 
U   "C3'" "H3'"  sing N N 375 
U   "O3'" "HO3'" sing N N 376 
U   "C2'" "O2'"  sing N N 377 
U   "C2'" "C1'"  sing N N 378 
U   "C2'" "H2'"  sing N N 379 
U   "O2'" "HO2'" sing N N 380 
U   "C1'" N1     sing N N 381 
U   "C1'" "H1'"  sing N N 382 
U   N1    C2     sing N N 383 
U   N1    C6     sing N N 384 
U   C2    O2     doub N N 385 
U   C2    N3     sing N N 386 
U   N3    C4     sing N N 387 
U   N3    H3     sing N N 388 
U   C4    O4     doub N N 389 
U   C4    C5     sing N N 390 
U   C5    C6     doub N N 391 
U   C5    H5     sing N N 392 
U   C6    H6     sing N N 393 
# 
_ndb_struct_conf_na.entry_id   7LNF 
_ndb_struct_conf_na.feature    'a-form double helix' 
# 
loop_
_ndb_struct_na_base_pair.model_number 
_ndb_struct_na_base_pair.i_label_asym_id 
_ndb_struct_na_base_pair.i_label_comp_id 
_ndb_struct_na_base_pair.i_label_seq_id 
_ndb_struct_na_base_pair.i_symmetry 
_ndb_struct_na_base_pair.j_label_asym_id 
_ndb_struct_na_base_pair.j_label_comp_id 
_ndb_struct_na_base_pair.j_label_seq_id 
_ndb_struct_na_base_pair.j_symmetry 
_ndb_struct_na_base_pair.shear 
_ndb_struct_na_base_pair.stretch 
_ndb_struct_na_base_pair.stagger 
_ndb_struct_na_base_pair.buckle 
_ndb_struct_na_base_pair.propeller 
_ndb_struct_na_base_pair.opening 
_ndb_struct_na_base_pair.pair_number 
_ndb_struct_na_base_pair.pair_name 
_ndb_struct_na_base_pair.i_auth_asym_id 
_ndb_struct_na_base_pair.i_auth_seq_id 
_ndb_struct_na_base_pair.i_PDB_ins_code 
_ndb_struct_na_base_pair.j_auth_asym_id 
_ndb_struct_na_base_pair.j_auth_seq_id 
_ndb_struct_na_base_pair.j_PDB_ins_code 
_ndb_struct_na_base_pair.hbond_type_28 
_ndb_struct_na_base_pair.hbond_type_12 
1 A A 5  1_555 B U 12 1_555 -0.066 -0.065 0.056  5.875  -10.129 -4.507 1 A_A5:U12_B A 5  ? B 12 ? 20 1 
1 A C 6  1_555 B G 11 1_555 0.163  -0.128 -0.041 8.112  -16.801 0.856  2 A_C6:G11_B A 6  ? B 11 ? 19 1 
1 A U 7  1_555 B A 10 1_555 -0.106 -0.126 0.087  -1.392 -13.682 3.610  3 A_U7:A10_B A 7  ? B 10 ? 20 1 
1 A U 8  1_555 B A 9  1_555 -0.361 -0.035 0.017  0.061  -11.086 8.226  4 A_U8:A9_B  A 8  ? B 9  ? 20 1 
1 A A 9  1_555 B U 8  1_555 0.439  -0.076 0.055  1.570  -10.018 6.073  5 A_A9:U8_B  A 9  ? B 8  ? 20 1 
1 A A 10 1_555 B U 7  1_555 -0.005 -0.136 0.048  1.490  -13.439 4.743  6 A_A10:U7_B A 10 ? B 7  ? 20 1 
1 A G 11 1_555 B C 6  1_555 -0.212 -0.126 -0.075 -8.589 -16.850 0.852  7 A_G11:C6_B A 11 ? B 6  ? 19 1 
1 A U 12 1_555 B A 5  1_555 0.077  -0.073 0.111  -6.344 -8.779  -4.604 8 A_U12:A5_B A 12 ? B 5  ? 20 1 
# 
loop_
_ndb_struct_na_base_pair_step.model_number 
_ndb_struct_na_base_pair_step.i_label_asym_id_1 
_ndb_struct_na_base_pair_step.i_label_comp_id_1 
_ndb_struct_na_base_pair_step.i_label_seq_id_1 
_ndb_struct_na_base_pair_step.i_symmetry_1 
_ndb_struct_na_base_pair_step.j_label_asym_id_1 
_ndb_struct_na_base_pair_step.j_label_comp_id_1 
_ndb_struct_na_base_pair_step.j_label_seq_id_1 
_ndb_struct_na_base_pair_step.j_symmetry_1 
_ndb_struct_na_base_pair_step.i_label_asym_id_2 
_ndb_struct_na_base_pair_step.i_label_comp_id_2 
_ndb_struct_na_base_pair_step.i_label_seq_id_2 
_ndb_struct_na_base_pair_step.i_symmetry_2 
_ndb_struct_na_base_pair_step.j_label_asym_id_2 
_ndb_struct_na_base_pair_step.j_label_comp_id_2 
_ndb_struct_na_base_pair_step.j_label_seq_id_2 
_ndb_struct_na_base_pair_step.j_symmetry_2 
_ndb_struct_na_base_pair_step.shift 
_ndb_struct_na_base_pair_step.slide 
_ndb_struct_na_base_pair_step.rise 
_ndb_struct_na_base_pair_step.tilt 
_ndb_struct_na_base_pair_step.roll 
_ndb_struct_na_base_pair_step.twist 
_ndb_struct_na_base_pair_step.x_displacement 
_ndb_struct_na_base_pair_step.y_displacement 
_ndb_struct_na_base_pair_step.helical_rise 
_ndb_struct_na_base_pair_step.inclination 
_ndb_struct_na_base_pair_step.tip 
_ndb_struct_na_base_pair_step.helical_twist 
_ndb_struct_na_base_pair_step.step_number 
_ndb_struct_na_base_pair_step.step_name 
_ndb_struct_na_base_pair_step.i_auth_asym_id_1 
_ndb_struct_na_base_pair_step.i_auth_seq_id_1 
_ndb_struct_na_base_pair_step.i_PDB_ins_code_1 
_ndb_struct_na_base_pair_step.j_auth_asym_id_1 
_ndb_struct_na_base_pair_step.j_auth_seq_id_1 
_ndb_struct_na_base_pair_step.j_PDB_ins_code_1 
_ndb_struct_na_base_pair_step.i_auth_asym_id_2 
_ndb_struct_na_base_pair_step.i_auth_seq_id_2 
_ndb_struct_na_base_pair_step.i_PDB_ins_code_2 
_ndb_struct_na_base_pair_step.j_auth_asym_id_2 
_ndb_struct_na_base_pair_step.j_auth_seq_id_2 
_ndb_struct_na_base_pair_step.j_PDB_ins_code_2 
1 A A 5  1_555 B U 12 1_555 A C 6  1_555 B G 11 1_555 0.436  -1.564 3.205 0.842  4.859  31.764 -3.649 -0.644 2.949 8.811  -1.528 
32.135 1 AA_A5C6:G11U12_BB A 5  ? B 12 ? A 6  ? B 11 ? 
1 A C 6  1_555 B G 11 1_555 A U 7  1_555 B A 10 1_555 -0.306 -1.754 3.524 -3.287 10.566 30.266 -5.045 -0.033 2.787 19.438 6.047  
32.180 2 AA_C6U7:A10G11_BB A 6  ? B 11 ? A 7  ? B 10 ? 
1 A U 7  1_555 B A 10 1_555 A U 8  1_555 B A 9  1_555 0.107  -1.161 3.203 -0.507 9.005  29.629 -3.794 -0.291 2.738 17.116 0.964  
30.941 3 AA_U7U8:A9A10_BB  A 7  ? B 10 ? A 8  ? B 9  ? 
1 A U 8  1_555 B A 9  1_555 A A 9  1_555 B U 8  1_555 -0.056 -1.507 3.203 -0.447 16.951 36.592 -3.899 0.037  2.312 25.392 0.670  
40.208 4 AA_U8A9:U8A9_BB   A 8  ? B 9  ? A 9  ? B 8  ? 
1 A A 9  1_555 B U 8  1_555 A A 10 1_555 B U 7  1_555 -0.046 -1.181 3.254 1.462  8.226  28.522 -3.941 0.381  2.806 16.260 -2.889 
29.696 5 AA_A9A10:U7U8_BB  A 9  ? B 8  ? A 10 ? B 7  ? 
1 A A 10 1_555 B U 7  1_555 A G 11 1_555 B C 6  1_555 0.284  -1.758 3.534 3.179  11.259 30.577 -5.061 0.043  2.747 20.434 -5.769 
32.688 6 AA_A10G11:C6U7_BB A 10 ? B 7  ? A 11 ? B 6  ? 
1 A G 11 1_555 B C 6  1_555 A U 12 1_555 B A 5  1_555 -0.436 -1.569 3.213 -1.474 5.301  32.056 -3.681 0.535  2.940 9.511  2.645  
32.513 7 AA_G11U12:A5C6_BB A 11 ? B 6  ? A 12 ? B 5  ? 
# 
loop_
_pdbx_audit_support.funding_organization 
_pdbx_audit_support.country 
_pdbx_audit_support.grant_number 
_pdbx_audit_support.ordinal 
'National Science Foundation (NSF, United States)' 'United States' 1607034 1 
'Howard Hughes Medical Institute (HHMI)'           'United States' ?       2 
# 
loop_
_pdbx_entity_instance_feature.ordinal 
_pdbx_entity_instance_feature.comp_id 
_pdbx_entity_instance_feature.asym_id 
_pdbx_entity_instance_feature.seq_num 
_pdbx_entity_instance_feature.auth_comp_id 
_pdbx_entity_instance_feature.auth_asym_id 
_pdbx_entity_instance_feature.auth_seq_num 
_pdbx_entity_instance_feature.feature_type 
_pdbx_entity_instance_feature.details 
1 GDO ? ? GDO ? ? 'SUBJECT OF INVESTIGATION' ? 
2 GP3 ? ? GP3 ? ? 'SUBJECT OF INVESTIGATION' ? 
# 
loop_
_pdbx_entity_nonpoly.entity_id 
_pdbx_entity_nonpoly.name 
_pdbx_entity_nonpoly.comp_id 
2 '[(1R,3R,4R,7S)-7-HYDROXY-3-(5-METHYLCYTOSIN-1-YL)-2,5-DIOXABICYCLO[2.2.1]HEPT-1-YL]METHYL DIHYDROGEN PHOSPHATE'     LCC 
3 '[(1R,3R,4R,7S)-7-HYDROXY-3-(GUANIN-9-YL)-2,5-DIOXABICYCLO[2.2.1]HEPT-1-YL]METHYL DIHYDROGEN PHOSPHATE'              LCG 
4 
;3'-deoxy-guanosine 5'-monophosphate
;
GDO 
5 '4-AMINO-1-[(1S,3R,4R,7S)-7-HYDROXY-1-(HYDROXYMETHYL)-2,5-DIOXABICYCLO[2.2.1]HEPT-3-YL]-5-METHYLPYRIMIDIN-2(1H)-ONE' LKC 
6 "DIGUANOSINE-5'-TRIPHOSPHATE"                                                                                        GP3 
7 'MAGNESIUM ION'                                                                                                      MG  
8 'COBALT (II) ION'                                                                                                    CO  
9 water                                                                                                                HOH 
# 
_pdbx_initial_refinement_model.id               1 
_pdbx_initial_refinement_model.entity_id_list   ? 
_pdbx_initial_refinement_model.type             'experimental model' 
_pdbx_initial_refinement_model.source_name      PDB 
_pdbx_initial_refinement_model.accession_code   5UEE 
_pdbx_initial_refinement_model.details          ? 
# 
_pdbx_struct_assembly_auth_evidence.id                     1 
_pdbx_struct_assembly_auth_evidence.assembly_id            1 
_pdbx_struct_assembly_auth_evidence.experimental_support   none 
_pdbx_struct_assembly_auth_evidence.details                ? 
# 
